data_8DPL
#
_entry.id   8DPL
#
_cell.length_a   1.00
_cell.length_b   1.00
_cell.length_c   1.00
_cell.angle_alpha   90.00
_cell.angle_beta   90.00
_cell.angle_gamma   90.00
#
_symmetry.space_group_name_H-M   'P 1'
#
loop_
_entity.id
_entity.type
_entity.pdbx_description
1 polymer '2.1.1D5 heavy chain variable domain'
2 polymer '2.1.1D5 light chain variable domain'
3 polymer '6D6 single-chain variable fragment'
4 polymer 'Glycoprotein GP1'
5 polymer 'Glycoprotein GP2'
6 branched alpha-D-mannopyranose-(1-3)-alpha-D-mannopyranose-(1-6)-[alpha-D-mannopyranose-(1-3)]beta-D-mannopyranose-(1-4)-2-acetamido-2-deoxy-beta-D-glucopyranose-(1-4)-2-acetamido-2-deoxy-beta-D-glucopyranose
7 non-polymer 2-acetamido-2-deoxy-beta-D-glucopyranose
#
loop_
_entity_poly.entity_id
_entity_poly.type
_entity_poly.pdbx_seq_one_letter_code
_entity_poly.pdbx_strand_id
1 'polypeptide(L)'
;EVQLVESGGGLVKPGGSLRLSCAASGFTFSNAWMNWVRQAPGKGLEWVGRIKSKTDGGAADYAAPVKGRFTISRDDSKNT
LYLQMNSLKTEDTAVYFCTTVYRYNYDSVWGQGTLVTVSS
;
F,A,K
2 'polypeptide(L)'
;QSVLTQPPSVSGAPGQRVTISCTGSSSNIGAGYDVYWYQQLPGTAPKLLIYGNSNRPSGVPDRFSGSKSGTSASLAITGL
QAEDEADYYCQSFDSSLRDSWVFGGGTKLTVL
;
G,B,L
3 'polypeptide(L)'
;QVQLQQSGTELVKPGASVKLSCKASGYTFTSYWMHWVKQRPGQGLEWIGEINPRNGRTDFSEKFKSKATLTVDTSSSTAF
IQLSSLTSEDSAVYYCARWGYYGSSDYWGQGTALTVSSGTGGSGGGGSGGGGSGGGASDIVVTQSHKFMSTSVGDRVSIT
CKASQDVSVAVAWYQQKTGQSPKLLIYSASYRITGVPDRFTGSGSGTDFTFTISSVQAEDMAVYYCQQHYSTPPWTFGGG
TKL
;
H,C,O
4 'polypeptide(L)'
;IPLGVIHNSTLQVSDVDKLVCRDKLSSTNQLRSVGLNLEGNGVATDVPSATKRWGFRSGVPPKVVNYEAGEWAENCYNLE
IKKPDGSECLPAAPDGIRGFPRCRYVHKVSGTGPCAGDFAFHKEGAFFLYDRLASTVIYRGTTFAEGVVAFLILPQAKKD
FFSSHPLREPVNATEDPSSGYYSTTIRYQATGFGTNETEYLFEVDNLTYVQLESRFTPQFLLQLNETIYTSGKRSNTTGK
LIWKVNPEIDTTIGEWAFWETKKNLTRKIRSEELSFTVVS
;
I,D,M
5 'polypeptide(L)'
;EAIVNAQPKCNPNLHYWTTQDEGAAIGLAWIPYFGPAAEGIYTEGLMHNQDGLICGLRQLANETTQALQLFLRATTELRT
FSILNRKAIDFLLQRWGGTCHILGPDCCIEPHDWTKNITDKIDQIIHDFVDKTLPD
;
J,E,N
#
loop_
_chem_comp.id
_chem_comp.type
_chem_comp.name
_chem_comp.formula
BMA D-saccharide, beta linking beta-D-mannopyranose 'C6 H12 O6'
MAN D-saccharide, alpha linking alpha-D-mannopyranose 'C6 H12 O6'
NAG D-saccharide, beta linking 2-acetamido-2-deoxy-beta-D-glucopyranose 'C8 H15 N O6'
#
# COMPACT_ATOMS: atom_id res chain seq x y z
N VAL A 2 -9.23 23.56 -24.37
CA VAL A 2 -10.01 22.62 -25.16
C VAL A 2 -11.02 23.38 -26.03
N GLN A 3 -11.10 22.98 -27.30
CA GLN A 3 -12.00 23.63 -28.24
C GLN A 3 -12.27 22.70 -29.41
N LEU A 4 -13.50 22.71 -29.91
CA LEU A 4 -13.91 21.94 -31.07
C LEU A 4 -14.45 22.89 -32.13
N VAL A 5 -13.95 22.77 -33.35
CA VAL A 5 -14.36 23.62 -34.46
C VAL A 5 -14.95 22.74 -35.55
N GLU A 6 -16.14 23.11 -36.02
CA GLU A 6 -16.88 22.33 -37.00
C GLU A 6 -16.97 23.08 -38.32
N SER A 7 -16.95 22.33 -39.42
CA SER A 7 -17.04 22.91 -40.75
C SER A 7 -17.52 21.85 -41.72
N GLY A 8 -17.98 22.30 -42.88
CA GLY A 8 -18.43 21.43 -43.94
C GLY A 8 -19.92 21.44 -44.24
N GLY A 9 -20.65 22.48 -43.84
CA GLY A 9 -22.07 22.57 -44.08
C GLY A 9 -22.40 23.42 -45.30
N GLY A 10 -23.53 23.11 -45.93
CA GLY A 10 -23.97 23.85 -47.09
C GLY A 10 -25.31 23.33 -47.57
N LEU A 11 -25.88 24.06 -48.53
CA LEU A 11 -27.16 23.68 -49.11
C LEU A 11 -26.94 22.62 -50.18
N VAL A 12 -27.52 21.44 -49.97
CA VAL A 12 -27.35 20.30 -50.87
C VAL A 12 -28.72 19.74 -51.20
N LYS A 13 -28.95 19.44 -52.48
CA LYS A 13 -30.20 18.85 -52.90
C LYS A 13 -30.34 17.43 -52.34
N PRO A 14 -31.57 16.94 -52.18
CA PRO A 14 -31.76 15.58 -51.66
C PRO A 14 -31.08 14.55 -52.54
N GLY A 15 -30.55 13.51 -51.90
CA GLY A 15 -29.81 12.48 -52.60
C GLY A 15 -28.32 12.75 -52.73
N GLY A 16 -27.84 13.89 -52.26
CA GLY A 16 -26.43 14.22 -52.33
C GLY A 16 -25.64 13.64 -51.18
N SER A 17 -24.38 14.06 -51.10
CA SER A 17 -23.45 13.59 -50.07
C SER A 17 -22.70 14.78 -49.48
N LEU A 18 -22.28 14.62 -48.22
CA LEU A 18 -21.52 15.65 -47.53
C LEU A 18 -20.56 14.98 -46.55
N ARG A 19 -19.56 15.76 -46.13
CA ARG A 19 -18.59 15.29 -45.16
C ARG A 19 -18.35 16.40 -44.14
N LEU A 20 -18.63 16.11 -42.87
CA LEU A 20 -18.45 17.06 -41.78
C LEU A 20 -17.17 16.74 -41.03
N SER A 21 -16.46 17.78 -40.60
CA SER A 21 -15.19 17.63 -39.91
C SER A 21 -15.20 18.45 -38.63
N CYS A 22 -14.67 17.85 -37.56
CA CYS A 22 -14.47 18.54 -36.28
C CYS A 22 -12.99 18.48 -35.92
N ALA A 23 -12.44 19.63 -35.54
CA ALA A 23 -11.04 19.74 -35.17
C ALA A 23 -10.91 19.83 -33.66
N ALA A 24 -10.01 19.04 -33.09
CA ALA A 24 -9.83 18.96 -31.65
C ALA A 24 -8.47 19.52 -31.27
N SER A 25 -8.42 20.24 -30.16
CA SER A 25 -7.19 20.81 -29.64
C SER A 25 -7.26 20.92 -28.13
N GLY A 26 -6.10 20.93 -27.49
CA GLY A 26 -6.01 21.05 -26.06
C GLY A 26 -6.14 19.77 -25.28
N PHE A 27 -6.34 18.63 -25.94
CA PHE A 27 -6.46 17.36 -25.26
C PHE A 27 -6.08 16.24 -26.21
N THR A 28 -5.84 15.06 -25.63
CA THR A 28 -5.47 13.88 -26.41
C THR A 28 -6.69 13.37 -27.16
N PHE A 29 -6.66 13.49 -28.48
CA PHE A 29 -7.81 13.07 -29.29
C PHE A 29 -7.93 11.56 -29.37
N SER A 30 -6.81 10.84 -29.28
CA SER A 30 -6.83 9.39 -29.46
C SER A 30 -7.44 8.66 -28.27
N ASN A 31 -7.45 9.27 -27.09
CA ASN A 31 -7.93 8.62 -25.88
C ASN A 31 -9.34 9.05 -25.48
N ALA A 32 -10.06 9.73 -26.37
CA ALA A 32 -11.39 10.25 -26.06
C ALA A 32 -12.40 9.71 -27.06
N TRP A 33 -13.57 9.32 -26.56
CA TRP A 33 -14.66 8.87 -27.41
C TRP A 33 -15.37 10.07 -28.02
N MET A 34 -15.84 9.89 -29.25
CA MET A 34 -16.47 10.95 -30.02
C MET A 34 -17.94 10.59 -30.28
N ASN A 35 -18.81 11.60 -30.20
CA ASN A 35 -20.24 11.41 -30.42
C ASN A 35 -20.75 12.50 -31.36
N TRP A 36 -21.75 12.14 -32.16
CA TRP A 36 -22.43 13.07 -33.05
C TRP A 36 -23.88 13.22 -32.61
N VAL A 37 -24.30 14.47 -32.37
CA VAL A 37 -25.66 14.78 -31.97
C VAL A 37 -26.20 15.86 -32.91
N ARG A 38 -27.38 15.63 -33.46
CA ARG A 38 -28.02 16.57 -34.35
C ARG A 38 -29.30 17.11 -33.72
N GLN A 39 -29.64 18.35 -34.06
CA GLN A 39 -30.84 19.00 -33.55
C GLN A 39 -31.58 19.64 -34.71
N ALA A 40 -32.79 19.16 -34.98
CA ALA A 40 -33.61 19.74 -36.02
C ALA A 40 -34.07 21.14 -35.61
N PRO A 41 -34.34 22.02 -36.58
CA PRO A 41 -34.82 23.37 -36.23
C PRO A 41 -36.12 23.31 -35.44
N GLY A 42 -36.07 23.89 -34.24
CA GLY A 42 -37.22 23.87 -33.35
C GLY A 42 -37.61 22.49 -32.86
N LYS A 43 -36.62 21.62 -32.62
CA LYS A 43 -36.88 20.27 -32.14
C LYS A 43 -35.84 19.94 -31.08
N GLY A 44 -35.90 18.70 -30.57
CA GLY A 44 -34.99 18.25 -29.54
C GLY A 44 -33.71 17.65 -30.10
N LEU A 45 -32.80 17.32 -29.19
CA LEU A 45 -31.54 16.72 -29.58
C LEU A 45 -31.74 15.26 -29.99
N GLU A 46 -31.01 14.85 -31.03
CA GLU A 46 -31.08 13.49 -31.53
C GLU A 46 -29.67 12.94 -31.70
N TRP A 47 -29.43 11.74 -31.15
CA TRP A 47 -28.13 11.12 -31.22
C TRP A 47 -27.93 10.46 -32.58
N VAL A 48 -26.77 10.71 -33.19
CA VAL A 48 -26.48 10.21 -34.53
C VAL A 48 -25.62 8.94 -34.44
N GLY A 49 -24.44 9.07 -33.85
CA GLY A 49 -23.53 7.94 -33.77
C GLY A 49 -22.41 8.21 -32.80
N ARG A 50 -21.57 7.19 -32.63
CA ARG A 50 -20.46 7.25 -31.69
C ARG A 50 -19.34 6.35 -32.20
N ILE A 51 -18.10 6.80 -32.01
CA ILE A 51 -16.92 6.01 -32.33
C ILE A 51 -16.05 5.93 -31.08
N LYS A 52 -15.52 4.74 -30.80
CA LYS A 52 -14.73 4.53 -29.61
C LYS A 52 -13.24 4.76 -29.88
N SER A 53 -12.45 4.72 -28.82
CA SER A 53 -11.03 4.98 -28.92
C SER A 53 -10.32 3.82 -29.62
N LYS A 54 -9.08 4.10 -30.05
CA LYS A 54 -8.29 3.08 -30.72
C LYS A 54 -7.98 1.91 -29.79
N THR A 55 -7.68 2.19 -28.53
CA THR A 55 -7.40 1.14 -27.55
C THR A 55 -8.61 0.26 -27.30
N ASP A 56 -9.82 0.78 -27.52
CA ASP A 56 -11.05 0.02 -27.34
C ASP A 56 -11.50 -0.69 -28.62
N GLY A 57 -10.69 -0.63 -29.68
CA GLY A 57 -11.01 -1.26 -30.94
C GLY A 57 -11.48 -0.30 -32.01
N GLY A 58 -11.85 0.92 -31.65
CA GLY A 58 -12.28 1.91 -32.62
C GLY A 58 -13.54 1.52 -33.37
N ALA A 59 -14.50 0.90 -32.69
CA ALA A 59 -15.75 0.52 -33.33
C ALA A 59 -16.69 1.73 -33.41
N ALA A 60 -17.62 1.65 -34.35
CA ALA A 60 -18.59 2.72 -34.59
C ALA A 60 -19.99 2.17 -34.45
N ASP A 61 -20.84 2.89 -33.73
CA ASP A 61 -22.24 2.54 -33.55
C ASP A 61 -23.11 3.66 -34.06
N TYR A 62 -24.23 3.31 -34.70
CA TYR A 62 -25.10 4.27 -35.35
C TYR A 62 -26.53 4.11 -34.84
N ALA A 63 -27.27 5.21 -34.85
CA ALA A 63 -28.68 5.17 -34.50
C ALA A 63 -29.48 4.51 -35.62
N ALA A 64 -30.65 4.00 -35.24
CA ALA A 64 -31.50 3.28 -36.20
C ALA A 64 -31.92 4.15 -37.38
N PRO A 65 -32.40 5.39 -37.20
CA PRO A 65 -32.78 6.18 -38.39
C PRO A 65 -31.64 6.43 -39.36
N VAL A 66 -30.41 6.57 -38.87
CA VAL A 66 -29.26 6.89 -39.72
C VAL A 66 -28.40 5.67 -40.00
N LYS A 67 -28.81 4.49 -39.55
CA LYS A 67 -28.02 3.29 -39.77
C LYS A 67 -28.02 2.90 -41.24
N GLY A 68 -26.83 2.56 -41.76
CA GLY A 68 -26.69 2.15 -43.14
C GLY A 68 -26.47 3.26 -44.13
N ARG A 69 -26.53 4.52 -43.70
CA ARG A 69 -26.34 5.66 -44.59
C ARG A 69 -25.21 6.59 -44.17
N PHE A 70 -24.94 6.71 -42.89
CA PHE A 70 -23.89 7.59 -42.39
C PHE A 70 -22.69 6.77 -41.94
N THR A 71 -21.49 7.33 -42.15
CA THR A 71 -20.24 6.69 -41.75
C THR A 71 -19.41 7.70 -40.99
N ILE A 72 -18.87 7.28 -39.85
CA ILE A 72 -18.05 8.14 -38.99
C ILE A 72 -16.65 7.56 -38.91
N SER A 73 -15.65 8.42 -39.11
CA SER A 73 -14.26 8.03 -39.05
C SER A 73 -13.47 9.11 -38.33
N ARG A 74 -12.33 8.71 -37.77
CA ARG A 74 -11.47 9.61 -37.01
C ARG A 74 -10.04 9.48 -37.49
N ASP A 75 -9.31 10.59 -37.42
CA ASP A 75 -7.90 10.65 -37.80
C ASP A 75 -7.09 11.01 -36.57
N ASP A 76 -6.40 10.02 -35.99
CA ASP A 76 -5.62 10.27 -34.78
C ASP A 76 -4.44 11.19 -35.04
N SER A 77 -3.82 11.07 -36.22
CA SER A 77 -2.67 11.91 -36.54
C SER A 77 -3.06 13.38 -36.64
N LYS A 78 -4.20 13.67 -37.27
CA LYS A 78 -4.63 15.04 -37.48
C LYS A 78 -5.55 15.57 -36.37
N ASN A 79 -5.89 14.72 -35.40
CA ASN A 79 -6.80 15.11 -34.32
C ASN A 79 -8.12 15.65 -34.86
N THR A 80 -8.64 14.99 -35.89
CA THR A 80 -9.87 15.41 -36.55
C THR A 80 -10.86 14.26 -36.61
N LEU A 81 -12.14 14.60 -36.57
CA LEU A 81 -13.23 13.64 -36.64
C LEU A 81 -14.03 13.90 -37.91
N TYR A 82 -14.29 12.84 -38.68
CA TYR A 82 -14.97 12.95 -39.96
C TYR A 82 -16.29 12.20 -39.91
N LEU A 83 -17.35 12.83 -40.41
CA LEU A 83 -18.66 12.22 -40.54
C LEU A 83 -19.07 12.26 -42.01
N GLN A 84 -19.25 11.09 -42.61
CA GLN A 84 -19.63 10.97 -44.01
C GLN A 84 -21.12 10.69 -44.10
N MET A 85 -21.84 11.56 -44.81
CA MET A 85 -23.28 11.44 -44.96
C MET A 85 -23.62 11.13 -46.42
N ASN A 86 -24.41 10.08 -46.62
CA ASN A 86 -24.82 9.64 -47.95
C ASN A 86 -26.32 9.46 -47.99
N SER A 87 -26.90 9.64 -49.17
CA SER A 87 -28.33 9.51 -49.40
C SER A 87 -29.12 10.44 -48.47
N LEU A 88 -28.77 11.72 -48.51
CA LEU A 88 -29.43 12.72 -47.67
C LEU A 88 -30.89 12.86 -48.05
N LYS A 89 -31.73 13.09 -47.04
CA LYS A 89 -33.16 13.27 -47.22
C LYS A 89 -33.58 14.60 -46.61
N THR A 90 -34.86 14.94 -46.78
CA THR A 90 -35.38 16.18 -46.23
C THR A 90 -35.34 16.18 -44.70
N GLU A 91 -35.61 15.02 -44.10
CA GLU A 91 -35.63 14.90 -42.64
C GLU A 91 -34.25 15.03 -42.01
N ASP A 92 -33.19 15.01 -42.81
CA ASP A 92 -31.83 15.12 -42.30
C ASP A 92 -31.40 16.56 -42.06
N THR A 93 -32.25 17.54 -42.36
CA THR A 93 -31.92 18.94 -42.14
C THR A 93 -31.88 19.22 -40.64
N ALA A 94 -30.68 19.40 -40.10
CA ALA A 94 -30.50 19.63 -38.68
C ALA A 94 -29.13 20.25 -38.44
N VAL A 95 -28.91 20.69 -37.22
CA VAL A 95 -27.62 21.25 -36.80
C VAL A 95 -26.85 20.15 -36.07
N TYR A 96 -25.71 19.76 -36.62
CA TYR A 96 -24.92 18.66 -36.09
C TYR A 96 -23.89 19.16 -35.09
N PHE A 97 -23.67 18.38 -34.04
CA PHE A 97 -22.70 18.70 -33.01
C PHE A 97 -21.80 17.49 -32.76
N CYS A 98 -20.54 17.76 -32.45
CA CYS A 98 -19.58 16.74 -32.07
C CYS A 98 -19.19 16.96 -30.61
N THR A 99 -19.33 15.91 -29.80
CA THR A 99 -19.14 16.00 -28.36
C THR A 99 -18.10 14.99 -27.91
N THR A 100 -17.30 15.37 -26.91
CA THR A 100 -16.28 14.49 -26.36
C THR A 100 -16.02 14.86 -24.91
N VAL A 101 -15.43 13.93 -24.17
CA VAL A 101 -15.02 14.15 -22.80
C VAL A 101 -13.52 13.91 -22.72
N TYR A 102 -12.78 14.94 -22.32
CA TYR A 102 -11.32 14.84 -22.27
C TYR A 102 -10.80 14.45 -20.89
N ARG A 103 -11.48 14.87 -19.83
CA ARG A 103 -11.12 14.51 -18.46
C ARG A 103 -12.30 13.82 -17.81
N TYR A 104 -12.06 12.66 -17.21
CA TYR A 104 -13.13 11.82 -16.70
C TYR A 104 -13.66 12.28 -15.35
N ASN A 105 -13.35 13.51 -14.94
CA ASN A 105 -14.16 14.22 -13.95
C ASN A 105 -15.36 14.91 -14.60
N TYR A 106 -15.68 14.50 -15.83
CA TYR A 106 -16.80 15.00 -16.60
C TYR A 106 -16.68 16.50 -16.88
N ASP A 107 -15.62 16.84 -17.59
CA ASP A 107 -15.46 18.15 -18.22
C ASP A 107 -15.67 17.92 -19.72
N SER A 108 -16.86 18.24 -20.20
CA SER A 108 -17.25 17.96 -21.58
C SER A 108 -17.07 19.18 -22.46
N VAL A 109 -16.92 18.93 -23.76
CA VAL A 109 -16.74 19.98 -24.76
C VAL A 109 -17.78 19.77 -25.86
N TRP A 110 -18.48 20.82 -26.22
CA TRP A 110 -19.46 20.80 -27.30
C TRP A 110 -19.05 21.78 -28.39
N GLY A 111 -19.17 21.36 -29.64
CA GLY A 111 -18.83 22.23 -30.75
C GLY A 111 -19.87 23.31 -30.97
N GLN A 112 -19.50 24.28 -31.82
CA GLN A 112 -20.41 25.38 -32.12
C GLN A 112 -21.66 24.89 -32.84
N GLY A 113 -21.50 23.96 -33.78
CA GLY A 113 -22.63 23.44 -34.52
C GLY A 113 -22.61 23.80 -35.98
N THR A 114 -22.81 22.82 -36.85
CA THR A 114 -22.83 23.03 -38.30
C THR A 114 -24.25 22.79 -38.82
N LEU A 115 -24.79 23.78 -39.52
CA LEU A 115 -26.14 23.70 -40.07
C LEU A 115 -26.08 23.08 -41.46
N VAL A 116 -26.83 22.00 -41.65
CA VAL A 116 -26.93 21.32 -42.94
C VAL A 116 -28.39 21.42 -43.39
N THR A 117 -28.60 22.02 -44.56
CA THR A 117 -29.94 22.19 -45.12
C THR A 117 -30.08 21.35 -46.37
N VAL A 118 -31.09 20.48 -46.39
CA VAL A 118 -31.36 19.60 -47.52
C VAL A 118 -32.74 19.98 -48.03
N SER A 119 -32.79 20.75 -49.13
CA SER A 119 -34.04 21.18 -49.72
C SER A 119 -33.94 21.14 -51.24
N SER A 120 -35.08 21.01 -51.89
CA SER A 120 -35.14 20.96 -53.34
C SER A 120 -35.97 22.11 -53.89
N SER B 2 -38.77 10.52 -29.28
CA SER B 2 -38.23 10.74 -27.94
C SER B 2 -38.61 9.61 -27.00
N VAL B 3 -37.62 8.78 -26.66
CA VAL B 3 -37.88 7.66 -25.75
C VAL B 3 -38.25 8.17 -24.36
N LEU B 4 -37.53 9.17 -23.87
CA LEU B 4 -37.83 9.75 -22.57
C LEU B 4 -38.95 10.78 -22.70
N THR B 5 -39.70 10.96 -21.61
CA THR B 5 -40.85 11.85 -21.60
C THR B 5 -40.59 13.01 -20.64
N GLN B 6 -40.82 14.23 -21.12
CA GLN B 6 -40.67 15.44 -20.33
C GLN B 6 -41.87 16.34 -20.53
N PRO B 7 -42.18 17.18 -19.54
CA PRO B 7 -43.27 18.15 -19.70
C PRO B 7 -42.97 19.11 -20.85
N PRO B 8 -44.00 19.50 -21.61
CA PRO B 8 -43.75 20.43 -22.73
C PRO B 8 -43.18 21.77 -22.31
N SER B 9 -43.58 22.28 -21.15
CA SER B 9 -43.09 23.57 -20.68
C SER B 9 -43.30 23.67 -19.18
N VAL B 10 -42.37 24.37 -18.52
CA VAL B 10 -42.44 24.62 -17.08
C VAL B 10 -42.22 26.11 -16.85
N SER B 11 -43.09 26.72 -16.05
CA SER B 11 -43.01 28.13 -15.74
C SER B 11 -43.15 28.34 -14.24
N GLY B 12 -42.46 29.36 -13.74
CA GLY B 12 -42.50 29.66 -12.32
C GLY B 12 -42.06 31.08 -12.04
N ALA B 13 -42.45 31.57 -10.87
CA ALA B 13 -42.08 32.92 -10.46
C ALA B 13 -40.59 32.98 -10.11
N PRO B 14 -39.97 34.14 -10.29
CA PRO B 14 -38.54 34.27 -9.93
C PRO B 14 -38.32 34.04 -8.45
N GLY B 15 -37.20 33.40 -8.13
CA GLY B 15 -36.84 33.11 -6.76
C GLY B 15 -37.47 31.88 -6.17
N GLN B 16 -38.30 31.17 -6.91
CA GLN B 16 -38.95 29.96 -6.44
C GLN B 16 -38.20 28.73 -6.92
N ARG B 17 -38.65 27.56 -6.47
CA ARG B 17 -38.03 26.29 -6.81
C ARG B 17 -38.90 25.58 -7.84
N VAL B 18 -38.30 25.22 -8.98
CA VAL B 18 -39.01 24.52 -10.04
C VAL B 18 -38.36 23.16 -10.25
N THR B 19 -39.18 22.20 -10.67
CA THR B 19 -38.72 20.83 -10.90
C THR B 19 -39.11 20.39 -12.29
N ILE B 20 -38.18 19.68 -12.95
CA ILE B 20 -38.42 19.10 -14.27
C ILE B 20 -38.32 17.59 -14.15
N SER B 21 -39.34 16.89 -14.64
CA SER B 21 -39.45 15.45 -14.47
C SER B 21 -39.06 14.74 -15.77
N CYS B 22 -38.18 13.75 -15.65
CA CYS B 22 -37.77 12.91 -16.77
C CYS B 22 -38.29 11.51 -16.53
N THR B 23 -39.07 11.00 -17.48
CA THR B 23 -39.72 9.70 -17.34
C THR B 23 -39.07 8.71 -18.29
N GLY B 24 -38.64 7.57 -17.74
CA GLY B 24 -38.02 6.52 -18.54
C GLY B 24 -38.74 5.19 -18.42
N SER B 25 -37.96 4.12 -18.35
CA SER B 25 -38.52 2.77 -18.21
C SER B 25 -37.45 1.89 -17.57
N SER B 26 -37.72 0.59 -17.50
CA SER B 26 -36.76 -0.35 -16.93
C SER B 26 -35.49 -0.41 -17.78
N SER B 27 -35.64 -0.39 -19.11
CA SER B 27 -34.48 -0.48 -19.98
C SER B 27 -33.67 0.82 -19.95
N ASN B 28 -34.34 1.96 -19.81
CA ASN B 28 -33.65 3.24 -19.85
C ASN B 28 -33.00 3.59 -18.52
N ILE B 29 -33.81 3.77 -17.48
CA ILE B 29 -33.33 4.20 -16.18
C ILE B 29 -33.36 3.06 -15.15
N GLY B 30 -34.33 2.15 -15.23
CA GLY B 30 -34.40 1.05 -14.28
C GLY B 30 -33.26 0.07 -14.39
N ALA B 31 -32.52 0.11 -15.49
CA ALA B 31 -31.36 -0.76 -15.67
C ALA B 31 -30.11 -0.25 -14.98
N GLY B 32 -30.15 0.95 -14.40
CA GLY B 32 -29.01 1.51 -13.70
C GLY B 32 -28.22 2.54 -14.46
N TYR B 33 -28.65 2.91 -15.67
CA TYR B 33 -27.95 3.92 -16.45
C TYR B 33 -28.13 5.30 -15.84
N ASP B 34 -27.07 6.11 -15.89
CA ASP B 34 -27.12 7.46 -15.35
C ASP B 34 -27.95 8.37 -16.24
N VAL B 35 -28.44 9.46 -15.63
CA VAL B 35 -29.26 10.45 -16.33
C VAL B 35 -28.49 11.76 -16.35
N TYR B 36 -28.28 12.29 -17.56
CA TYR B 36 -27.51 13.51 -17.75
C TYR B 36 -28.44 14.64 -18.17
N TRP B 37 -28.26 15.82 -17.56
CA TRP B 37 -29.08 16.98 -17.84
C TRP B 37 -28.27 18.01 -18.60
N TYR B 38 -28.84 18.53 -19.67
CA TYR B 38 -28.18 19.52 -20.52
C TYR B 38 -29.01 20.80 -20.59
N GLN B 39 -28.33 21.93 -20.64
CA GLN B 39 -28.96 23.23 -20.81
C GLN B 39 -28.49 23.84 -22.13
N GLN B 40 -29.43 24.31 -22.94
CA GLN B 40 -29.12 24.87 -24.25
C GLN B 40 -29.76 26.25 -24.35
N LEU B 41 -28.93 27.29 -24.25
CA LEU B 41 -29.42 28.64 -24.51
C LEU B 41 -29.72 28.80 -25.99
N PRO B 42 -30.65 29.69 -26.34
CA PRO B 42 -31.01 29.87 -27.76
C PRO B 42 -29.80 30.28 -28.60
N GLY B 43 -29.49 29.46 -29.61
CA GLY B 43 -28.39 29.73 -30.50
C GLY B 43 -27.02 29.31 -30.02
N THR B 44 -26.94 28.54 -28.93
CA THR B 44 -25.67 28.08 -28.39
C THR B 44 -25.69 26.56 -28.23
N ALA B 45 -24.51 26.00 -27.97
CA ALA B 45 -24.36 24.58 -27.76
C ALA B 45 -24.87 24.16 -26.38
N PRO B 46 -25.35 22.92 -26.24
CA PRO B 46 -25.81 22.46 -24.92
C PRO B 46 -24.66 22.41 -23.91
N LYS B 47 -25.01 22.63 -22.65
CA LYS B 47 -24.05 22.59 -21.55
C LYS B 47 -24.52 21.56 -20.53
N LEU B 48 -23.59 20.72 -20.08
CA LEU B 48 -23.90 19.63 -19.16
C LEU B 48 -24.04 20.18 -17.75
N LEU B 49 -25.28 20.34 -17.29
CA LEU B 49 -25.51 20.84 -15.93
C LEU B 49 -25.24 19.77 -14.88
N ILE B 50 -25.68 18.54 -15.11
CA ILE B 50 -25.56 17.46 -14.15
C ILE B 50 -25.09 16.20 -14.86
N TYR B 51 -24.05 15.56 -14.32
CA TYR B 51 -23.57 14.29 -14.82
C TYR B 51 -23.78 13.20 -13.78
N GLY B 52 -23.61 11.95 -14.19
CA GLY B 52 -23.91 10.84 -13.32
C GLY B 52 -25.39 10.83 -12.99
N ASN B 53 -25.70 10.76 -11.70
CA ASN B 53 -27.08 10.84 -11.23
C ASN B 53 -27.37 12.11 -10.44
N SER B 54 -26.44 12.51 -9.56
CA SER B 54 -26.60 13.72 -8.78
C SER B 54 -25.36 14.60 -8.74
N ASN B 55 -24.24 14.14 -9.29
CA ASN B 55 -23.01 14.92 -9.25
C ASN B 55 -23.11 16.13 -10.17
N ARG B 56 -22.28 17.15 -9.86
CA ARG B 56 -22.31 18.40 -10.59
C ARG B 56 -20.89 18.74 -11.06
N PRO B 57 -20.71 19.09 -12.34
CA PRO B 57 -19.38 19.49 -12.80
C PRO B 57 -18.93 20.80 -12.19
N SER B 58 -17.62 20.99 -12.14
CA SER B 58 -17.06 22.24 -11.63
C SER B 58 -17.45 23.40 -12.54
N GLY B 59 -17.64 24.57 -11.93
CA GLY B 59 -18.08 25.74 -12.66
C GLY B 59 -19.56 25.82 -12.92
N VAL B 60 -20.36 24.98 -12.26
CA VAL B 60 -21.81 24.97 -12.42
C VAL B 60 -22.43 25.45 -11.11
N PRO B 61 -23.39 26.37 -11.14
CA PRO B 61 -23.99 26.85 -9.89
C PRO B 61 -24.67 25.72 -9.11
N ASP B 62 -24.63 25.84 -7.79
CA ASP B 62 -25.20 24.82 -6.90
C ASP B 62 -26.73 24.83 -6.93
N ARG B 63 -27.35 25.81 -7.57
CA ARG B 63 -28.81 25.86 -7.64
C ARG B 63 -29.37 24.64 -8.36
N PHE B 64 -28.63 24.10 -9.33
CA PHE B 64 -29.10 22.94 -10.07
C PHE B 64 -28.77 21.66 -9.31
N SER B 65 -29.78 20.83 -9.09
CA SER B 65 -29.60 19.56 -8.40
C SER B 65 -30.44 18.49 -9.10
N GLY B 66 -29.97 17.25 -9.03
CA GLY B 66 -30.65 16.15 -9.66
C GLY B 66 -30.75 14.96 -8.72
N SER B 67 -31.79 14.14 -8.96
CA SER B 67 -32.03 12.97 -8.15
C SER B 67 -32.64 11.88 -9.02
N LYS B 68 -32.48 10.64 -8.57
CA LYS B 68 -32.99 9.47 -9.27
C LYS B 68 -33.87 8.66 -8.32
N SER B 69 -35.06 8.29 -8.79
CA SER B 69 -36.01 7.51 -8.00
C SER B 69 -36.71 6.54 -8.94
N GLY B 70 -36.45 5.25 -8.75
CA GLY B 70 -37.08 4.25 -9.61
C GLY B 70 -36.65 4.40 -11.05
N THR B 71 -37.64 4.50 -11.94
CA THR B 71 -37.39 4.65 -13.37
C THR B 71 -37.55 6.08 -13.84
N SER B 72 -37.59 7.05 -12.93
CA SER B 72 -37.76 8.45 -13.27
C SER B 72 -36.68 9.28 -12.59
N ALA B 73 -36.38 10.43 -13.19
CA ALA B 73 -35.38 11.36 -12.67
C ALA B 73 -35.96 12.76 -12.67
N SER B 74 -35.46 13.59 -11.76
CA SER B 74 -35.95 14.95 -11.59
C SER B 74 -34.78 15.92 -11.48
N LEU B 75 -34.96 17.10 -12.06
CA LEU B 75 -33.99 18.19 -11.97
C LEU B 75 -34.62 19.32 -11.16
N ALA B 76 -33.93 19.75 -10.10
CA ALA B 76 -34.44 20.77 -9.20
C ALA B 76 -33.54 21.99 -9.25
N ILE B 77 -34.17 23.16 -9.39
CA ILE B 77 -33.47 24.44 -9.41
C ILE B 77 -33.93 25.23 -8.19
N THR B 78 -33.05 25.38 -7.20
CA THR B 78 -33.42 26.08 -5.98
C THR B 78 -33.70 27.56 -6.26
N GLY B 79 -32.86 28.20 -7.07
CA GLY B 79 -33.06 29.61 -7.38
C GLY B 79 -33.36 29.85 -8.84
N LEU B 80 -34.58 30.29 -9.13
CA LEU B 80 -35.01 30.52 -10.52
C LEU B 80 -34.59 31.93 -10.92
N GLN B 81 -33.37 32.04 -11.42
CA GLN B 81 -32.85 33.32 -11.88
C GLN B 81 -33.39 33.66 -13.27
N ALA B 82 -33.21 34.92 -13.66
CA ALA B 82 -33.68 35.37 -14.97
C ALA B 82 -32.83 34.85 -16.11
N GLU B 83 -31.68 34.24 -15.83
CA GLU B 83 -30.80 33.71 -16.86
C GLU B 83 -31.03 32.23 -17.13
N ASP B 84 -32.04 31.63 -16.51
CA ASP B 84 -32.33 30.21 -16.65
C ASP B 84 -33.33 29.90 -17.75
N GLU B 85 -33.72 30.89 -18.55
CA GLU B 85 -34.68 30.68 -19.63
C GLU B 85 -33.96 29.96 -20.77
N ALA B 86 -34.03 28.64 -20.75
CA ALA B 86 -33.38 27.82 -21.76
C ALA B 86 -34.06 26.45 -21.80
N ASP B 87 -33.77 25.70 -22.86
CA ASP B 87 -34.30 24.35 -22.99
C ASP B 87 -33.47 23.37 -22.17
N TYR B 88 -34.16 22.45 -21.51
CA TYR B 88 -33.52 21.43 -20.67
C TYR B 88 -33.83 20.05 -21.22
N TYR B 89 -32.81 19.22 -21.34
CA TYR B 89 -32.95 17.87 -21.86
C TYR B 89 -32.33 16.88 -20.88
N CYS B 90 -32.94 15.71 -20.76
CA CYS B 90 -32.38 14.61 -19.99
C CYS B 90 -31.95 13.50 -20.93
N GLN B 91 -30.71 13.05 -20.78
CA GLN B 91 -30.13 12.04 -21.64
C GLN B 91 -29.65 10.86 -20.80
N SER B 92 -29.92 9.65 -21.28
CA SER B 92 -29.50 8.43 -20.61
C SER B 92 -29.13 7.42 -21.67
N PHE B 93 -28.98 6.15 -21.26
CA PHE B 93 -28.67 5.06 -22.17
C PHE B 93 -29.73 3.98 -22.06
N ASP B 94 -29.94 3.26 -23.15
CA ASP B 94 -30.94 2.20 -23.22
C ASP B 94 -30.24 0.86 -23.27
N SER B 95 -30.70 -0.09 -22.45
CA SER B 95 -30.18 -1.44 -22.51
C SER B 95 -30.43 -2.07 -23.86
N SER B 96 -31.63 -1.87 -24.41
CA SER B 96 -31.89 -2.26 -25.79
C SER B 96 -31.25 -1.25 -26.74
N LEU B 97 -31.31 -1.56 -28.03
CA LEU B 97 -30.71 -0.74 -29.09
C LEU B 97 -29.20 -0.62 -28.94
N ARG B 98 -28.58 -1.54 -28.20
CA ARG B 98 -27.13 -1.66 -28.08
C ARG B 98 -26.51 -0.37 -27.49
N ASP B 99 -26.98 -0.03 -26.29
CA ASP B 99 -26.43 1.08 -25.50
C ASP B 99 -26.41 2.38 -26.29
N SER B 100 -27.50 2.67 -26.99
CA SER B 100 -27.63 3.90 -27.74
C SER B 100 -28.14 5.02 -26.84
N TRP B 101 -27.73 6.24 -27.16
CA TRP B 101 -28.20 7.41 -26.40
C TRP B 101 -29.68 7.65 -26.61
N VAL B 102 -30.38 8.02 -25.56
CA VAL B 102 -31.79 8.38 -25.62
C VAL B 102 -31.95 9.76 -25.01
N PHE B 103 -32.69 10.62 -25.70
CA PHE B 103 -32.91 12.00 -25.27
C PHE B 103 -34.39 12.22 -24.98
N GLY B 104 -34.65 13.19 -24.09
CA GLY B 104 -36.01 13.55 -23.78
C GLY B 104 -36.62 14.46 -24.83
N GLY B 105 -37.92 14.72 -24.68
CA GLY B 105 -38.61 15.57 -25.62
C GLY B 105 -38.11 17.00 -25.62
N GLY B 106 -37.73 17.50 -24.44
CA GLY B 106 -37.27 18.87 -24.32
C GLY B 106 -38.22 19.75 -23.55
N THR B 107 -37.74 20.32 -22.44
CA THR B 107 -38.55 21.17 -21.59
C THR B 107 -38.05 22.60 -21.67
N LYS B 108 -38.96 23.52 -21.99
CA LYS B 108 -38.65 24.94 -22.07
C LYS B 108 -39.04 25.62 -20.77
N LEU B 109 -38.11 26.35 -20.19
CA LEU B 109 -38.31 27.04 -18.91
C LEU B 109 -38.51 28.52 -19.14
N THR B 110 -39.62 29.04 -18.63
CA THR B 110 -39.94 30.46 -18.74
C THR B 110 -40.06 31.06 -17.36
N VAL B 111 -39.33 32.16 -17.13
CA VAL B 111 -39.33 32.83 -15.84
C VAL B 111 -40.41 33.90 -15.84
N LEU B 112 -41.29 33.85 -14.84
CA LEU B 112 -42.38 34.82 -14.73
C LEU B 112 -41.88 36.14 -14.15
N GLN C 1 -29.74 -38.15 -1.24
CA GLN C 1 -31.04 -37.68 -0.78
C GLN C 1 -31.03 -37.41 0.72
N VAL C 2 -31.47 -36.21 1.10
CA VAL C 2 -31.51 -35.82 2.50
C VAL C 2 -32.78 -36.39 3.14
N GLN C 3 -32.60 -37.13 4.23
CA GLN C 3 -33.72 -37.73 4.95
C GLN C 3 -33.58 -37.45 6.44
N LEU C 4 -34.68 -37.07 7.07
CA LEU C 4 -34.74 -36.82 8.50
C LEU C 4 -35.76 -37.77 9.12
N GLN C 5 -35.33 -38.55 10.11
CA GLN C 5 -36.18 -39.53 10.76
C GLN C 5 -36.31 -39.18 12.24
N GLN C 6 -37.55 -39.17 12.74
CA GLN C 6 -37.85 -38.86 14.12
C GLN C 6 -38.44 -40.08 14.80
N SER C 7 -38.73 -39.94 16.10
CA SER C 7 -39.30 -41.02 16.89
C SER C 7 -40.81 -41.09 16.66
N GLY C 8 -41.44 -42.10 17.25
CA GLY C 8 -42.86 -42.30 17.11
C GLY C 8 -43.68 -41.52 18.13
N THR C 9 -44.98 -41.74 18.10
CA THR C 9 -45.89 -41.05 19.02
C THR C 9 -45.61 -41.47 20.45
N GLU C 10 -45.52 -40.49 21.35
CA GLU C 10 -45.22 -40.74 22.75
C GLU C 10 -46.26 -40.03 23.61
N LEU C 11 -46.81 -40.74 24.59
CA LEU C 11 -47.78 -40.20 25.53
C LEU C 11 -47.11 -40.03 26.89
N VAL C 12 -47.31 -38.86 27.51
CA VAL C 12 -46.65 -38.52 28.76
C VAL C 12 -47.70 -38.08 29.77
N LYS C 13 -47.31 -38.13 31.03
CA LYS C 13 -48.16 -37.70 32.14
C LYS C 13 -48.25 -36.18 32.19
N PRO C 14 -49.25 -35.63 32.90
CA PRO C 14 -49.33 -34.17 33.02
C PRO C 14 -48.10 -33.54 33.63
N GLY C 15 -47.34 -34.28 34.44
CA GLY C 15 -46.05 -33.80 34.89
C GLY C 15 -44.95 -34.82 34.67
N ALA C 16 -44.00 -34.50 33.81
CA ALA C 16 -42.91 -35.39 33.45
C ALA C 16 -41.94 -34.63 32.55
N SER C 17 -40.88 -35.31 32.14
CA SER C 17 -39.92 -34.79 31.18
C SER C 17 -39.76 -35.79 30.05
N VAL C 18 -39.74 -35.29 28.81
CA VAL C 18 -39.67 -36.13 27.63
C VAL C 18 -38.56 -35.62 26.72
N LYS C 19 -38.05 -36.53 25.89
CA LYS C 19 -37.00 -36.21 24.92
C LYS C 19 -37.39 -36.76 23.56
N LEU C 20 -37.18 -35.95 22.53
CA LEU C 20 -37.48 -36.33 21.15
C LEU C 20 -36.19 -36.46 20.36
N SER C 21 -36.23 -37.31 19.33
CA SER C 21 -35.07 -37.63 18.53
C SER C 21 -35.28 -37.21 17.08
N CYS C 22 -34.19 -36.87 16.40
CA CYS C 22 -34.23 -36.46 15.00
C CYS C 22 -32.95 -36.97 14.35
N LYS C 23 -33.06 -38.04 13.57
CA LYS C 23 -31.93 -38.67 12.92
C LYS C 23 -31.86 -38.19 11.47
N ALA C 24 -30.69 -37.68 11.07
CA ALA C 24 -30.49 -37.14 9.73
C ALA C 24 -29.40 -37.91 9.01
N SER C 25 -29.55 -38.05 7.70
CA SER C 25 -28.59 -38.76 6.88
C SER C 25 -28.59 -38.18 5.47
N GLY C 26 -27.51 -38.43 4.75
CA GLY C 26 -27.37 -37.97 3.38
C GLY C 26 -26.63 -36.66 3.20
N TYR C 27 -26.08 -36.09 4.27
CA TYR C 27 -25.34 -34.84 4.17
C TYR C 27 -24.42 -34.72 5.37
N THR C 28 -23.48 -33.78 5.27
CA THR C 28 -22.56 -33.50 6.37
C THR C 28 -23.34 -32.87 7.52
N PHE C 29 -23.49 -33.62 8.62
CA PHE C 29 -24.35 -33.19 9.71
C PHE C 29 -23.86 -31.91 10.36
N THR C 30 -22.54 -31.79 10.55
CA THR C 30 -21.98 -30.65 11.26
C THR C 30 -21.97 -29.36 10.47
N SER C 31 -22.26 -29.41 9.16
CA SER C 31 -22.18 -28.23 8.31
C SER C 31 -23.51 -27.49 8.16
N TYR C 32 -24.58 -27.98 8.78
CA TYR C 32 -25.88 -27.34 8.68
C TYR C 32 -26.53 -27.25 10.06
N TRP C 33 -27.26 -26.17 10.29
CA TRP C 33 -27.99 -25.97 11.53
C TRP C 33 -29.25 -26.84 11.55
N MET C 34 -29.71 -27.16 12.75
CA MET C 34 -30.92 -27.94 12.96
C MET C 34 -31.94 -27.10 13.70
N HIS C 35 -33.15 -27.01 13.15
CA HIS C 35 -34.21 -26.19 13.72
C HIS C 35 -35.38 -27.07 14.13
N TRP C 36 -36.09 -26.64 15.17
CA TRP C 36 -37.26 -27.33 15.69
C TRP C 36 -38.47 -26.42 15.58
N VAL C 37 -39.57 -26.96 15.06
CA VAL C 37 -40.80 -26.19 14.85
C VAL C 37 -41.95 -26.94 15.52
N LYS C 38 -42.77 -26.19 16.27
CA LYS C 38 -43.93 -26.74 16.96
C LYS C 38 -45.20 -26.25 16.27
N GLN C 39 -46.14 -27.17 16.06
CA GLN C 39 -47.40 -26.85 15.41
C GLN C 39 -48.54 -27.44 16.23
N ARG C 40 -49.34 -26.56 16.85
CA ARG C 40 -50.54 -27.01 17.54
C ARG C 40 -51.56 -27.52 16.54
N PRO C 41 -52.41 -28.47 16.93
CA PRO C 41 -53.44 -28.97 16.01
C PRO C 41 -54.42 -27.86 15.63
N GLY C 42 -54.56 -27.63 14.33
CA GLY C 42 -55.42 -26.57 13.84
C GLY C 42 -54.85 -25.18 13.94
N GLN C 43 -53.56 -25.05 14.21
CA GLN C 43 -52.90 -23.75 14.34
C GLN C 43 -51.74 -23.67 13.37
N GLY C 44 -50.96 -22.59 13.48
CA GLY C 44 -49.84 -22.34 12.60
C GLY C 44 -48.56 -22.98 13.10
N LEU C 45 -47.45 -22.56 12.49
CA LEU C 45 -46.13 -23.08 12.80
C LEU C 45 -45.43 -22.13 13.77
N GLU C 46 -44.86 -22.70 14.84
CA GLU C 46 -44.15 -21.94 15.86
C GLU C 46 -42.70 -22.39 15.89
N TRP C 47 -41.77 -21.44 15.77
CA TRP C 47 -40.35 -21.76 15.79
C TRP C 47 -39.87 -21.85 17.23
N ILE C 48 -39.23 -22.97 17.57
CA ILE C 48 -38.77 -23.23 18.93
C ILE C 48 -37.36 -22.70 19.10
N GLY C 49 -36.41 -23.25 18.34
CA GLY C 49 -35.03 -22.84 18.47
C GLY C 49 -34.17 -23.56 17.45
N GLU C 50 -32.88 -23.21 17.46
CA GLU C 50 -31.91 -23.77 16.54
C GLU C 50 -30.67 -24.21 17.31
N ILE C 51 -30.06 -25.30 16.85
CA ILE C 51 -28.86 -25.85 17.45
C ILE C 51 -27.82 -26.07 16.36
N ASN C 52 -26.59 -25.62 16.60
CA ASN C 52 -25.51 -25.81 15.64
C ASN C 52 -24.68 -27.02 16.05
N PRO C 53 -24.61 -28.06 15.22
CA PRO C 53 -23.77 -29.21 15.58
C PRO C 53 -22.30 -28.87 15.74
N ARG C 54 -21.84 -27.80 15.08
CA ARG C 54 -20.46 -27.35 15.22
C ARG C 54 -20.38 -26.27 16.29
N ASN C 55 -19.45 -26.43 17.22
CA ASN C 55 -19.21 -25.49 18.32
C ASN C 55 -20.35 -25.48 19.33
N GLY C 56 -21.40 -26.26 19.06
CA GLY C 56 -22.48 -26.42 20.01
C GLY C 56 -23.31 -25.20 20.29
N ARG C 57 -23.21 -24.16 19.44
CA ARG C 57 -23.96 -22.95 19.67
C ARG C 57 -25.45 -23.20 19.47
N THR C 58 -26.27 -22.64 20.37
CA THR C 58 -27.71 -22.84 20.34
C THR C 58 -28.41 -21.50 20.54
N ASP C 59 -29.64 -21.41 20.02
CA ASP C 59 -30.48 -20.24 20.18
C ASP C 59 -31.91 -20.69 20.38
N PHE C 60 -32.67 -19.90 21.13
CA PHE C 60 -34.04 -20.23 21.46
C PHE C 60 -34.95 -19.02 21.26
N SER C 61 -36.22 -19.29 21.03
CA SER C 61 -37.22 -18.24 20.97
C SER C 61 -37.56 -17.76 22.39
N GLU C 62 -38.19 -16.59 22.45
CA GLU C 62 -38.52 -16.01 23.76
C GLU C 62 -39.50 -16.88 24.52
N LYS C 63 -40.47 -17.46 23.83
CA LYS C 63 -41.48 -18.28 24.52
C LYS C 63 -40.91 -19.61 24.97
N PHE C 64 -39.86 -20.11 24.31
CA PHE C 64 -39.27 -21.40 24.63
C PHE C 64 -37.87 -21.26 25.21
N LYS C 65 -37.62 -20.20 25.99
CA LYS C 65 -36.30 -19.99 26.56
C LYS C 65 -35.93 -21.10 27.55
N SER C 66 -36.88 -21.50 28.41
CA SER C 66 -36.61 -22.49 29.43
C SER C 66 -37.39 -23.78 29.25
N LYS C 67 -38.36 -23.82 28.33
CA LYS C 67 -39.18 -25.03 28.17
C LYS C 67 -38.41 -26.13 27.45
N ALA C 68 -37.48 -25.78 26.57
CA ALA C 68 -36.79 -26.76 25.75
C ALA C 68 -35.28 -26.54 25.82
N THR C 69 -34.54 -27.65 25.68
CA THR C 69 -33.09 -27.64 25.58
C THR C 69 -32.68 -28.49 24.40
N LEU C 70 -31.68 -28.02 23.65
CA LEU C 70 -31.25 -28.67 22.42
C LEU C 70 -29.87 -29.28 22.61
N THR C 71 -29.74 -30.56 22.26
CA THR C 71 -28.47 -31.27 22.28
C THR C 71 -28.33 -32.09 21.01
N VAL C 72 -27.08 -32.32 20.60
CA VAL C 72 -26.78 -33.10 19.40
C VAL C 72 -25.70 -34.11 19.72
N ASP C 73 -25.65 -35.15 18.90
CA ASP C 73 -24.62 -36.19 18.98
C ASP C 73 -23.94 -36.30 17.63
N THR C 74 -22.69 -35.84 17.55
CA THR C 74 -21.98 -35.82 16.28
C THR C 74 -21.74 -37.23 15.76
N SER C 75 -21.41 -38.17 16.65
CA SER C 75 -21.08 -39.52 16.22
C SER C 75 -22.27 -40.20 15.54
N SER C 76 -23.46 -40.05 16.11
CA SER C 76 -24.66 -40.66 15.55
C SER C 76 -25.42 -39.73 14.60
N SER C 77 -24.97 -38.48 14.44
CA SER C 77 -25.62 -37.49 13.58
C SER C 77 -27.10 -37.36 13.94
N THR C 78 -27.39 -37.26 15.23
CA THR C 78 -28.74 -37.17 15.74
C THR C 78 -28.89 -35.96 16.63
N ALA C 79 -30.02 -35.27 16.51
CA ALA C 79 -30.33 -34.10 17.32
C ALA C 79 -31.45 -34.42 18.30
N PHE C 80 -31.30 -33.95 19.54
CA PHE C 80 -32.24 -34.23 20.60
C PHE C 80 -32.78 -32.94 21.19
N ILE C 81 -34.08 -32.93 21.48
CA ILE C 81 -34.73 -31.82 22.17
C ILE C 81 -35.40 -32.38 23.41
N GLN C 82 -35.17 -31.73 24.56
CA GLN C 82 -35.71 -32.16 25.83
C GLN C 82 -36.74 -31.15 26.33
N LEU C 83 -37.93 -31.65 26.65
CA LEU C 83 -39.03 -30.81 27.13
C LEU C 83 -39.26 -31.11 28.61
N SER C 84 -39.38 -30.05 29.40
CA SER C 84 -39.60 -30.16 30.84
C SER C 84 -40.95 -29.58 31.20
N SER C 85 -41.64 -30.23 32.14
CA SER C 85 -42.95 -29.81 32.64
C SER C 85 -43.96 -29.69 31.49
N LEU C 86 -44.23 -30.84 30.87
CA LEU C 86 -45.16 -30.90 29.75
C LEU C 86 -46.58 -30.65 30.26
N THR C 87 -47.09 -29.44 30.03
CA THR C 87 -48.42 -29.08 30.47
C THR C 87 -49.45 -29.59 29.46
N SER C 88 -50.71 -29.17 29.63
CA SER C 88 -51.77 -29.61 28.74
C SER C 88 -51.71 -28.93 27.37
N GLU C 89 -51.05 -27.77 27.29
CA GLU C 89 -50.93 -27.04 26.03
C GLU C 89 -49.70 -27.42 25.24
N ASP C 90 -48.90 -28.37 25.72
CA ASP C 90 -47.71 -28.83 25.01
C ASP C 90 -47.98 -30.00 24.08
N SER C 91 -49.24 -30.44 23.97
CA SER C 91 -49.60 -31.53 23.07
C SER C 91 -49.69 -30.98 21.66
N ALA C 92 -48.65 -31.23 20.85
CA ALA C 92 -48.58 -30.69 19.51
C ALA C 92 -47.65 -31.56 18.68
N VAL C 93 -47.66 -31.33 17.38
CA VAL C 93 -46.79 -32.03 16.45
C VAL C 93 -45.48 -31.27 16.31
N TYR C 94 -44.37 -31.95 16.55
CA TYR C 94 -43.04 -31.35 16.52
C TYR C 94 -42.28 -31.81 15.28
N TYR C 95 -41.70 -30.86 14.56
CA TYR C 95 -40.90 -31.15 13.38
C TYR C 95 -39.47 -30.68 13.61
N CYS C 96 -38.52 -31.37 12.99
CA CYS C 96 -37.14 -30.93 12.91
C CYS C 96 -36.80 -30.69 11.44
N ALA C 97 -36.22 -29.53 11.16
CA ALA C 97 -35.89 -29.12 9.80
C ALA C 97 -34.42 -28.72 9.74
N ARG C 98 -33.85 -28.84 8.55
CA ARG C 98 -32.45 -28.50 8.32
C ARG C 98 -32.36 -27.11 7.71
N TRP C 99 -31.55 -26.25 8.33
CA TRP C 99 -31.31 -24.92 7.79
C TRP C 99 -30.45 -25.05 6.53
N GLY C 100 -30.88 -24.40 5.46
CA GLY C 100 -30.25 -24.59 4.17
C GLY C 100 -28.89 -23.91 4.07
N TYR C 101 -28.25 -24.14 2.93
CA TYR C 101 -26.95 -23.54 2.68
C TYR C 101 -27.04 -22.02 2.66
N TYR C 102 -28.10 -21.48 2.05
CA TYR C 102 -28.38 -20.06 2.08
C TYR C 102 -29.43 -19.68 3.11
N GLY C 103 -29.93 -20.65 3.88
CA GLY C 103 -30.83 -20.36 4.97
C GLY C 103 -32.29 -20.69 4.72
N SER C 104 -32.58 -21.83 4.10
CA SER C 104 -33.95 -22.23 3.83
C SER C 104 -34.24 -23.57 4.49
N SER C 105 -35.41 -23.69 5.11
CA SER C 105 -35.87 -24.96 5.68
C SER C 105 -36.34 -25.87 4.56
N ASP C 106 -35.36 -26.35 3.79
CA ASP C 106 -35.66 -27.11 2.58
C ASP C 106 -36.15 -28.51 2.89
N TYR C 107 -35.58 -29.14 3.92
CA TYR C 107 -35.90 -30.53 4.25
C TYR C 107 -36.54 -30.58 5.64
N TRP C 108 -37.65 -31.32 5.74
CA TRP C 108 -38.39 -31.46 6.98
C TRP C 108 -38.56 -32.94 7.31
N GLY C 109 -38.61 -33.24 8.60
CA GLY C 109 -38.91 -34.59 9.05
C GLY C 109 -40.39 -34.79 9.33
N GLN C 110 -40.79 -36.05 9.40
CA GLN C 110 -42.18 -36.36 9.68
C GLN C 110 -42.53 -35.97 11.11
N GLY C 111 -43.81 -35.68 11.33
CA GLY C 111 -44.25 -35.20 12.63
C GLY C 111 -44.15 -36.25 13.71
N THR C 112 -44.03 -35.77 14.95
CA THR C 112 -43.97 -36.62 16.12
C THR C 112 -44.98 -36.10 17.14
N ALA C 113 -46.10 -36.80 17.27
CA ALA C 113 -47.14 -36.40 18.21
C ALA C 113 -46.66 -36.57 19.65
N LEU C 114 -47.07 -35.64 20.51
CA LEU C 114 -46.69 -35.69 21.91
C LEU C 114 -47.92 -35.67 22.81
N ALA C 137 -39.64 -4.81 18.41
CA ALA C 137 -38.34 -4.81 19.08
C ALA C 137 -37.21 -4.95 18.08
N SER C 138 -36.28 -5.86 18.38
CA SER C 138 -35.13 -6.12 17.52
C SER C 138 -35.33 -7.35 16.64
N ASP C 139 -36.53 -7.92 16.62
CA ASP C 139 -36.83 -9.11 15.84
C ASP C 139 -37.70 -8.75 14.64
N ILE C 140 -37.36 -9.29 13.48
CA ILE C 140 -38.14 -9.05 12.27
C ILE C 140 -39.40 -9.91 12.33
N VAL C 141 -40.55 -9.28 12.14
CA VAL C 141 -41.84 -9.96 12.18
C VAL C 141 -42.41 -9.96 10.78
N VAL C 142 -42.75 -11.15 10.27
CA VAL C 142 -43.38 -11.31 8.96
C VAL C 142 -44.86 -11.53 9.16
N THR C 143 -45.69 -10.69 8.53
CA THR C 143 -47.13 -10.74 8.68
C THR C 143 -47.78 -10.83 7.31
N GLN C 144 -48.70 -11.77 7.15
CA GLN C 144 -49.45 -11.92 5.91
C GLN C 144 -50.72 -11.09 5.95
N SER C 145 -51.14 -10.60 4.79
CA SER C 145 -52.26 -9.67 4.71
C SER C 145 -53.56 -10.35 5.16
N HIS C 146 -53.81 -11.57 4.70
CA HIS C 146 -55.06 -12.26 4.97
C HIS C 146 -54.78 -13.64 5.54
N LYS C 147 -55.85 -14.31 5.97
CA LYS C 147 -55.80 -15.66 6.50
C LYS C 147 -56.55 -16.66 5.63
N PHE C 148 -57.68 -16.25 5.04
CA PHE C 148 -58.45 -17.09 4.15
C PHE C 148 -58.64 -16.38 2.82
N MET C 149 -58.37 -17.08 1.73
CA MET C 149 -58.52 -16.54 0.37
C MET C 149 -59.29 -17.56 -0.46
N SER C 150 -60.62 -17.44 -0.46
CA SER C 150 -61.44 -18.32 -1.27
C SER C 150 -61.25 -18.01 -2.76
N THR C 151 -61.17 -19.06 -3.57
CA THR C 151 -60.96 -18.90 -4.99
C THR C 151 -61.49 -20.14 -5.72
N SER C 152 -61.69 -19.98 -7.02
CA SER C 152 -62.17 -21.05 -7.88
C SER C 152 -61.05 -21.55 -8.78
N VAL C 153 -61.37 -22.59 -9.58
CA VAL C 153 -60.39 -23.17 -10.48
C VAL C 153 -60.15 -22.23 -11.65
N GLY C 154 -58.87 -22.01 -11.99
CA GLY C 154 -58.50 -21.17 -13.09
C GLY C 154 -58.24 -19.72 -12.74
N ASP C 155 -58.51 -19.31 -11.50
CA ASP C 155 -58.27 -17.94 -11.09
C ASP C 155 -56.79 -17.73 -10.76
N ARG C 156 -56.42 -16.46 -10.60
CA ARG C 156 -55.05 -16.07 -10.27
C ARG C 156 -55.06 -15.43 -8.88
N VAL C 157 -54.57 -16.17 -7.89
CA VAL C 157 -54.55 -15.70 -6.50
C VAL C 157 -53.15 -15.21 -6.17
N SER C 158 -53.07 -14.21 -5.29
CA SER C 158 -51.82 -13.63 -4.86
C SER C 158 -51.78 -13.56 -3.34
N ILE C 159 -50.62 -13.90 -2.77
CA ILE C 159 -50.41 -13.88 -1.33
C ILE C 159 -49.31 -12.86 -1.04
N THR C 160 -49.59 -11.94 -0.12
CA THR C 160 -48.68 -10.85 0.20
C THR C 160 -48.06 -11.08 1.58
N CYS C 161 -46.74 -10.97 1.66
CA CYS C 161 -46.00 -11.10 2.91
C CYS C 161 -45.31 -9.78 3.20
N LYS C 162 -45.48 -9.27 4.41
CA LYS C 162 -44.94 -7.99 4.83
C LYS C 162 -43.88 -8.20 5.91
N ALA C 163 -42.74 -7.52 5.76
CA ALA C 163 -41.65 -7.61 6.71
C ALA C 163 -41.47 -6.28 7.43
N SER C 164 -41.27 -6.35 8.76
CA SER C 164 -41.12 -5.13 9.55
C SER C 164 -39.86 -4.37 9.16
N GLN C 165 -38.75 -5.08 8.97
CA GLN C 165 -37.48 -4.46 8.62
C GLN C 165 -37.15 -4.77 7.16
N ASP C 166 -35.96 -4.34 6.75
CA ASP C 166 -35.52 -4.49 5.36
C ASP C 166 -34.80 -5.81 5.19
N VAL C 167 -35.38 -6.71 4.40
CA VAL C 167 -34.73 -7.94 3.95
C VAL C 167 -34.59 -7.86 2.45
N SER C 168 -33.36 -8.05 1.95
CA SER C 168 -33.10 -7.82 0.54
C SER C 168 -33.92 -8.75 -0.35
N VAL C 169 -33.64 -10.06 -0.29
CA VAL C 169 -34.44 -11.06 -0.99
C VAL C 169 -34.75 -12.28 -0.14
N ALA C 170 -34.22 -12.36 1.08
CA ALA C 170 -34.26 -13.58 1.87
C ALA C 170 -35.68 -13.76 2.44
N VAL C 171 -36.57 -14.26 1.59
CA VAL C 171 -37.92 -14.64 1.99
C VAL C 171 -38.25 -15.98 1.34
N ALA C 172 -38.70 -16.94 2.15
CA ALA C 172 -39.01 -18.28 1.68
C ALA C 172 -40.50 -18.57 1.87
N TRP C 173 -41.05 -19.36 0.96
CA TRP C 173 -42.46 -19.73 0.98
C TRP C 173 -42.61 -21.23 1.19
N TYR C 174 -43.51 -21.62 2.07
CA TYR C 174 -43.74 -23.01 2.43
C TYR C 174 -45.20 -23.38 2.20
N GLN C 175 -45.43 -24.61 1.75
CA GLN C 175 -46.76 -25.14 1.54
C GLN C 175 -46.95 -26.36 2.43
N GLN C 176 -48.04 -26.39 3.19
CA GLN C 176 -48.35 -27.51 4.07
C GLN C 176 -49.78 -27.96 3.81
N LYS C 177 -49.95 -29.20 3.39
CA LYS C 177 -51.26 -29.78 3.18
C LYS C 177 -51.71 -30.53 4.44
N THR C 178 -52.96 -30.96 4.43
CA THR C 178 -53.53 -31.63 5.60
C THR C 178 -52.84 -32.97 5.82
N GLY C 179 -52.29 -33.16 7.01
CA GLY C 179 -51.64 -34.40 7.37
C GLY C 179 -50.23 -34.58 6.86
N GLN C 180 -49.64 -33.54 6.27
CA GLN C 180 -48.30 -33.64 5.70
C GLN C 180 -47.42 -32.51 6.26
N SER C 181 -46.12 -32.77 6.25
CA SER C 181 -45.16 -31.79 6.72
C SER C 181 -45.04 -30.64 5.71
N PRO C 182 -44.63 -29.45 6.17
CA PRO C 182 -44.46 -28.32 5.25
C PRO C 182 -43.42 -28.61 4.18
N LYS C 183 -43.65 -28.06 3.00
CA LYS C 183 -42.77 -28.25 1.85
C LYS C 183 -42.34 -26.89 1.32
N LEU C 184 -41.04 -26.72 1.11
CA LEU C 184 -40.51 -25.47 0.58
C LEU C 184 -40.79 -25.38 -0.92
N LEU C 185 -41.26 -24.22 -1.36
CA LEU C 185 -41.56 -23.98 -2.77
C LEU C 185 -40.67 -22.90 -3.37
N ILE C 186 -40.61 -21.73 -2.75
CA ILE C 186 -39.84 -20.60 -3.26
C ILE C 186 -38.88 -20.14 -2.16
N TYR C 187 -37.61 -19.99 -2.51
CA TYR C 187 -36.61 -19.44 -1.60
C TYR C 187 -35.91 -18.29 -2.29
N SER C 188 -35.39 -17.36 -1.47
CA SER C 188 -34.83 -16.09 -1.95
C SER C 188 -35.85 -15.26 -2.69
N ALA C 189 -37.14 -15.56 -2.49
CA ALA C 189 -38.27 -14.79 -3.00
C ALA C 189 -38.42 -14.88 -4.51
N SER C 190 -37.42 -15.42 -5.20
CA SER C 190 -37.52 -15.55 -6.65
C SER C 190 -37.23 -16.98 -7.11
N TYR C 191 -36.31 -17.66 -6.43
CA TYR C 191 -35.85 -18.97 -6.89
C TYR C 191 -36.91 -20.03 -6.60
N ARG C 192 -37.11 -20.92 -7.56
CA ARG C 192 -38.09 -21.99 -7.45
C ARG C 192 -37.38 -23.33 -7.26
N ILE C 193 -37.86 -24.11 -6.28
CA ILE C 193 -37.31 -25.43 -6.04
C ILE C 193 -37.61 -26.33 -7.22
N THR C 194 -36.62 -27.15 -7.62
CA THR C 194 -36.81 -28.07 -8.71
C THR C 194 -37.90 -29.08 -8.38
N GLY C 195 -38.76 -29.36 -9.36
CA GLY C 195 -39.90 -30.22 -9.18
C GLY C 195 -41.19 -29.50 -8.84
N VAL C 196 -41.11 -28.26 -8.38
CA VAL C 196 -42.32 -27.48 -8.09
C VAL C 196 -42.96 -27.07 -9.42
N PRO C 197 -44.28 -27.18 -9.56
CA PRO C 197 -44.92 -26.77 -10.81
C PRO C 197 -44.68 -25.30 -11.11
N ASP C 198 -44.60 -24.99 -12.40
CA ASP C 198 -44.32 -23.63 -12.85
C ASP C 198 -45.44 -22.66 -12.54
N ARG C 199 -46.62 -23.16 -12.14
CA ARG C 199 -47.73 -22.27 -11.80
C ARG C 199 -47.39 -21.39 -10.59
N PHE C 200 -46.49 -21.85 -9.74
CA PHE C 200 -46.10 -21.10 -8.55
C PHE C 200 -44.98 -20.14 -8.92
N THR C 201 -45.20 -18.85 -8.67
CA THR C 201 -44.22 -17.81 -8.99
C THR C 201 -44.15 -16.83 -7.83
N GLY C 202 -42.94 -16.42 -7.49
CA GLY C 202 -42.73 -15.46 -6.41
C GLY C 202 -41.86 -14.31 -6.87
N SER C 203 -42.11 -13.15 -6.29
CA SER C 203 -41.34 -11.95 -6.60
C SER C 203 -41.45 -10.97 -5.43
N GLY C 204 -40.56 -9.99 -5.42
CA GLY C 204 -40.58 -8.97 -4.39
C GLY C 204 -39.22 -8.69 -3.79
N SER C 205 -39.08 -7.52 -3.16
CA SER C 205 -37.84 -7.14 -2.51
C SER C 205 -38.14 -6.08 -1.47
N GLY C 206 -37.19 -5.88 -0.56
CA GLY C 206 -37.35 -4.89 0.49
C GLY C 206 -38.23 -5.35 1.63
N THR C 207 -39.45 -4.81 1.71
CA THR C 207 -40.39 -5.18 2.76
C THR C 207 -41.67 -5.81 2.26
N ASP C 208 -41.95 -5.75 0.96
CA ASP C 208 -43.17 -6.30 0.39
C ASP C 208 -42.81 -7.43 -0.57
N PHE C 209 -43.41 -8.60 -0.35
CA PHE C 209 -43.18 -9.77 -1.18
C PHE C 209 -44.51 -10.39 -1.56
N THR C 210 -44.59 -10.93 -2.78
CA THR C 210 -45.82 -11.47 -3.31
C THR C 210 -45.60 -12.90 -3.80
N PHE C 211 -46.56 -13.77 -3.51
CA PHE C 211 -46.57 -15.15 -3.99
C PHE C 211 -47.82 -15.36 -4.82
N THR C 212 -47.66 -15.65 -6.11
CA THR C 212 -48.77 -15.73 -7.04
C THR C 212 -48.83 -17.10 -7.69
N ILE C 213 -50.04 -17.56 -7.96
CA ILE C 213 -50.29 -18.80 -8.68
C ILE C 213 -51.01 -18.45 -9.97
N SER C 214 -50.41 -18.83 -11.10
CA SER C 214 -51.00 -18.48 -12.39
C SER C 214 -52.35 -19.16 -12.60
N SER C 215 -52.45 -20.44 -12.24
CA SER C 215 -53.69 -21.21 -12.41
C SER C 215 -53.89 -22.05 -11.16
N VAL C 216 -54.96 -21.76 -10.41
CA VAL C 216 -55.26 -22.51 -9.19
C VAL C 216 -56.02 -23.78 -9.57
N GLN C 217 -55.48 -24.93 -9.18
CA GLN C 217 -56.11 -26.21 -9.44
C GLN C 217 -56.73 -26.74 -8.15
N ALA C 218 -57.28 -27.95 -8.23
CA ALA C 218 -57.92 -28.58 -7.08
C ALA C 218 -56.91 -29.11 -6.07
N GLU C 219 -55.65 -29.26 -6.45
CA GLU C 219 -54.61 -29.75 -5.55
C GLU C 219 -53.84 -28.62 -4.87
N ASP C 220 -54.22 -27.38 -5.09
CA ASP C 220 -53.52 -26.23 -4.51
C ASP C 220 -54.15 -25.77 -3.20
N MET C 221 -55.17 -26.44 -2.70
CA MET C 221 -55.82 -26.06 -1.45
C MET C 221 -54.94 -26.51 -0.29
N ALA C 222 -54.30 -25.56 0.38
CA ALA C 222 -53.41 -25.83 1.50
C ALA C 222 -53.18 -24.53 2.25
N VAL C 223 -52.24 -24.56 3.20
CA VAL C 223 -51.87 -23.38 3.99
C VAL C 223 -50.46 -22.98 3.59
N TYR C 224 -50.29 -21.70 3.26
CA TYR C 224 -49.02 -21.17 2.79
C TYR C 224 -48.41 -20.23 3.82
N TYR C 225 -47.12 -20.37 4.07
CA TYR C 225 -46.40 -19.57 5.04
C TYR C 225 -45.22 -18.88 4.37
N CYS C 226 -44.85 -17.71 4.89
CA CYS C 226 -43.65 -17.00 4.44
C CYS C 226 -42.72 -16.81 5.63
N GLN C 227 -41.44 -17.08 5.42
CA GLN C 227 -40.42 -16.96 6.45
C GLN C 227 -39.22 -16.23 5.88
N GLN C 228 -38.72 -15.24 6.61
CA GLN C 228 -37.53 -14.51 6.22
C GLN C 228 -36.30 -15.19 6.81
N HIS C 229 -35.19 -15.11 6.08
CA HIS C 229 -33.93 -15.71 6.49
C HIS C 229 -32.77 -14.74 6.26
N TYR C 230 -32.92 -13.52 6.78
CA TYR C 230 -31.89 -12.48 6.65
C TYR C 230 -31.49 -11.98 8.02
N SER C 231 -30.38 -12.53 8.55
CA SER C 231 -29.61 -11.94 9.64
C SER C 231 -30.27 -12.01 11.02
N THR C 232 -31.50 -12.51 11.11
CA THR C 232 -32.21 -12.51 12.38
C THR C 232 -32.29 -13.91 12.96
N PRO C 233 -31.61 -14.19 14.07
CA PRO C 233 -31.68 -15.53 14.67
C PRO C 233 -33.09 -15.96 15.01
N PRO C 234 -34.01 -15.04 15.41
CA PRO C 234 -35.41 -15.46 15.54
C PRO C 234 -36.11 -15.65 14.20
N TRP C 235 -35.93 -16.83 13.59
CA TRP C 235 -36.54 -17.14 12.30
C TRP C 235 -38.01 -17.48 12.54
N THR C 236 -38.86 -16.46 12.54
CA THR C 236 -40.28 -16.64 12.79
C THR C 236 -41.04 -16.86 11.48
N PHE C 237 -42.00 -17.75 11.52
CA PHE C 237 -42.84 -18.03 10.36
C PHE C 237 -43.99 -17.02 10.28
N GLY C 238 -44.65 -17.01 9.12
CA GLY C 238 -45.80 -16.16 8.92
C GLY C 238 -47.06 -16.72 9.56
N GLY C 239 -48.13 -15.93 9.48
CA GLY C 239 -49.40 -16.34 10.06
C GLY C 239 -50.10 -17.45 9.31
N GLY C 240 -49.82 -17.60 8.02
CA GLY C 240 -50.45 -18.62 7.21
C GLY C 240 -51.63 -18.08 6.41
N THR C 241 -51.95 -18.79 5.33
CA THR C 241 -53.06 -18.42 4.46
C THR C 241 -53.68 -19.68 3.89
N LYS C 242 -54.94 -19.93 4.22
CA LYS C 242 -55.66 -21.11 3.78
C LYS C 242 -56.51 -20.77 2.56
N LEU C 243 -56.40 -21.59 1.52
CA LEU C 243 -57.19 -21.39 0.31
C LEU C 243 -58.47 -22.22 0.35
N VAL D 2 2.52 22.98 -26.67
CA VAL D 2 3.97 22.92 -26.73
C VAL D 2 4.46 23.37 -28.10
N GLN D 3 5.48 24.23 -28.11
CA GLN D 3 6.02 24.76 -29.36
C GLN D 3 7.42 25.27 -29.11
N LEU D 4 8.30 25.07 -30.10
CA LEU D 4 9.67 25.57 -30.06
C LEU D 4 9.91 26.46 -31.28
N VAL D 5 10.43 27.65 -31.03
CA VAL D 5 10.69 28.63 -32.08
C VAL D 5 12.19 28.93 -32.10
N GLU D 6 12.78 28.85 -33.28
CA GLU D 6 14.21 29.02 -33.46
C GLU D 6 14.51 30.29 -34.24
N SER D 7 15.61 30.94 -33.91
CA SER D 7 16.03 32.16 -34.58
C SER D 7 17.52 32.36 -34.38
N GLY D 8 18.10 33.21 -35.21
CA GLY D 8 19.49 33.56 -35.13
C GLY D 8 20.39 33.08 -36.26
N GLY D 9 19.82 32.75 -37.42
CA GLY D 9 20.60 32.28 -38.55
C GLY D 9 20.88 33.38 -39.55
N GLY D 10 22.00 33.22 -40.26
CA GLY D 10 22.38 34.19 -41.27
C GLY D 10 23.65 33.75 -41.97
N LEU D 11 23.99 34.49 -43.03
CA LEU D 11 25.19 34.21 -43.80
C LEU D 11 26.39 34.83 -43.10
N VAL D 12 27.34 33.99 -42.69
CA VAL D 12 28.52 34.43 -41.96
C VAL D 12 29.76 33.83 -42.62
N LYS D 13 30.79 34.66 -42.81
CA LYS D 13 32.03 34.19 -43.38
C LYS D 13 32.71 33.20 -42.44
N PRO D 14 33.55 32.31 -42.97
CA PRO D 14 34.25 31.35 -42.10
C PRO D 14 35.11 32.05 -41.07
N GLY D 15 35.18 31.45 -39.88
CA GLY D 15 35.89 32.04 -38.77
C GLY D 15 35.07 32.97 -37.90
N GLY D 16 33.81 33.20 -38.24
CA GLY D 16 32.94 34.06 -37.46
C GLY D 16 32.29 33.33 -36.29
N SER D 17 31.35 34.02 -35.66
CA SER D 17 30.63 33.49 -34.51
C SER D 17 29.14 33.77 -34.65
N LEU D 18 28.33 32.92 -34.03
CA LEU D 18 26.88 33.05 -34.07
C LEU D 18 26.30 32.52 -32.77
N ARG D 19 25.06 32.92 -32.50
CA ARG D 19 24.34 32.46 -31.31
C ARG D 19 22.92 32.12 -31.72
N LEU D 20 22.53 30.86 -31.51
CA LEU D 20 21.19 30.39 -31.84
C LEU D 20 20.35 30.30 -30.57
N SER D 21 19.08 30.64 -30.69
CA SER D 21 18.16 30.66 -29.55
C SER D 21 16.89 29.89 -29.89
N CYS D 22 16.43 29.08 -28.94
CA CYS D 22 15.15 28.38 -29.05
C CYS D 22 14.26 28.79 -27.89
N ALA D 23 13.02 29.12 -28.20
CA ALA D 23 12.04 29.54 -27.20
C ALA D 23 11.06 28.41 -26.92
N ALA D 24 10.83 28.13 -25.64
CA ALA D 24 9.98 27.04 -25.21
C ALA D 24 8.73 27.59 -24.54
N SER D 25 7.60 26.95 -24.81
CA SER D 25 6.33 27.34 -24.21
C SER D 25 5.44 26.12 -24.09
N GLY D 26 4.50 26.17 -23.14
CA GLY D 26 3.56 25.10 -22.93
C GLY D 26 4.03 23.98 -22.03
N PHE D 27 5.26 24.05 -21.52
CA PHE D 27 5.78 23.00 -20.65
C PHE D 27 6.88 23.59 -19.78
N THR D 28 7.22 22.84 -18.72
CA THR D 28 8.27 23.27 -17.80
C THR D 28 9.63 23.10 -18.46
N PHE D 29 10.29 24.23 -18.74
CA PHE D 29 11.58 24.18 -19.42
C PHE D 29 12.69 23.70 -18.50
N SER D 30 12.56 23.94 -17.19
CA SER D 30 13.64 23.60 -16.26
C SER D 30 13.75 22.11 -16.01
N ASN D 31 12.68 21.34 -16.24
CA ASN D 31 12.68 19.91 -15.94
C ASN D 31 12.86 19.05 -17.19
N ALA D 32 13.26 19.64 -18.31
CA ALA D 32 13.39 18.90 -19.56
C ALA D 32 14.80 19.04 -20.10
N TRP D 33 15.36 17.93 -20.58
CA TRP D 33 16.67 17.95 -21.21
C TRP D 33 16.57 18.49 -22.62
N MET D 34 17.61 19.20 -23.05
CA MET D 34 17.66 19.84 -24.36
C MET D 34 18.75 19.22 -25.21
N ASN D 35 18.47 19.05 -26.50
CA ASN D 35 19.41 18.48 -27.45
C ASN D 35 19.46 19.33 -28.70
N TRP D 36 20.64 19.37 -29.32
CA TRP D 36 20.85 20.06 -30.59
C TRP D 36 21.21 19.04 -31.66
N VAL D 37 20.46 19.06 -32.76
CA VAL D 37 20.69 18.17 -33.90
C VAL D 37 20.77 19.02 -35.15
N ARG D 38 21.81 18.82 -35.95
CA ARG D 38 22.00 19.54 -37.20
C ARG D 38 21.92 18.58 -38.38
N GLN D 39 21.44 19.09 -39.50
CA GLN D 39 21.30 18.31 -40.73
C GLN D 39 21.89 19.08 -41.89
N ALA D 40 22.95 18.56 -42.48
CA ALA D 40 23.56 19.18 -43.64
C ALA D 40 22.62 19.08 -44.85
N PRO D 41 22.71 20.01 -45.79
CA PRO D 41 21.84 19.94 -46.99
C PRO D 41 22.06 18.65 -47.75
N GLY D 42 20.98 17.88 -47.90
CA GLY D 42 21.05 16.59 -48.57
C GLY D 42 21.89 15.56 -47.84
N LYS D 43 21.85 15.56 -46.51
CA LYS D 43 22.59 14.62 -45.70
C LYS D 43 21.72 14.15 -44.55
N GLY D 44 22.28 13.30 -43.69
CA GLY D 44 21.56 12.77 -42.56
C GLY D 44 21.65 13.64 -41.32
N LEU D 45 20.91 13.25 -40.29
CA LEU D 45 20.91 13.98 -39.04
C LEU D 45 22.21 13.75 -38.27
N GLU D 46 22.73 14.80 -37.64
CA GLU D 46 23.95 14.73 -36.86
C GLU D 46 23.71 15.38 -35.50
N TRP D 47 24.08 14.66 -34.44
CA TRP D 47 23.89 15.16 -33.09
C TRP D 47 24.99 16.14 -32.73
N VAL D 48 24.62 17.28 -32.15
CA VAL D 48 25.57 18.33 -31.82
C VAL D 48 25.93 18.26 -30.35
N GLY D 49 24.94 18.41 -29.47
CA GLY D 49 25.22 18.43 -28.05
C GLY D 49 23.94 18.28 -27.25
N ARG D 50 24.11 18.23 -25.93
CA ARG D 50 23.01 18.04 -25.01
C ARG D 50 23.33 18.70 -23.68
N ILE D 51 22.32 19.30 -23.06
CA ILE D 51 22.44 19.89 -21.74
C ILE D 51 21.37 19.28 -20.84
N LYS D 52 21.74 18.94 -19.62
CA LYS D 52 20.83 18.27 -18.70
C LYS D 52 20.10 19.30 -17.83
N SER D 53 19.13 18.81 -17.06
CA SER D 53 18.31 19.67 -16.23
C SER D 53 19.13 20.21 -15.05
N LYS D 54 18.58 21.25 -14.41
CA LYS D 54 19.25 21.85 -13.26
C LYS D 54 19.34 20.87 -12.10
N THR D 55 18.29 20.08 -11.88
CA THR D 55 18.31 19.08 -10.81
C THR D 55 19.34 17.99 -11.05
N ASP D 56 19.72 17.75 -12.30
CA ASP D 56 20.72 16.77 -12.65
C ASP D 56 22.13 17.34 -12.72
N GLY D 57 22.30 18.62 -12.35
CA GLY D 57 23.58 19.28 -12.36
C GLY D 57 23.78 20.23 -13.52
N GLY D 58 22.95 20.14 -14.55
CA GLY D 58 23.07 21.05 -15.69
C GLY D 58 24.37 20.91 -16.46
N ALA D 59 24.85 19.69 -16.62
CA ALA D 59 26.08 19.46 -17.37
C ALA D 59 25.79 19.47 -18.87
N ALA D 60 26.83 19.75 -19.65
CA ALA D 60 26.74 19.83 -21.10
C ALA D 60 27.71 18.84 -21.72
N ASP D 61 27.23 18.08 -22.70
CA ASP D 61 28.04 17.13 -23.45
C ASP D 61 28.00 17.49 -24.92
N TYR D 62 29.14 17.33 -25.59
CA TYR D 62 29.29 17.74 -26.98
C TYR D 62 29.81 16.58 -27.81
N ALA D 63 29.44 16.59 -29.10
CA ALA D 63 29.96 15.60 -30.03
C ALA D 63 31.41 15.89 -30.35
N ALA D 64 32.12 14.84 -30.79
CA ALA D 64 33.54 14.98 -31.08
C ALA D 64 33.85 16.00 -32.17
N PRO D 65 33.16 16.03 -33.32
CA PRO D 65 33.48 17.05 -34.32
C PRO D 65 33.31 18.48 -33.83
N VAL D 66 32.34 18.73 -32.95
CA VAL D 66 32.05 20.09 -32.48
C VAL D 66 32.59 20.34 -31.08
N LYS D 67 33.33 19.39 -30.51
CA LYS D 67 33.86 19.56 -29.17
C LYS D 67 34.96 20.62 -29.16
N GLY D 68 34.89 21.51 -28.16
CA GLY D 68 35.88 22.55 -28.00
C GLY D 68 35.60 23.83 -28.77
N ARG D 69 34.55 23.86 -29.58
CA ARG D 69 34.20 25.05 -30.35
C ARG D 69 32.81 25.57 -30.10
N PHE D 70 31.85 24.70 -29.76
CA PHE D 70 30.48 25.10 -29.51
C PHE D 70 30.19 25.07 -28.01
N THR D 71 29.36 26.00 -27.56
CA THR D 71 28.94 26.09 -26.17
C THR D 71 27.43 26.20 -26.12
N ILE D 72 26.80 25.41 -25.25
CA ILE D 72 25.35 25.39 -25.10
C ILE D 72 24.99 25.83 -23.69
N SER D 73 24.05 26.76 -23.59
CA SER D 73 23.60 27.27 -22.30
C SER D 73 22.08 27.42 -22.33
N ARG D 74 21.48 27.40 -21.15
CA ARG D 74 20.03 27.50 -21.01
C ARG D 74 19.69 28.55 -19.96
N ASP D 75 18.56 29.23 -20.17
CA ASP D 75 18.05 30.23 -19.25
C ASP D 75 16.71 29.74 -18.71
N ASP D 76 16.70 29.32 -17.44
CA ASP D 76 15.48 28.80 -16.86
C ASP D 76 14.43 29.89 -16.67
N SER D 77 14.88 31.11 -16.33
CA SER D 77 13.94 32.21 -16.12
C SER D 77 13.20 32.57 -17.41
N LYS D 78 13.93 32.61 -18.53
CA LYS D 78 13.34 33.01 -19.81
C LYS D 78 12.82 31.85 -20.63
N ASN D 79 13.00 30.61 -20.16
CA ASN D 79 12.58 29.41 -20.88
C ASN D 79 13.17 29.38 -22.29
N THR D 80 14.45 29.74 -22.39
CA THR D 80 15.14 29.81 -23.67
C THR D 80 16.42 28.99 -23.62
N LEU D 81 16.80 28.44 -24.77
CA LEU D 81 18.01 27.65 -24.93
C LEU D 81 18.94 28.37 -25.89
N TYR D 82 20.20 28.52 -25.49
CA TYR D 82 21.19 29.26 -26.27
C TYR D 82 22.31 28.32 -26.71
N LEU D 83 22.68 28.42 -27.98
CA LEU D 83 23.81 27.68 -28.54
C LEU D 83 24.80 28.68 -29.11
N GLN D 84 26.01 28.69 -28.55
CA GLN D 84 27.06 29.61 -28.98
C GLN D 84 28.03 28.86 -29.88
N MET D 85 28.21 29.36 -31.10
CA MET D 85 29.07 28.74 -32.09
C MET D 85 30.27 29.65 -32.37
N ASN D 86 31.48 29.08 -32.26
CA ASN D 86 32.70 29.82 -32.49
C ASN D 86 33.59 29.04 -33.46
N SER D 87 34.42 29.79 -34.19
CA SER D 87 35.34 29.21 -35.19
C SER D 87 34.58 28.39 -36.22
N LEU D 88 33.58 29.01 -36.83
CA LEU D 88 32.76 28.33 -37.83
C LEU D 88 33.59 27.97 -39.06
N LYS D 89 33.27 26.82 -39.65
CA LYS D 89 33.96 26.32 -40.83
C LYS D 89 32.93 26.05 -41.92
N THR D 90 33.44 25.68 -43.10
CA THR D 90 32.54 25.38 -44.22
C THR D 90 31.67 24.17 -43.93
N GLU D 91 32.23 23.16 -43.26
CA GLU D 91 31.50 21.94 -42.95
C GLU D 91 30.38 22.16 -41.93
N ASP D 92 30.33 23.32 -41.28
CA ASP D 92 29.31 23.60 -40.29
C ASP D 92 27.99 24.08 -40.90
N THR D 93 27.94 24.24 -42.22
CA THR D 93 26.72 24.69 -42.89
C THR D 93 25.67 23.59 -42.80
N ALA D 94 24.65 23.79 -41.95
CA ALA D 94 23.61 22.81 -41.75
C ALA D 94 22.40 23.50 -41.14
N VAL D 95 21.30 22.75 -41.07
CA VAL D 95 20.07 23.23 -40.45
C VAL D 95 20.01 22.66 -39.04
N TYR D 96 20.03 23.54 -38.04
CA TYR D 96 20.07 23.13 -36.65
C TYR D 96 18.65 23.00 -36.08
N PHE D 97 18.48 22.00 -35.22
CA PHE D 97 17.20 21.74 -34.56
C PHE D 97 17.43 21.59 -33.06
N CYS D 98 16.47 22.06 -32.28
CA CYS D 98 16.47 21.87 -30.83
C CYS D 98 15.32 20.96 -30.45
N THR D 99 15.63 19.90 -29.71
CA THR D 99 14.68 18.85 -29.38
C THR D 99 14.59 18.67 -27.87
N THR D 100 13.38 18.35 -27.39
CA THR D 100 13.15 18.13 -25.98
C THR D 100 11.96 17.20 -25.81
N VAL D 101 11.86 16.62 -24.61
CA VAL D 101 10.74 15.78 -24.22
C VAL D 101 10.11 16.38 -22.98
N TYR D 102 8.83 16.76 -23.08
CA TYR D 102 8.14 17.39 -21.97
C TYR D 102 7.35 16.42 -21.11
N ARG D 103 6.83 15.35 -21.70
CA ARG D 103 6.12 14.32 -20.95
C ARG D 103 6.79 12.97 -21.24
N TYR D 104 7.08 12.22 -20.17
CA TYR D 104 7.86 11.00 -20.31
C TYR D 104 7.05 9.80 -20.79
N ASN D 105 5.85 10.04 -21.32
CA ASN D 105 5.23 9.08 -22.22
C ASN D 105 5.72 9.24 -23.65
N TYR D 106 6.85 9.94 -23.80
CA TYR D 106 7.51 10.18 -25.08
C TYR D 106 6.62 10.95 -26.06
N ASP D 107 6.26 12.16 -25.64
CA ASP D 107 5.69 13.17 -26.52
C ASP D 107 6.79 14.20 -26.76
N SER D 108 7.44 14.12 -27.91
CA SER D 108 8.59 14.95 -28.22
C SER D 108 8.19 16.14 -29.07
N VAL D 109 9.01 17.20 -29.01
CA VAL D 109 8.80 18.43 -29.74
C VAL D 109 10.06 18.75 -30.52
N TRP D 110 9.90 19.05 -31.81
CA TRP D 110 11.02 19.43 -32.67
C TRP D 110 10.77 20.83 -33.22
N GLY D 111 11.81 21.65 -33.22
CA GLY D 111 11.69 22.99 -33.75
C GLY D 111 11.61 23.01 -35.26
N GLN D 112 11.27 24.19 -35.80
CA GLN D 112 11.15 24.35 -37.24
C GLN D 112 12.50 24.15 -37.93
N GLY D 113 13.57 24.70 -37.35
CA GLY D 113 14.89 24.56 -37.92
C GLY D 113 15.46 25.88 -38.40
N THR D 114 16.71 26.16 -38.04
CA THR D 114 17.39 27.37 -38.43
C THR D 114 18.54 27.02 -39.38
N LEU D 115 18.54 27.64 -40.55
CA LEU D 115 19.56 27.40 -41.56
C LEU D 115 20.73 28.35 -41.34
N VAL D 116 21.93 27.79 -41.19
CA VAL D 116 23.15 28.56 -41.03
C VAL D 116 24.06 28.24 -42.22
N THR D 117 24.42 29.26 -42.97
CA THR D 117 25.26 29.12 -44.15
C THR D 117 26.61 29.80 -43.89
N VAL D 118 27.69 29.03 -44.04
CA VAL D 118 29.05 29.53 -43.84
C VAL D 118 29.77 29.39 -45.18
N SER D 119 29.90 30.49 -45.90
CA SER D 119 30.55 30.49 -47.19
C SER D 119 31.39 31.76 -47.34
N SER D 120 32.41 31.68 -48.18
CA SER D 120 33.29 32.81 -48.43
C SER D 120 33.24 33.23 -49.90
N SER E 2 28.40 8.12 -39.85
CA SER E 2 27.23 7.38 -39.40
C SER E 2 27.63 6.05 -38.75
N VAL E 3 27.49 5.99 -37.42
CA VAL E 3 27.84 4.76 -36.70
C VAL E 3 26.89 3.63 -37.10
N LEU E 4 25.59 3.92 -37.17
CA LEU E 4 24.62 2.91 -37.57
C LEU E 4 24.56 2.81 -39.09
N THR E 5 24.20 1.62 -39.56
CA THR E 5 24.17 1.32 -40.99
C THR E 5 22.74 1.06 -41.44
N GLN E 6 22.32 1.75 -42.50
CA GLN E 6 20.99 1.59 -43.08
C GLN E 6 21.10 1.44 -44.59
N PRO E 7 20.14 0.77 -45.21
CA PRO E 7 20.12 0.68 -46.67
C PRO E 7 20.00 2.05 -47.30
N PRO E 8 20.67 2.30 -48.43
CA PRO E 8 20.58 3.62 -49.06
C PRO E 8 19.17 4.01 -49.49
N SER E 9 18.36 3.04 -49.93
CA SER E 9 17.01 3.33 -50.37
C SER E 9 16.19 2.05 -50.34
N VAL E 10 14.90 2.20 -50.04
CA VAL E 10 13.94 1.10 -50.02
C VAL E 10 12.73 1.51 -50.83
N SER E 11 12.29 0.63 -51.74
CA SER E 11 11.14 0.90 -52.59
C SER E 11 10.22 -0.32 -52.58
N GLY E 12 8.91 -0.04 -52.70
CA GLY E 12 7.93 -1.11 -52.70
C GLY E 12 6.62 -0.64 -53.30
N ALA E 13 5.82 -1.62 -53.72
CA ALA E 13 4.53 -1.32 -54.29
C ALA E 13 3.55 -0.85 -53.21
N PRO E 14 2.58 0.00 -53.58
CA PRO E 14 1.60 0.45 -52.59
C PRO E 14 0.79 -0.71 -52.02
N GLY E 15 0.47 -0.62 -50.73
CA GLY E 15 -0.30 -1.65 -50.07
C GLY E 15 0.49 -2.84 -49.58
N GLN E 16 1.79 -2.88 -49.82
CA GLN E 16 2.63 -3.99 -49.40
C GLN E 16 3.34 -3.64 -48.09
N ARG E 17 4.08 -4.61 -47.56
CA ARG E 17 4.82 -4.45 -46.31
C ARG E 17 6.31 -4.29 -46.63
N VAL E 18 6.90 -3.21 -46.12
CA VAL E 18 8.31 -2.92 -46.34
C VAL E 18 9.01 -2.87 -44.98
N THR E 19 10.29 -3.26 -44.98
CA THR E 19 11.09 -3.30 -43.77
C THR E 19 12.38 -2.51 -43.99
N ILE E 20 12.77 -1.76 -42.96
CA ILE E 20 14.02 -1.00 -42.95
C ILE E 20 14.89 -1.55 -41.84
N SER E 21 16.13 -1.89 -42.17
CA SER E 21 17.04 -2.54 -41.24
C SER E 21 18.05 -1.53 -40.70
N CYS E 22 18.22 -1.52 -39.39
CA CYS E 22 19.21 -0.68 -38.72
C CYS E 22 20.25 -1.59 -38.10
N THR E 23 21.52 -1.39 -38.46
CA THR E 23 22.61 -2.24 -38.02
C THR E 23 23.49 -1.48 -37.03
N GLY E 24 23.71 -2.08 -35.86
CA GLY E 24 24.56 -1.47 -34.86
C GLY E 24 25.70 -2.36 -34.44
N SER E 25 26.00 -2.39 -33.14
CA SER E 25 27.07 -3.22 -32.60
C SER E 25 26.77 -3.50 -31.14
N SER E 26 27.72 -4.11 -30.43
CA SER E 26 27.54 -4.39 -29.02
C SER E 26 27.44 -3.11 -28.21
N SER E 27 28.26 -2.11 -28.54
CA SER E 27 28.23 -0.85 -27.80
C SER E 27 26.96 -0.06 -28.09
N ASN E 28 26.46 -0.13 -29.32
CA ASN E 28 25.30 0.66 -29.70
C ASN E 28 24.00 -0.01 -29.27
N ILE E 29 23.71 -1.19 -29.81
CA ILE E 29 22.46 -1.87 -29.54
C ILE E 29 22.62 -3.08 -28.62
N GLY E 30 23.75 -3.78 -28.70
CA GLY E 30 23.97 -4.94 -27.85
C GLY E 30 24.12 -4.61 -26.38
N ALA E 31 24.35 -3.33 -26.05
CA ALA E 31 24.47 -2.90 -24.67
C ALA E 31 23.12 -2.66 -24.00
N GLY E 32 22.02 -2.75 -24.74
CA GLY E 32 20.70 -2.56 -24.19
C GLY E 32 20.07 -1.22 -24.46
N TYR E 33 20.72 -0.35 -25.24
CA TYR E 33 20.16 0.95 -25.54
C TYR E 33 18.98 0.81 -26.50
N ASP E 34 17.97 1.64 -26.30
CA ASP E 34 16.79 1.63 -27.14
C ASP E 34 17.09 2.22 -28.51
N VAL E 35 16.27 1.86 -29.50
CA VAL E 35 16.41 2.33 -30.88
C VAL E 35 15.19 3.17 -31.20
N TYR E 36 15.42 4.43 -31.61
CA TYR E 36 14.36 5.37 -31.92
C TYR E 36 14.31 5.62 -33.42
N TRP E 37 13.10 5.61 -33.98
CA TRP E 37 12.88 5.80 -35.40
C TRP E 37 12.23 7.16 -35.64
N TYR E 38 12.78 7.91 -36.58
CA TYR E 38 12.30 9.24 -36.92
C TYR E 38 11.91 9.31 -38.39
N GLN E 39 10.84 10.03 -38.68
CA GLN E 39 10.40 10.28 -40.05
C GLN E 39 10.50 11.77 -40.34
N GLN E 40 11.13 12.12 -41.46
CA GLN E 40 11.34 13.52 -41.83
C GLN E 40 10.80 13.74 -43.24
N LEU E 41 9.64 14.40 -43.32
CA LEU E 41 9.13 14.82 -44.62
C LEU E 41 10.03 15.92 -45.19
N PRO E 42 10.09 16.04 -46.52
CA PRO E 42 10.95 17.07 -47.13
C PRO E 42 10.56 18.47 -46.67
N GLY E 43 11.53 19.16 -46.07
CA GLY E 43 11.32 20.52 -45.61
C GLY E 43 10.66 20.66 -44.26
N THR E 44 10.50 19.57 -43.50
CA THR E 44 9.87 19.62 -42.19
C THR E 44 10.79 18.98 -41.16
N ALA E 45 10.44 19.16 -39.89
CA ALA E 45 11.20 18.60 -38.79
C ALA E 45 10.92 17.10 -38.64
N PRO E 46 11.90 16.35 -38.14
CA PRO E 46 11.68 14.90 -37.93
C PRO E 46 10.59 14.64 -36.91
N LYS E 47 9.88 13.52 -37.09
CA LYS E 47 8.82 13.10 -36.19
C LYS E 47 9.14 11.71 -35.67
N LEU E 48 9.01 11.53 -34.36
CA LEU E 48 9.36 10.26 -33.70
C LEU E 48 8.25 9.25 -33.93
N LEU E 49 8.48 8.32 -34.86
CA LEU E 49 7.48 7.29 -35.13
C LEU E 49 7.45 6.22 -34.04
N ILE E 50 8.61 5.77 -33.58
CA ILE E 50 8.71 4.69 -32.60
C ILE E 50 9.72 5.10 -31.52
N TYR E 51 9.32 4.96 -30.26
CA TYR E 51 10.21 5.20 -29.13
C TYR E 51 10.44 3.88 -28.38
N GLY E 52 11.41 3.90 -27.48
CA GLY E 52 11.79 2.68 -26.80
C GLY E 52 12.35 1.68 -27.79
N ASN E 53 11.81 0.47 -27.77
CA ASN E 53 12.15 -0.56 -28.73
C ASN E 53 11.01 -0.93 -29.65
N SER E 54 9.79 -1.04 -29.12
CA SER E 54 8.62 -1.36 -29.93
C SER E 54 7.41 -0.49 -29.62
N ASN E 55 7.47 0.36 -28.60
CA ASN E 55 6.34 1.20 -28.24
C ASN E 55 6.11 2.29 -29.28
N ARG E 56 4.87 2.79 -29.32
CA ARG E 56 4.47 3.78 -30.30
C ARG E 56 3.82 4.96 -29.60
N PRO E 57 4.23 6.19 -29.90
CA PRO E 57 3.58 7.36 -29.29
C PRO E 57 2.14 7.51 -29.77
N SER E 58 1.35 8.18 -28.95
CA SER E 58 -0.04 8.46 -29.31
C SER E 58 -0.10 9.38 -30.52
N GLY E 59 -1.11 9.18 -31.35
CA GLY E 59 -1.25 9.93 -32.58
C GLY E 59 -0.43 9.44 -33.73
N VAL E 60 0.14 8.24 -33.63
CA VAL E 60 0.95 7.64 -34.70
C VAL E 60 0.19 6.44 -35.24
N PRO E 61 0.07 6.29 -36.56
CA PRO E 61 -0.67 5.15 -37.12
C PRO E 61 -0.05 3.82 -36.71
N ASP E 62 -0.91 2.82 -36.54
CA ASP E 62 -0.46 1.49 -36.13
C ASP E 62 0.30 0.75 -37.23
N ARG E 63 0.32 1.29 -38.45
CA ARG E 63 1.05 0.63 -39.54
C ARG E 63 2.54 0.54 -39.24
N PHE E 64 3.09 1.51 -38.50
CA PHE E 64 4.51 1.49 -38.18
C PHE E 64 4.75 0.63 -36.95
N SER E 65 5.66 -0.33 -37.07
CA SER E 65 6.02 -1.21 -35.96
C SER E 65 7.53 -1.42 -35.96
N GLY E 66 8.08 -1.64 -34.77
CA GLY E 66 9.51 -1.84 -34.62
C GLY E 66 9.80 -3.04 -33.75
N SER E 67 10.98 -3.61 -33.97
CA SER E 67 11.42 -4.78 -33.22
C SER E 67 12.93 -4.74 -33.07
N LYS E 68 13.42 -5.41 -32.03
CA LYS E 68 14.84 -5.49 -31.72
C LYS E 68 15.26 -6.95 -31.64
N SER E 69 16.34 -7.29 -32.33
CA SER E 69 16.87 -8.65 -32.34
C SER E 69 18.39 -8.57 -32.36
N GLY E 70 19.02 -9.03 -31.28
CA GLY E 70 20.48 -8.99 -31.20
C GLY E 70 20.99 -7.56 -31.22
N THR E 71 21.92 -7.29 -32.14
CA THR E 71 22.52 -5.97 -32.28
C THR E 71 21.92 -5.19 -33.44
N SER E 72 20.78 -5.62 -33.97
CA SER E 72 20.13 -4.96 -35.09
C SER E 72 18.68 -4.70 -34.77
N ALA E 73 18.12 -3.69 -35.43
CA ALA E 73 16.72 -3.31 -35.26
C ALA E 73 16.08 -3.13 -36.62
N SER E 74 14.77 -3.35 -36.67
CA SER E 74 14.01 -3.28 -37.92
C SER E 74 12.74 -2.48 -37.72
N LEU E 75 12.38 -1.71 -38.75
CA LEU E 75 11.13 -0.96 -38.78
C LEU E 75 10.23 -1.53 -39.86
N ALA E 76 9.01 -1.90 -39.48
CA ALA E 76 8.07 -2.55 -40.38
C ALA E 76 6.85 -1.67 -40.58
N ILE E 77 6.46 -1.48 -41.84
CA ILE E 77 5.28 -0.70 -42.19
C ILE E 77 4.30 -1.66 -42.87
N THR E 78 3.20 -1.96 -42.17
CA THR E 78 2.22 -2.90 -42.72
C THR E 78 1.54 -2.33 -43.97
N GLY E 79 1.17 -1.06 -43.94
CA GLY E 79 0.52 -0.44 -45.07
C GLY E 79 1.34 0.68 -45.69
N LEU E 80 1.83 0.45 -46.92
CA LEU E 80 2.67 1.43 -47.61
C LEU E 80 1.76 2.43 -48.33
N GLN E 81 1.38 3.48 -47.61
CA GLN E 81 0.54 4.51 -48.17
C GLN E 81 1.37 5.47 -49.02
N ALA E 82 0.67 6.29 -49.81
CA ALA E 82 1.35 7.27 -50.67
C ALA E 82 1.93 8.43 -49.89
N GLU E 83 1.59 8.58 -48.61
CA GLU E 83 2.10 9.66 -47.78
C GLU E 83 3.33 9.26 -46.98
N ASP E 84 3.87 8.08 -47.22
CA ASP E 84 5.02 7.56 -46.48
C ASP E 84 6.35 7.85 -47.17
N GLU E 85 6.34 8.63 -48.26
CA GLU E 85 7.58 8.96 -48.96
C GLU E 85 8.38 9.98 -48.17
N ALA E 86 9.28 9.51 -47.30
CA ALA E 86 10.08 10.39 -46.47
C ALA E 86 11.32 9.63 -46.02
N ASP E 87 12.30 10.38 -45.50
CA ASP E 87 13.52 9.79 -44.99
C ASP E 87 13.29 9.22 -43.60
N TYR E 88 13.86 8.03 -43.35
CA TYR E 88 13.74 7.35 -42.08
C TYR E 88 15.12 7.19 -41.46
N TYR E 89 15.24 7.52 -40.18
CA TYR E 89 16.50 7.42 -39.45
C TYR E 89 16.27 6.61 -38.17
N CYS E 90 17.27 5.83 -37.80
CA CYS E 90 17.28 5.13 -36.53
C CYS E 90 18.33 5.75 -35.62
N GLN E 91 17.93 6.09 -34.40
CA GLN E 91 18.80 6.74 -33.43
C GLN E 91 18.87 5.89 -32.17
N SER E 92 20.08 5.75 -31.64
CA SER E 92 20.31 5.01 -30.40
C SER E 92 21.40 5.73 -29.61
N PHE E 93 21.92 5.05 -28.60
CA PHE E 93 23.00 5.59 -27.77
C PHE E 93 24.17 4.62 -27.79
N ASP E 94 25.37 5.18 -27.59
CA ASP E 94 26.61 4.40 -27.61
C ASP E 94 27.18 4.35 -26.20
N SER E 95 27.56 3.15 -25.75
CA SER E 95 28.23 3.02 -24.47
C SER E 95 29.55 3.78 -24.47
N SER E 96 30.32 3.68 -25.55
CA SER E 96 31.47 4.53 -25.73
C SER E 96 31.03 5.94 -26.08
N LEU E 97 32.01 6.85 -26.12
CA LEU E 97 31.78 8.27 -26.41
C LEU E 97 30.85 8.93 -25.39
N ARG E 98 30.74 8.33 -24.19
CA ARG E 98 30.03 8.91 -23.06
C ARG E 98 28.56 9.17 -23.39
N ASP E 99 27.87 8.08 -23.76
CA ASP E 99 26.41 8.09 -23.98
C ASP E 99 25.99 9.17 -24.98
N SER E 100 26.73 9.28 -26.07
CA SER E 100 26.41 10.23 -27.12
C SER E 100 25.42 9.62 -28.12
N TRP E 101 24.61 10.48 -28.71
CA TRP E 101 23.64 10.02 -29.71
C TRP E 101 24.34 9.54 -30.97
N VAL E 102 23.82 8.46 -31.55
CA VAL E 102 24.32 7.93 -32.81
C VAL E 102 23.14 7.81 -33.78
N PHE E 103 23.32 8.29 -35.00
CA PHE E 103 22.29 8.28 -36.01
C PHE E 103 22.69 7.39 -37.17
N GLY E 104 21.69 6.85 -37.87
CA GLY E 104 21.94 6.04 -39.04
C GLY E 104 22.23 6.89 -40.26
N GLY E 105 22.60 6.20 -41.35
CA GLY E 105 22.93 6.90 -42.58
C GLY E 105 21.72 7.61 -43.19
N GLY E 106 20.54 7.02 -43.06
CA GLY E 106 19.34 7.59 -43.62
C GLY E 106 18.78 6.78 -44.77
N THR E 107 17.54 6.31 -44.63
CA THR E 107 16.88 5.50 -45.65
C THR E 107 15.74 6.29 -46.28
N LYS E 108 15.76 6.40 -47.60
CA LYS E 108 14.72 7.08 -48.35
C LYS E 108 13.72 6.06 -48.87
N LEU E 109 12.44 6.31 -48.60
CA LEU E 109 11.37 5.40 -48.99
C LEU E 109 10.62 5.97 -50.18
N THR E 110 10.52 5.19 -51.25
CA THR E 110 9.82 5.59 -52.46
C THR E 110 8.68 4.62 -52.71
N VAL E 111 7.48 5.15 -52.91
CA VAL E 111 6.30 4.33 -53.15
C VAL E 111 6.12 4.15 -54.65
N LEU E 112 6.01 2.90 -55.08
CA LEU E 112 5.85 2.59 -56.50
C LEU E 112 4.40 2.80 -56.93
N GLN F 1 40.65 -25.82 3.91
CA GLN F 1 40.73 -26.67 2.72
C GLN F 1 39.71 -27.80 2.80
N VAL F 2 38.89 -27.92 1.76
CA VAL F 2 37.88 -28.96 1.70
C VAL F 2 38.53 -30.27 1.28
N GLN F 3 38.33 -31.32 2.07
CA GLN F 3 38.88 -32.64 1.80
C GLN F 3 37.80 -33.69 1.96
N LEU F 4 37.74 -34.62 1.02
CA LEU F 4 36.79 -35.73 1.06
C LEU F 4 37.58 -37.03 1.05
N GLN F 5 37.35 -37.88 2.04
CA GLN F 5 38.05 -39.14 2.20
C GLN F 5 37.05 -40.29 2.11
N GLN F 6 37.38 -41.29 1.30
CA GLN F 6 36.54 -42.46 1.10
C GLN F 6 37.26 -43.71 1.62
N SER F 7 36.58 -44.84 1.55
CA SER F 7 37.13 -46.11 1.98
C SER F 7 38.04 -46.69 0.90
N GLY F 8 38.70 -47.81 1.23
CA GLY F 8 39.60 -48.46 0.31
C GLY F 8 38.89 -49.42 -0.62
N THR F 9 39.71 -50.10 -1.44
CA THR F 9 39.18 -51.07 -2.39
C THR F 9 38.51 -52.23 -1.66
N GLU F 10 37.31 -52.60 -2.11
CA GLU F 10 36.53 -53.67 -1.50
C GLU F 10 36.08 -54.65 -2.57
N LEU F 11 36.29 -55.93 -2.33
CA LEU F 11 35.87 -56.99 -3.23
C LEU F 11 34.67 -57.71 -2.63
N VAL F 12 33.63 -57.93 -3.45
CA VAL F 12 32.39 -58.52 -3.00
C VAL F 12 32.03 -59.72 -3.87
N LYS F 13 31.17 -60.57 -3.32
CA LYS F 13 30.68 -61.73 -4.05
C LYS F 13 29.68 -61.31 -5.12
N PRO F 14 29.42 -62.18 -6.10
CA PRO F 14 28.40 -61.84 -7.11
C PRO F 14 27.03 -61.56 -6.53
N GLY F 15 26.70 -62.12 -5.38
CA GLY F 15 25.50 -61.74 -4.67
C GLY F 15 25.78 -61.33 -3.24
N ALA F 16 25.59 -60.05 -2.94
CA ALA F 16 25.88 -59.49 -1.62
C ALA F 16 25.39 -58.05 -1.60
N SER F 17 25.55 -57.41 -0.44
CA SER F 17 25.26 -55.99 -0.26
C SER F 17 26.48 -55.32 0.33
N VAL F 18 26.83 -54.15 -0.19
CA VAL F 18 28.02 -53.43 0.23
C VAL F 18 27.64 -51.98 0.54
N LYS F 19 28.46 -51.35 1.38
CA LYS F 19 28.28 -49.96 1.77
C LYS F 19 29.60 -49.22 1.64
N LEU F 20 29.54 -48.01 1.07
CA LEU F 20 30.71 -47.17 0.88
C LEU F 20 30.61 -45.94 1.78
N SER F 21 31.78 -45.40 2.13
CA SER F 21 31.87 -44.29 3.05
C SER F 21 32.51 -43.08 2.37
N CYS F 22 32.13 -41.89 2.82
CA CYS F 22 32.67 -40.64 2.28
C CYS F 22 32.75 -39.65 3.44
N LYS F 23 33.95 -39.42 3.94
CA LYS F 23 34.18 -38.52 5.07
C LYS F 23 34.64 -37.16 4.55
N ALA F 24 33.95 -36.11 4.97
CA ALA F 24 34.24 -34.76 4.54
C ALA F 24 34.62 -33.89 5.72
N SER F 25 35.52 -32.93 5.48
CA SER F 25 35.98 -32.03 6.52
C SER F 25 36.37 -30.70 5.89
N GLY F 26 36.41 -29.66 6.72
CA GLY F 26 36.80 -28.34 6.29
C GLY F 26 35.67 -27.41 5.91
N TYR F 27 34.41 -27.82 6.11
CA TYR F 27 33.28 -26.98 5.78
C TYR F 27 32.07 -27.46 6.56
N THR F 28 31.04 -26.62 6.60
CA THR F 28 29.78 -26.98 7.25
C THR F 28 29.11 -28.09 6.46
N PHE F 29 29.06 -29.30 7.04
CA PHE F 29 28.60 -30.47 6.31
C PHE F 29 27.13 -30.35 5.92
N THR F 30 26.30 -29.82 6.81
CA THR F 30 24.86 -29.78 6.58
C THR F 30 24.44 -28.71 5.59
N SER F 31 25.33 -27.80 5.20
CA SER F 31 24.96 -26.69 4.31
C SER F 31 25.23 -26.98 2.84
N TYR F 32 25.73 -28.16 2.50
CA TYR F 32 26.03 -28.51 1.11
C TYR F 32 25.52 -29.91 0.81
N TRP F 33 25.01 -30.10 -0.40
CA TRP F 33 24.56 -31.40 -0.86
C TRP F 33 25.74 -32.30 -1.18
N MET F 34 25.50 -33.61 -1.10
CA MET F 34 26.50 -34.62 -1.41
C MET F 34 26.03 -35.44 -2.60
N HIS F 35 26.87 -35.56 -3.62
CA HIS F 35 26.55 -36.26 -4.84
C HIS F 35 27.47 -37.46 -5.02
N TRP F 36 26.94 -38.51 -5.65
CA TRP F 36 27.70 -39.73 -5.95
C TRP F 36 27.73 -39.93 -7.45
N VAL F 37 28.92 -40.23 -7.98
CA VAL F 37 29.15 -40.41 -9.40
C VAL F 37 29.81 -41.76 -9.63
N LYS F 38 29.29 -42.53 -10.57
CA LYS F 38 29.83 -43.83 -10.93
C LYS F 38 30.51 -43.74 -12.29
N GLN F 39 31.70 -44.32 -12.39
CA GLN F 39 32.48 -44.30 -13.63
C GLN F 39 32.96 -45.71 -13.93
N ARG F 40 32.42 -46.32 -14.97
CA ARG F 40 32.91 -47.62 -15.43
C ARG F 40 34.31 -47.46 -16.00
N PRO F 41 35.14 -48.51 -15.91
CA PRO F 41 36.49 -48.43 -16.48
C PRO F 41 36.45 -48.25 -17.98
N GLY F 42 37.09 -47.19 -18.46
CA GLY F 42 37.09 -46.87 -19.87
C GLY F 42 35.81 -46.21 -20.38
N GLN F 43 34.94 -45.77 -19.48
CA GLN F 43 33.68 -45.13 -19.86
C GLN F 43 33.61 -43.74 -19.24
N GLY F 44 32.43 -43.10 -19.38
CA GLY F 44 32.22 -41.76 -18.89
C GLY F 44 31.74 -41.75 -17.45
N LEU F 45 31.27 -40.57 -17.03
CA LEU F 45 30.80 -40.35 -15.68
C LEU F 45 29.27 -40.49 -15.64
N GLU F 46 28.78 -41.26 -14.67
CA GLU F 46 27.35 -41.48 -14.50
C GLU F 46 26.92 -40.96 -13.14
N TRP F 47 25.90 -40.12 -13.13
CA TRP F 47 25.39 -39.54 -11.89
C TRP F 47 24.42 -40.51 -11.23
N ILE F 48 24.66 -40.82 -9.96
CA ILE F 48 23.84 -41.78 -9.23
C ILE F 48 22.70 -41.06 -8.53
N GLY F 49 23.03 -40.16 -7.62
CA GLY F 49 22.01 -39.44 -6.88
C GLY F 49 22.64 -38.43 -5.94
N GLU F 50 21.77 -37.71 -5.24
CA GLU F 50 22.19 -36.67 -4.32
C GLU F 50 21.44 -36.83 -3.00
N ILE F 51 22.14 -36.51 -1.90
CA ILE F 51 21.58 -36.59 -0.57
C ILE F 51 21.84 -35.26 0.14
N ASN F 52 20.80 -34.72 0.78
CA ASN F 52 20.92 -33.47 1.52
C ASN F 52 21.09 -33.78 2.99
N PRO F 53 22.22 -33.41 3.61
CA PRO F 53 22.38 -33.67 5.05
C PRO F 53 21.34 -32.98 5.90
N ARG F 54 20.76 -31.88 5.42
CA ARG F 54 19.71 -31.16 6.12
C ARG F 54 18.35 -31.64 5.63
N ASN F 55 17.47 -32.00 6.57
CA ASN F 55 16.11 -32.47 6.30
C ASN F 55 16.12 -33.84 5.64
N GLY F 56 17.29 -34.39 5.36
CA GLY F 56 17.41 -35.74 4.85
C GLY F 56 16.85 -35.97 3.47
N ARG F 57 16.57 -34.90 2.73
CA ARG F 57 16.00 -35.05 1.39
C ARG F 57 17.00 -35.70 0.45
N THR F 58 16.52 -36.64 -0.36
CA THR F 58 17.37 -37.39 -1.27
C THR F 58 16.71 -37.47 -2.64
N ASP F 59 17.55 -37.63 -3.67
CA ASP F 59 17.09 -37.78 -5.03
C ASP F 59 17.98 -38.79 -5.74
N PHE F 60 17.41 -39.51 -6.70
CA PHE F 60 18.12 -40.56 -7.41
C PHE F 60 17.85 -40.45 -8.91
N SER F 61 18.80 -40.96 -9.69
CA SER F 61 18.61 -41.07 -11.12
C SER F 61 17.67 -42.21 -11.44
N GLU F 62 17.16 -42.21 -12.68
CA GLU F 62 16.19 -43.23 -13.08
C GLU F 62 16.82 -44.62 -13.07
N LYS F 63 18.08 -44.73 -13.52
CA LYS F 63 18.72 -46.04 -13.58
C LYS F 63 19.08 -46.56 -12.20
N PHE F 64 19.27 -45.67 -11.21
CA PHE F 64 19.66 -46.06 -9.86
C PHE F 64 18.55 -45.78 -8.85
N LYS F 65 17.30 -45.97 -9.27
CA LYS F 65 16.18 -45.71 -8.36
C LYS F 65 16.19 -46.69 -7.18
N SER F 66 16.46 -47.97 -7.43
CA SER F 66 16.41 -48.99 -6.40
C SER F 66 17.75 -49.63 -6.11
N LYS F 67 18.76 -49.40 -6.94
CA LYS F 67 20.05 -50.05 -6.73
C LYS F 67 20.82 -49.45 -5.56
N ALA F 68 20.63 -48.15 -5.31
CA ALA F 68 21.42 -47.46 -4.30
C ALA F 68 20.49 -46.71 -3.34
N THR F 69 20.94 -46.61 -2.09
CA THR F 69 20.28 -45.82 -1.06
C THR F 69 21.32 -44.94 -0.38
N LEU F 70 20.94 -43.69 -0.10
CA LEU F 70 21.85 -42.70 0.44
C LEU F 70 21.47 -42.37 1.87
N THR F 71 22.46 -42.43 2.77
CA THR F 71 22.29 -42.06 4.16
C THR F 71 23.48 -41.23 4.60
N VAL F 72 23.25 -40.36 5.60
CA VAL F 72 24.29 -39.49 6.12
C VAL F 72 24.26 -39.54 7.64
N ASP F 73 25.39 -39.20 8.25
CA ASP F 73 25.53 -39.09 9.70
C ASP F 73 26.02 -37.70 10.03
N THR F 74 25.14 -36.88 10.61
CA THR F 74 25.49 -35.49 10.90
C THR F 74 26.61 -35.39 11.94
N SER F 75 26.58 -36.26 12.95
CA SER F 75 27.57 -36.19 14.02
C SER F 75 28.98 -36.44 13.50
N SER F 76 29.14 -37.43 12.63
CA SER F 76 30.45 -37.76 12.08
C SER F 76 30.73 -37.07 10.75
N SER F 77 29.76 -36.32 10.21
CA SER F 77 29.91 -35.63 8.94
C SER F 77 30.35 -36.59 7.83
N THR F 78 29.69 -37.75 7.78
CA THR F 78 30.02 -38.80 6.83
C THR F 78 28.77 -39.19 6.05
N ALA F 79 28.94 -39.42 4.75
CA ALA F 79 27.86 -39.84 3.87
C ALA F 79 28.09 -41.29 3.45
N PHE F 80 27.01 -42.08 3.46
CA PHE F 80 27.06 -43.49 3.15
C PHE F 80 26.13 -43.81 1.98
N ILE F 81 26.59 -44.67 1.09
CA ILE F 81 25.78 -45.20 -0.01
C ILE F 81 25.79 -46.71 0.09
N GLN F 82 24.60 -47.32 0.02
CA GLN F 82 24.44 -48.76 0.15
C GLN F 82 23.99 -49.34 -1.19
N LEU F 83 24.72 -50.33 -1.68
CA LEU F 83 24.43 -50.99 -2.95
C LEU F 83 23.91 -52.40 -2.67
N SER F 84 22.81 -52.76 -3.33
CA SER F 84 22.19 -54.07 -3.17
C SER F 84 22.26 -54.84 -4.48
N SER F 85 22.51 -56.14 -4.37
CA SER F 85 22.59 -57.05 -5.52
C SER F 85 23.66 -56.57 -6.52
N LEU F 86 24.91 -56.57 -6.06
CA LEU F 86 26.04 -56.13 -6.87
C LEU F 86 26.28 -57.15 -7.98
N THR F 87 25.84 -56.83 -9.20
CA THR F 87 26.01 -57.73 -10.34
C THR F 87 27.41 -57.57 -10.91
N SER F 88 27.66 -58.19 -12.06
CA SER F 88 28.98 -58.12 -12.68
C SER F 88 29.25 -56.77 -13.33
N GLU F 89 28.20 -56.00 -13.64
CA GLU F 89 28.36 -54.70 -14.26
C GLU F 89 28.45 -53.57 -13.24
N ASP F 90 28.42 -53.88 -11.95
CA ASP F 90 28.54 -52.88 -10.90
C ASP F 90 29.98 -52.63 -10.48
N SER F 91 30.95 -53.29 -11.09
CA SER F 91 32.36 -53.09 -10.77
C SER F 91 32.82 -51.82 -11.45
N ALA F 92 32.93 -50.74 -10.67
CA ALA F 92 33.30 -49.44 -11.21
C ALA F 92 33.89 -48.60 -10.08
N VAL F 93 34.47 -47.46 -10.47
CA VAL F 93 35.05 -46.52 -9.52
C VAL F 93 33.96 -45.52 -9.12
N TYR F 94 33.75 -45.38 -7.82
CA TYR F 94 32.71 -44.51 -7.28
C TYR F 94 33.36 -43.30 -6.62
N TYR F 95 32.85 -42.12 -6.96
CA TYR F 95 33.32 -40.86 -6.39
C TYR F 95 32.17 -40.19 -5.63
N CYS F 96 32.53 -39.46 -4.57
CA CYS F 96 31.60 -38.58 -3.89
C CYS F 96 32.08 -37.15 -4.05
N ALA F 97 31.18 -36.26 -4.49
CA ALA F 97 31.51 -34.87 -4.74
C ALA F 97 30.54 -33.97 -3.98
N ARG F 98 31.00 -32.76 -3.68
CA ARG F 98 30.21 -31.79 -2.94
C ARG F 98 29.57 -30.81 -3.92
N TRP F 99 28.26 -30.64 -3.80
CA TRP F 99 27.56 -29.65 -4.60
C TRP F 99 27.93 -28.25 -4.10
N GLY F 100 28.33 -27.38 -5.02
CA GLY F 100 28.87 -26.09 -4.66
C GLY F 100 27.82 -25.13 -4.15
N TYR F 101 28.30 -23.96 -3.71
CA TYR F 101 27.40 -22.91 -3.22
C TYR F 101 26.45 -22.47 -4.32
N TYR F 102 26.95 -22.31 -5.54
CA TYR F 102 26.12 -22.01 -6.70
C TYR F 102 25.81 -23.25 -7.54
N GLY F 103 26.25 -24.42 -7.11
CA GLY F 103 25.89 -25.66 -7.78
C GLY F 103 26.95 -26.28 -8.65
N SER F 104 28.20 -26.28 -8.20
CA SER F 104 29.30 -26.85 -8.97
C SER F 104 29.97 -27.95 -8.16
N SER F 105 30.28 -29.07 -8.83
CA SER F 105 31.03 -30.16 -8.20
C SER F 105 32.50 -29.76 -8.12
N ASP F 106 32.77 -28.82 -7.22
CA ASP F 106 34.09 -28.23 -7.13
C ASP F 106 35.10 -29.18 -6.48
N TYR F 107 34.67 -29.93 -5.48
CA TYR F 107 35.55 -30.82 -4.73
C TYR F 107 35.13 -32.27 -4.92
N TRP F 108 36.10 -33.12 -5.22
CA TRP F 108 35.87 -34.54 -5.44
C TRP F 108 36.76 -35.36 -4.52
N GLY F 109 36.26 -36.53 -4.14
CA GLY F 109 37.06 -37.47 -3.38
C GLY F 109 37.76 -38.49 -4.26
N GLN F 110 38.76 -39.15 -3.70
CA GLN F 110 39.48 -40.17 -4.45
C GLN F 110 38.58 -41.37 -4.71
N GLY F 111 38.88 -42.08 -5.79
CA GLY F 111 38.02 -43.18 -6.21
C GLY F 111 38.08 -44.36 -5.26
N THR F 112 37.01 -45.15 -5.28
CA THR F 112 36.90 -46.36 -4.47
C THR F 112 36.49 -47.51 -5.38
N ALA F 113 37.43 -48.40 -5.68
CA ALA F 113 37.14 -49.54 -6.55
C ALA F 113 36.21 -50.52 -5.85
N LEU F 114 35.30 -51.12 -6.62
CA LEU F 114 34.35 -52.08 -6.08
C LEU F 114 34.44 -53.40 -6.85
N ALA F 137 12.26 -35.85 -22.29
CA ALA F 137 11.24 -35.75 -21.26
C ALA F 137 11.34 -34.44 -20.50
N SER F 138 11.33 -34.52 -19.17
CA SER F 138 11.42 -33.35 -18.32
C SER F 138 12.83 -33.12 -17.78
N ASP F 139 13.81 -33.87 -18.28
CA ASP F 139 15.19 -33.76 -17.83
C ASP F 139 16.04 -33.12 -18.91
N ILE F 140 16.89 -32.17 -18.49
CA ILE F 140 17.80 -31.50 -19.41
C ILE F 140 18.95 -32.45 -19.73
N VAL F 141 19.21 -32.65 -21.02
CA VAL F 141 20.26 -33.54 -21.49
C VAL F 141 21.33 -32.68 -22.14
N VAL F 142 22.57 -32.83 -21.67
CA VAL F 142 23.71 -32.12 -22.24
C VAL F 142 24.48 -33.09 -23.14
N THR F 143 24.68 -32.70 -24.39
CA THR F 143 25.34 -33.54 -25.37
C THR F 143 26.49 -32.77 -26.01
N GLN F 144 27.66 -33.39 -26.07
CA GLN F 144 28.81 -32.79 -26.72
C GLN F 144 28.85 -33.18 -28.19
N SER F 145 29.39 -32.27 -29.01
CA SER F 145 29.37 -32.47 -30.46
C SER F 145 30.20 -33.68 -30.87
N HIS F 146 31.40 -33.82 -30.31
CA HIS F 146 32.31 -34.87 -30.71
C HIS F 146 32.77 -35.65 -29.48
N LYS F 147 33.50 -36.73 -29.75
CA LYS F 147 34.10 -37.57 -28.71
C LYS F 147 35.61 -37.55 -28.72
N PHE F 148 36.22 -37.50 -29.90
CA PHE F 148 37.67 -37.42 -30.04
C PHE F 148 38.02 -36.20 -30.89
N MET F 149 38.98 -35.40 -30.40
CA MET F 149 39.45 -34.21 -31.10
C MET F 149 40.97 -34.24 -31.10
N SER F 150 41.54 -34.85 -32.15
CA SER F 150 42.99 -34.87 -32.29
C SER F 150 43.51 -33.48 -32.61
N THR F 151 44.64 -33.12 -31.98
CA THR F 151 45.22 -31.80 -32.17
C THR F 151 46.71 -31.87 -31.85
N SER F 152 47.44 -30.87 -32.31
CA SER F 152 48.87 -30.75 -32.10
C SER F 152 49.16 -29.63 -31.10
N VAL F 153 50.44 -29.47 -30.78
CA VAL F 153 50.86 -28.45 -29.83
C VAL F 153 50.77 -27.08 -30.48
N GLY F 154 50.20 -26.11 -29.76
CA GLY F 154 50.06 -24.76 -30.25
C GLY F 154 48.77 -24.46 -30.97
N ASP F 155 47.93 -25.46 -31.22
CA ASP F 155 46.67 -25.24 -31.90
C ASP F 155 45.62 -24.72 -30.92
N ARG F 156 44.50 -24.26 -31.48
CA ARG F 156 43.38 -23.74 -30.69
C ARG F 156 42.19 -24.66 -30.90
N VAL F 157 41.88 -25.46 -29.89
CA VAL F 157 40.79 -26.42 -29.95
C VAL F 157 39.58 -25.86 -29.21
N SER F 158 38.38 -26.21 -29.69
CA SER F 158 37.14 -25.75 -29.10
C SER F 158 36.22 -26.94 -28.87
N ILE F 159 35.58 -26.97 -27.70
CA ILE F 159 34.64 -28.02 -27.33
C ILE F 159 33.27 -27.39 -27.17
N THR F 160 32.27 -27.97 -27.83
CA THR F 160 30.92 -27.43 -27.84
C THR F 160 30.00 -28.33 -27.02
N CYS F 161 29.24 -27.71 -26.12
CA CYS F 161 28.26 -28.40 -25.29
C CYS F 161 26.88 -27.88 -25.63
N LYS F 162 25.94 -28.78 -25.86
CA LYS F 162 24.58 -28.44 -26.28
C LYS F 162 23.60 -28.86 -25.18
N ALA F 163 22.68 -27.97 -24.85
CA ALA F 163 21.66 -28.22 -23.83
C ALA F 163 20.29 -28.30 -24.47
N SER F 164 19.51 -29.30 -24.07
CA SER F 164 18.18 -29.47 -24.64
C SER F 164 17.26 -28.31 -24.31
N GLN F 165 17.29 -27.84 -23.07
CA GLN F 165 16.46 -26.73 -22.62
C GLN F 165 17.32 -25.49 -22.41
N ASP F 166 16.69 -24.44 -21.90
CA ASP F 166 17.35 -23.15 -21.72
C ASP F 166 17.99 -23.10 -20.33
N VAL F 167 19.32 -23.02 -20.29
CA VAL F 167 20.07 -22.77 -19.07
C VAL F 167 20.81 -21.46 -19.25
N SER F 168 20.64 -20.54 -18.29
CA SER F 168 21.14 -19.18 -18.47
C SER F 168 22.65 -19.14 -18.64
N VAL F 169 23.39 -19.47 -17.58
CA VAL F 169 24.84 -19.55 -17.65
C VAL F 169 25.33 -20.80 -16.93
N ALA F 170 24.42 -21.53 -16.30
CA ALA F 170 24.78 -22.60 -15.37
C ALA F 170 25.27 -23.82 -16.16
N VAL F 171 26.53 -23.74 -16.60
CA VAL F 171 27.21 -24.86 -17.23
C VAL F 171 28.63 -24.92 -16.68
N ALA F 172 29.04 -26.10 -16.23
CA ALA F 172 30.35 -26.31 -15.64
C ALA F 172 31.17 -27.27 -16.49
N TRP F 173 32.49 -27.06 -16.50
CA TRP F 173 33.40 -27.87 -17.28
C TRP F 173 34.36 -28.59 -16.34
N TYR F 174 34.56 -29.89 -16.57
CA TYR F 174 35.39 -30.73 -15.73
C TYR F 174 36.48 -31.38 -16.57
N GLN F 175 37.66 -31.52 -16.00
CA GLN F 175 38.79 -32.18 -16.63
C GLN F 175 39.20 -33.39 -15.80
N GLN F 176 39.31 -34.55 -16.44
CA GLN F 176 39.71 -35.77 -15.79
C GLN F 176 40.86 -36.40 -16.56
N LYS F 177 42.00 -36.56 -15.91
CA LYS F 177 43.15 -37.23 -16.52
C LYS F 177 43.15 -38.70 -16.12
N THR F 178 44.07 -39.45 -16.72
CA THR F 178 44.16 -40.89 -16.49
C THR F 178 44.59 -41.16 -15.06
N GLY F 179 43.78 -41.91 -14.32
CA GLY F 179 44.09 -42.29 -12.96
C GLY F 179 43.80 -41.24 -11.91
N GLN F 180 43.15 -40.14 -12.28
CA GLN F 180 42.87 -39.06 -11.34
C GLN F 180 41.39 -38.71 -11.37
N SER F 181 40.92 -38.17 -10.25
CA SER F 181 39.52 -37.75 -10.15
C SER F 181 39.27 -36.51 -11.00
N PRO F 182 38.03 -36.30 -11.43
CA PRO F 182 37.72 -35.11 -12.23
C PRO F 182 37.99 -33.82 -11.46
N LYS F 183 38.41 -32.80 -12.19
CA LYS F 183 38.74 -31.50 -11.63
C LYS F 183 37.92 -30.42 -12.32
N LEU F 184 37.28 -29.56 -11.53
CA LEU F 184 36.50 -28.47 -12.08
C LEU F 184 37.42 -27.36 -12.59
N LEU F 185 37.13 -26.85 -13.78
CA LEU F 185 37.89 -25.77 -14.38
C LEU F 185 37.08 -24.50 -14.57
N ILE F 186 35.91 -24.60 -15.21
CA ILE F 186 35.06 -23.46 -15.49
C ILE F 186 33.68 -23.74 -14.91
N TYR F 187 33.15 -22.78 -14.16
CA TYR F 187 31.79 -22.85 -13.66
C TYR F 187 31.05 -21.58 -14.04
N SER F 188 29.72 -21.69 -14.16
CA SER F 188 28.86 -20.64 -14.69
C SER F 188 29.24 -20.26 -16.12
N ALA F 189 29.97 -21.15 -16.81
CA ALA F 189 30.30 -21.07 -18.22
C ALA F 189 31.28 -19.94 -18.54
N SER F 190 31.53 -19.05 -17.57
CA SER F 190 32.48 -17.97 -17.80
C SER F 190 33.54 -17.91 -16.71
N TYR F 191 33.15 -18.22 -15.48
CA TYR F 191 34.06 -18.04 -14.34
C TYR F 191 35.12 -19.13 -14.34
N ARG F 192 36.35 -18.74 -14.03
CA ARG F 192 37.49 -19.65 -14.01
C ARG F 192 37.92 -19.90 -12.57
N ILE F 193 38.12 -21.17 -12.22
CA ILE F 193 38.59 -21.53 -10.89
C ILE F 193 40.01 -21.00 -10.71
N THR F 194 40.28 -20.46 -9.51
CA THR F 194 41.61 -19.96 -9.21
C THR F 194 42.64 -21.08 -9.27
N GLY F 195 43.79 -20.79 -9.86
CA GLY F 195 44.83 -21.77 -10.07
C GLY F 195 44.80 -22.44 -11.43
N VAL F 196 43.67 -22.38 -12.12
CA VAL F 196 43.59 -22.95 -13.48
C VAL F 196 44.36 -22.06 -14.44
N PRO F 197 45.16 -22.63 -15.34
CA PRO F 197 45.90 -21.79 -16.30
C PRO F 197 44.97 -20.95 -17.16
N ASP F 198 45.45 -19.76 -17.53
CA ASP F 198 44.66 -18.83 -18.30
C ASP F 198 44.38 -19.31 -19.72
N ARG F 199 45.06 -20.36 -20.17
CA ARG F 199 44.80 -20.90 -21.50
C ARG F 199 43.38 -21.45 -21.64
N PHE F 200 42.76 -21.85 -20.54
CA PHE F 200 41.39 -22.37 -20.57
C PHE F 200 40.41 -21.22 -20.47
N THR F 201 39.52 -21.11 -21.45
CA THR F 201 38.53 -20.04 -21.50
C THR F 201 37.19 -20.62 -21.91
N GLY F 202 36.13 -20.17 -21.26
CA GLY F 202 34.79 -20.63 -21.58
C GLY F 202 33.85 -19.46 -21.81
N SER F 203 32.87 -19.69 -22.67
CA SER F 203 31.86 -18.68 -22.99
C SER F 203 30.62 -19.39 -23.52
N GLY F 204 29.52 -18.64 -23.54
CA GLY F 204 28.27 -19.15 -24.06
C GLY F 204 27.08 -18.91 -23.16
N SER F 205 25.88 -18.95 -23.73
CA SER F 205 24.66 -18.74 -22.97
C SER F 205 23.51 -19.39 -23.73
N GLY F 206 22.41 -19.61 -23.00
CA GLY F 206 21.23 -20.22 -23.61
C GLY F 206 21.34 -21.73 -23.74
N THR F 207 21.53 -22.20 -24.96
CA THR F 207 21.63 -23.64 -25.22
C THR F 207 22.97 -24.07 -25.81
N ASP F 208 23.79 -23.13 -26.28
CA ASP F 208 25.07 -23.44 -26.88
C ASP F 208 26.19 -22.84 -26.03
N PHE F 209 27.14 -23.69 -25.64
CA PHE F 209 28.27 -23.28 -24.82
C PHE F 209 29.56 -23.82 -25.44
N THR F 210 30.63 -23.04 -25.34
CA THR F 210 31.91 -23.38 -25.94
C THR F 210 33.02 -23.33 -24.91
N PHE F 211 33.92 -24.31 -24.96
CA PHE F 211 35.11 -24.35 -24.12
C PHE F 211 36.32 -24.39 -25.04
N THR F 212 37.15 -23.35 -24.95
CA THR F 212 38.28 -23.18 -25.86
C THR F 212 39.59 -23.12 -25.08
N ILE F 213 40.64 -23.65 -25.70
CA ILE F 213 42.00 -23.60 -25.17
C ILE F 213 42.84 -22.78 -26.14
N SER F 214 43.43 -21.69 -25.65
CA SER F 214 44.22 -20.82 -26.51
C SER F 214 45.44 -21.53 -27.06
N SER F 215 46.16 -22.28 -26.22
CA SER F 215 47.36 -22.99 -26.64
C SER F 215 47.32 -24.37 -26.01
N VAL F 216 47.25 -25.41 -26.85
CA VAL F 216 47.20 -26.78 -26.36
C VAL F 216 48.63 -27.27 -26.13
N GLN F 217 48.92 -27.68 -24.89
CA GLN F 217 50.22 -28.20 -24.52
C GLN F 217 50.16 -29.72 -24.40
N ALA F 218 51.29 -30.31 -24.00
CA ALA F 218 51.36 -31.76 -23.84
C ALA F 218 50.66 -32.26 -22.59
N GLU F 219 50.36 -31.38 -21.64
CA GLU F 219 49.67 -31.76 -20.41
C GLU F 219 48.16 -31.58 -20.48
N ASP F 220 47.63 -31.16 -21.63
CA ASP F 220 46.21 -30.93 -21.80
C ASP F 220 45.47 -32.14 -22.34
N MET F 221 46.15 -33.26 -22.54
CA MET F 221 45.51 -34.47 -23.06
C MET F 221 44.73 -35.13 -21.93
N ALA F 222 43.40 -35.06 -22.01
CA ALA F 222 42.53 -35.62 -20.99
C ALA F 222 41.11 -35.70 -21.57
N VAL F 223 40.15 -36.03 -20.72
CA VAL F 223 38.74 -36.11 -21.11
C VAL F 223 38.00 -34.96 -20.44
N TYR F 224 37.25 -34.21 -21.21
CA TYR F 224 36.54 -33.03 -20.73
C TYR F 224 35.04 -33.26 -20.77
N TYR F 225 34.36 -32.88 -19.69
CA TYR F 225 32.93 -33.05 -19.54
C TYR F 225 32.26 -31.71 -19.26
N CYS F 226 31.01 -31.57 -19.69
CA CYS F 226 30.20 -30.41 -19.38
C CYS F 226 28.96 -30.85 -18.63
N GLN F 227 28.63 -30.14 -17.55
CA GLN F 227 27.47 -30.44 -16.72
C GLN F 227 26.71 -29.15 -16.44
N GLN F 228 25.40 -29.19 -16.64
CA GLN F 228 24.54 -28.05 -16.33
C GLN F 228 24.07 -28.13 -14.89
N HIS F 229 23.89 -26.97 -14.26
CA HIS F 229 23.45 -26.88 -12.88
C HIS F 229 22.35 -25.82 -12.74
N TYR F 230 21.33 -25.91 -13.57
CA TYR F 230 20.21 -24.97 -13.56
C TYR F 230 18.90 -25.73 -13.36
N SER F 231 18.43 -25.78 -12.12
CA SER F 231 17.04 -26.11 -11.77
C SER F 231 16.66 -27.58 -11.96
N THR F 232 17.55 -28.41 -12.50
CA THR F 232 17.18 -29.80 -12.79
C THR F 232 17.83 -30.75 -11.80
N PRO F 233 17.06 -31.41 -10.94
CA PRO F 233 17.64 -32.36 -9.98
C PRO F 233 18.43 -33.47 -10.67
N PRO F 234 18.05 -33.93 -11.88
CA PRO F 234 18.94 -34.86 -12.59
C PRO F 234 20.16 -34.17 -13.17
N TRP F 235 21.20 -33.97 -12.37
CA TRP F 235 22.43 -33.32 -12.82
C TRP F 235 23.25 -34.34 -13.60
N THR F 236 22.98 -34.43 -14.90
CA THR F 236 23.65 -35.40 -15.77
C THR F 236 24.90 -34.78 -16.39
N PHE F 237 25.95 -35.58 -16.49
CA PHE F 237 27.18 -35.15 -17.11
C PHE F 237 27.11 -35.31 -18.63
N GLY F 238 28.08 -34.70 -19.32
CA GLY F 238 28.19 -34.81 -20.75
C GLY F 238 28.82 -36.13 -21.16
N GLY F 239 28.86 -36.34 -22.49
CA GLY F 239 29.42 -37.56 -23.03
C GLY F 239 30.93 -37.65 -22.94
N GLY F 240 31.61 -36.51 -22.82
CA GLY F 240 33.05 -36.50 -22.72
C GLY F 240 33.71 -36.25 -24.07
N THR F 241 34.94 -35.75 -24.02
CA THR F 241 35.73 -35.48 -25.21
C THR F 241 37.20 -35.71 -24.90
N LYS F 242 37.79 -36.68 -25.59
CA LYS F 242 39.19 -37.04 -25.39
C LYS F 242 40.06 -36.35 -26.44
N LEU F 243 41.15 -35.74 -25.99
CA LEU F 243 42.08 -35.08 -26.90
C LEU F 243 43.23 -36.00 -27.26
N VAL G 2 -1.67 30.28 -18.01
CA VAL G 2 -2.30 31.02 -16.93
C VAL G 2 -2.08 32.52 -17.12
N GLN G 3 -3.14 33.30 -16.97
CA GLN G 3 -3.06 34.74 -17.15
C GLN G 3 -4.23 35.40 -16.44
N LEU G 4 -3.98 36.55 -15.83
CA LEU G 4 -5.01 37.35 -15.18
C LEU G 4 -5.04 38.73 -15.80
N VAL G 5 -6.23 39.18 -16.19
CA VAL G 5 -6.42 40.47 -16.84
C VAL G 5 -7.34 41.31 -15.96
N GLU G 6 -6.92 42.54 -15.68
CA GLU G 6 -7.65 43.44 -14.79
C GLU G 6 -8.19 44.62 -15.57
N SER G 7 -9.37 45.10 -15.15
CA SER G 7 -10.00 46.24 -15.79
C SER G 7 -10.99 46.87 -14.81
N GLY G 8 -11.37 48.10 -15.11
CA GLY G 8 -12.35 48.83 -14.32
C GLY G 8 -11.83 50.03 -13.55
N GLY G 9 -10.68 50.58 -13.92
CA GLY G 9 -10.11 51.72 -13.24
C GLY G 9 -10.41 53.03 -13.94
N GLY G 10 -10.47 54.10 -13.16
CA GLY G 10 -10.74 55.42 -13.70
C GLY G 10 -10.68 56.46 -12.61
N LEU G 11 -10.74 57.72 -13.03
CA LEU G 11 -10.72 58.85 -12.11
C LEU G 11 -12.12 59.07 -11.55
N VAL G 12 -12.26 58.94 -10.23
CA VAL G 12 -13.54 59.05 -9.55
C VAL G 12 -13.37 60.01 -8.38
N LYS G 13 -14.33 60.92 -8.21
CA LYS G 13 -14.31 61.84 -7.10
C LYS G 13 -14.51 61.10 -5.79
N PRO G 14 -14.03 61.65 -4.68
CA PRO G 14 -14.22 60.98 -3.38
C PRO G 14 -15.69 60.78 -3.05
N GLY G 15 -15.99 59.66 -2.41
CA GLY G 15 -17.35 59.29 -2.10
C GLY G 15 -18.06 58.48 -3.16
N GLY G 16 -17.40 58.21 -4.29
CA GLY G 16 -17.98 57.43 -5.36
C GLY G 16 -17.83 55.94 -5.15
N SER G 17 -18.18 55.19 -6.18
CA SER G 17 -18.11 53.74 -6.15
C SER G 17 -17.49 53.22 -7.43
N LEU G 18 -16.86 52.05 -7.33
CA LEU G 18 -16.22 51.41 -8.47
C LEU G 18 -16.30 49.90 -8.32
N ARG G 19 -16.11 49.20 -9.43
CA ARG G 19 -16.12 47.74 -9.45
C ARG G 19 -14.97 47.26 -10.31
N LEU G 20 -14.06 46.51 -9.72
CA LEU G 20 -12.90 45.97 -10.42
C LEU G 20 -13.13 44.50 -10.74
N SER G 21 -12.67 44.08 -11.92
CA SER G 21 -12.86 42.72 -12.40
C SER G 21 -11.53 42.13 -12.85
N CYS G 22 -11.30 40.87 -12.48
CA CYS G 22 -10.15 40.12 -12.94
C CYS G 22 -10.63 38.87 -13.67
N ALA G 23 -10.07 38.60 -14.84
CA ALA G 23 -10.43 37.46 -15.66
C ALA G 23 -9.36 36.40 -15.55
N ALA G 24 -9.78 35.15 -15.32
CA ALA G 24 -8.88 34.03 -15.13
C ALA G 24 -8.99 33.06 -16.29
N SER G 25 -7.86 32.51 -16.72
CA SER G 25 -7.83 31.53 -17.80
C SER G 25 -6.64 30.60 -17.59
N GLY G 26 -6.75 29.40 -18.15
CA GLY G 26 -5.70 28.42 -18.06
C GLY G 26 -5.69 27.56 -16.81
N PHE G 27 -6.63 27.77 -15.89
CA PHE G 27 -6.67 26.99 -14.67
C PHE G 27 -8.09 27.00 -14.13
N THR G 28 -8.36 26.07 -13.21
CA THR G 28 -9.66 25.96 -12.59
C THR G 28 -9.86 27.12 -11.60
N PHE G 29 -10.78 28.03 -11.93
CA PHE G 29 -10.99 29.20 -11.08
C PHE G 29 -11.73 28.84 -9.80
N SER G 30 -12.56 27.81 -9.83
CA SER G 30 -13.38 27.47 -8.66
C SER G 30 -12.58 26.84 -7.54
N ASN G 31 -11.42 26.25 -7.84
CA ASN G 31 -10.63 25.55 -6.84
C ASN G 31 -9.43 26.35 -6.35
N ALA G 32 -9.39 27.65 -6.64
CA ALA G 32 -8.26 28.50 -6.27
C ALA G 32 -8.74 29.67 -5.42
N TRP G 33 -7.99 29.97 -4.36
CA TRP G 33 -8.28 31.13 -3.52
C TRP G 33 -7.80 32.41 -4.20
N MET G 34 -8.55 33.49 -3.99
CA MET G 34 -8.26 34.77 -4.62
C MET G 34 -7.90 35.80 -3.56
N ASN G 35 -6.92 36.65 -3.87
CA ASN G 35 -6.46 37.69 -2.96
C ASN G 35 -6.37 39.01 -3.71
N TRP G 36 -6.63 40.11 -2.99
CA TRP G 36 -6.50 41.46 -3.51
C TRP G 36 -5.40 42.18 -2.76
N VAL G 37 -4.43 42.72 -3.49
CA VAL G 37 -3.32 43.46 -2.92
C VAL G 37 -3.22 44.80 -3.65
N ARG G 38 -3.16 45.89 -2.88
CA ARG G 38 -3.04 47.23 -3.45
C ARG G 38 -1.70 47.83 -3.06
N GLN G 39 -1.17 48.67 -3.94
CA GLN G 39 0.11 49.33 -3.72
C GLN G 39 -0.05 50.83 -4.01
N ALA G 40 0.12 51.65 -2.98
CA ALA G 40 0.04 53.08 -3.16
C ALA G 40 1.24 53.57 -3.97
N PRO G 41 1.10 54.69 -4.69
CA PRO G 41 2.23 55.22 -5.46
C PRO G 41 3.42 55.54 -4.57
N GLY G 42 4.55 54.89 -4.85
CA GLY G 42 5.75 55.07 -4.05
C GLY G 42 5.63 54.54 -2.63
N LYS G 43 4.90 53.44 -2.44
CA LYS G 43 4.71 52.83 -1.13
C LYS G 43 4.82 51.32 -1.26
N GLY G 44 4.62 50.63 -0.13
CA GLY G 44 4.71 49.18 -0.12
C GLY G 44 3.38 48.50 -0.42
N LEU G 45 3.44 47.18 -0.52
CA LEU G 45 2.25 46.40 -0.79
C LEU G 45 1.34 46.34 0.44
N GLU G 46 0.04 46.41 0.20
CA GLU G 46 -0.96 46.34 1.26
C GLU G 46 -2.02 45.32 0.88
N TRP G 47 -2.32 44.42 1.81
CA TRP G 47 -3.31 43.37 1.57
C TRP G 47 -4.71 43.95 1.77
N VAL G 48 -5.61 43.66 0.82
CA VAL G 48 -6.96 44.21 0.84
C VAL G 48 -7.93 43.16 1.40
N GLY G 49 -8.03 42.02 0.73
CA GLY G 49 -8.96 41.00 1.15
C GLY G 49 -8.69 39.69 0.47
N ARG G 50 -9.48 38.69 0.85
CA ARG G 50 -9.32 37.33 0.34
C ARG G 50 -10.67 36.63 0.35
N ILE G 51 -10.93 35.83 -0.68
CA ILE G 51 -12.12 34.99 -0.76
C ILE G 51 -11.68 33.55 -0.98
N LYS G 52 -12.34 32.62 -0.30
CA LYS G 52 -11.98 31.23 -0.36
C LYS G 52 -12.80 30.49 -1.42
N SER G 53 -12.43 29.24 -1.66
CA SER G 53 -13.08 28.44 -2.68
C SER G 53 -14.50 28.06 -2.24
N LYS G 54 -15.30 27.62 -3.22
CA LYS G 54 -16.66 27.21 -2.94
C LYS G 54 -16.70 26.00 -2.01
N THR G 55 -15.79 25.05 -2.21
CA THR G 55 -15.74 23.87 -1.35
C THR G 55 -15.36 24.22 0.08
N ASP G 56 -14.69 25.35 0.29
CA ASP G 56 -14.32 25.81 1.63
C ASP G 56 -15.37 26.73 2.24
N GLY G 57 -16.50 26.92 1.57
CA GLY G 57 -17.56 27.78 2.05
C GLY G 57 -17.63 29.13 1.35
N GLY G 58 -16.59 29.51 0.64
CA GLY G 58 -16.61 30.79 -0.08
C GLY G 58 -16.73 32.00 0.81
N ALA G 59 -16.06 31.98 1.96
CA ALA G 59 -16.09 33.12 2.87
C ALA G 59 -15.11 34.19 2.41
N ALA G 60 -15.37 35.42 2.84
CA ALA G 60 -14.56 36.57 2.47
C ALA G 60 -14.03 37.24 3.73
N ASP G 61 -12.74 37.55 3.74
CA ASP G 61 -12.09 38.25 4.84
C ASP G 61 -11.48 39.54 4.33
N TYR G 62 -11.57 40.60 5.14
CA TYR G 62 -11.14 41.93 4.74
C TYR G 62 -10.16 42.49 5.75
N ALA G 63 -9.26 43.34 5.27
CA ALA G 63 -8.34 44.04 6.16
C ALA G 63 -9.08 45.10 6.97
N ALA G 64 -8.49 45.47 8.10
CA ALA G 64 -9.12 46.45 8.99
C ALA G 64 -9.34 47.80 8.33
N PRO G 65 -8.38 48.41 7.61
CA PRO G 65 -8.66 49.71 6.99
C PRO G 65 -9.81 49.68 5.99
N VAL G 66 -9.99 48.57 5.27
CA VAL G 66 -11.01 48.48 4.23
C VAL G 66 -12.23 47.69 4.69
N LYS G 67 -12.27 47.29 5.95
CA LYS G 67 -13.40 46.51 6.44
C LYS G 67 -14.66 47.38 6.52
N GLY G 68 -15.77 46.82 6.06
CA GLY G 68 -17.04 47.51 6.08
C GLY G 68 -17.33 48.40 4.90
N ARG G 69 -16.37 48.56 3.98
CA ARG G 69 -16.56 49.40 2.81
C ARG G 69 -16.36 48.67 1.48
N PHE G 70 -15.49 47.66 1.44
CA PHE G 70 -15.22 46.91 0.23
C PHE G 70 -15.90 45.54 0.29
N THR G 71 -16.36 45.08 -0.87
CA THR G 71 -16.99 43.78 -0.99
C THR G 71 -16.35 43.03 -2.15
N ILE G 72 -16.01 41.76 -1.92
CA ILE G 72 -15.36 40.92 -2.93
C ILE G 72 -16.29 39.75 -3.25
N SER G 73 -16.50 39.50 -4.54
CA SER G 73 -17.34 38.41 -4.99
C SER G 73 -16.68 37.74 -6.19
N ARG G 74 -17.03 36.48 -6.41
CA ARG G 74 -16.48 35.69 -7.50
C ARG G 74 -17.59 35.01 -8.27
N ASP G 75 -17.36 34.84 -9.58
CA ASP G 75 -18.30 34.18 -10.47
C ASP G 75 -17.63 32.93 -11.01
N ASP G 76 -18.04 31.77 -10.51
CA ASP G 76 -17.42 30.51 -10.94
C ASP G 76 -17.74 30.20 -12.39
N SER G 77 -18.95 30.53 -12.84
CA SER G 77 -19.34 30.25 -14.21
C SER G 77 -18.52 31.06 -15.21
N LYS G 78 -18.27 32.33 -14.91
CA LYS G 78 -17.54 33.21 -15.81
C LYS G 78 -16.05 33.25 -15.54
N ASN G 79 -15.57 32.55 -14.51
CA ASN G 79 -14.15 32.55 -14.13
C ASN G 79 -13.64 33.98 -13.92
N THR G 80 -14.44 34.80 -13.26
CA THR G 80 -14.11 36.20 -13.02
C THR G 80 -14.22 36.52 -11.54
N LEU G 81 -13.39 37.45 -11.10
CA LEU G 81 -13.37 37.92 -9.71
C LEU G 81 -13.77 39.39 -9.68
N TYR G 82 -14.71 39.73 -8.81
CA TYR G 82 -15.25 41.08 -8.72
C TYR G 82 -14.92 41.69 -7.37
N LEU G 83 -14.47 42.93 -7.38
CA LEU G 83 -14.22 43.69 -6.16
C LEU G 83 -15.05 44.96 -6.20
N GLN G 84 -15.97 45.11 -5.26
CA GLN G 84 -16.86 46.27 -5.18
C GLN G 84 -16.32 47.23 -4.13
N MET G 85 -16.07 48.47 -4.54
CA MET G 85 -15.53 49.49 -3.66
C MET G 85 -16.57 50.59 -3.46
N ASN G 86 -16.84 50.90 -2.19
CA ASN G 86 -17.81 51.93 -1.84
C ASN G 86 -17.19 52.90 -0.85
N SER G 87 -17.69 54.14 -0.87
CA SER G 87 -17.20 55.21 0.01
C SER G 87 -15.71 55.41 -0.16
N LEU G 88 -15.29 55.62 -1.40
CA LEU G 88 -13.87 55.82 -1.69
C LEU G 88 -13.35 57.10 -1.06
N LYS G 89 -12.10 57.05 -0.61
CA LYS G 89 -11.43 58.19 0.01
C LYS G 89 -10.14 58.49 -0.73
N THR G 90 -9.47 59.56 -0.32
CA THR G 90 -8.21 59.95 -0.95
C THR G 90 -7.14 58.90 -0.71
N GLU G 91 -7.12 58.30 0.49
CA GLU G 91 -6.11 57.30 0.83
C GLU G 91 -6.28 56.00 0.05
N ASP G 92 -7.39 55.82 -0.66
CA ASP G 92 -7.62 54.60 -1.42
C ASP G 92 -6.95 54.61 -2.79
N THR G 93 -6.30 55.71 -3.16
CA THR G 93 -5.62 55.80 -4.45
C THR G 93 -4.42 54.86 -4.46
N ALA G 94 -4.53 53.76 -5.18
CA ALA G 94 -3.47 52.76 -5.24
C ALA G 94 -3.67 51.89 -6.47
N VAL G 95 -2.67 51.07 -6.75
CA VAL G 95 -2.72 50.11 -7.85
C VAL G 95 -3.10 48.75 -7.28
N TYR G 96 -4.25 48.23 -7.69
CA TYR G 96 -4.78 46.99 -7.14
C TYR G 96 -4.31 45.80 -7.98
N PHE G 97 -4.05 44.69 -7.30
CA PHE G 97 -3.62 43.46 -7.94
C PHE G 97 -4.46 42.31 -7.42
N CYS G 98 -4.75 41.35 -8.30
CA CYS G 98 -5.44 40.12 -7.93
C CYS G 98 -4.49 38.95 -8.09
N THR G 99 -4.34 38.16 -7.03
CA THR G 99 -3.35 37.09 -6.96
C THR G 99 -4.03 35.76 -6.64
N THR G 100 -3.51 34.69 -7.23
CA THR G 100 -4.03 33.36 -6.99
C THR G 100 -2.93 32.34 -7.21
N VAL G 101 -3.15 31.14 -6.68
CA VAL G 101 -2.25 30.00 -6.87
C VAL G 101 -3.05 28.87 -7.50
N TYR G 102 -2.63 28.44 -8.69
CA TYR G 102 -3.35 27.40 -9.41
C TYR G 102 -2.80 26.01 -9.16
N ARG G 103 -1.49 25.89 -8.95
CA ARG G 103 -0.85 24.61 -8.65
C ARG G 103 -0.14 24.74 -7.32
N TYR G 104 -0.38 23.78 -6.42
CA TYR G 104 0.13 23.89 -5.06
C TYR G 104 1.58 23.49 -4.91
N ASN G 105 2.32 23.40 -6.03
CA ASN G 105 3.77 23.51 -5.99
C ASN G 105 4.23 24.97 -5.97
N TYR G 106 3.29 25.86 -5.66
CA TYR G 106 3.53 27.30 -5.55
C TYR G 106 4.00 27.89 -6.88
N ASP G 107 3.13 27.78 -7.87
CA ASP G 107 3.23 28.53 -9.12
C ASP G 107 2.15 29.60 -9.06
N SER G 108 2.53 30.83 -8.73
CA SER G 108 1.58 31.91 -8.51
C SER G 108 1.46 32.79 -9.76
N VAL G 109 0.33 33.48 -9.84
CA VAL G 109 0.03 34.37 -10.96
C VAL G 109 -0.38 35.73 -10.39
N TRP G 110 0.23 36.79 -10.91
CA TRP G 110 -0.08 38.15 -10.52
C TRP G 110 -0.60 38.92 -11.73
N GLY G 111 -1.66 39.70 -11.52
CA GLY G 111 -2.21 40.50 -12.59
C GLY G 111 -1.34 41.70 -12.92
N GLN G 112 -1.67 42.34 -14.05
CA GLN G 112 -0.91 43.51 -14.48
C GLN G 112 -1.05 44.65 -13.50
N GLY G 113 -2.26 44.88 -12.99
CA GLY G 113 -2.50 45.95 -12.05
C GLY G 113 -3.38 47.05 -12.61
N THR G 114 -4.39 47.45 -11.84
CA THR G 114 -5.31 48.50 -12.22
C THR G 114 -5.12 49.72 -11.33
N LEU G 115 -4.88 50.87 -11.94
CA LEU G 115 -4.65 52.10 -11.21
C LEU G 115 -5.98 52.80 -10.96
N VAL G 116 -6.28 53.08 -9.70
CA VAL G 116 -7.49 53.80 -9.30
C VAL G 116 -7.06 55.10 -8.64
N THR G 117 -7.51 56.22 -9.20
CA THR G 117 -7.17 57.54 -8.69
C THR G 117 -8.43 58.19 -8.13
N VAL G 118 -8.36 58.61 -6.87
CA VAL G 118 -9.47 59.26 -6.19
C VAL G 118 -8.98 60.65 -5.80
N SER G 119 -9.39 61.66 -6.57
CA SER G 119 -8.99 63.03 -6.33
C SER G 119 -10.16 63.96 -6.59
N SER G 120 -10.13 65.12 -5.95
CA SER G 120 -11.18 66.11 -6.12
C SER G 120 -10.63 67.41 -6.70
N SER H 2 2.99 48.85 8.30
CA SER H 2 3.82 47.68 8.04
C SER H 2 4.14 46.93 9.33
N VAL H 3 3.49 45.78 9.51
CA VAL H 3 3.74 44.96 10.70
C VAL H 3 5.17 44.46 10.72
N LEU H 4 5.66 43.97 9.59
CA LEU H 4 7.03 43.49 9.50
C LEU H 4 7.98 44.65 9.26
N THR H 5 9.22 44.49 9.71
CA THR H 5 10.23 45.53 9.63
C THR H 5 11.35 45.10 8.70
N GLN H 6 11.71 45.96 7.76
CA GLN H 6 12.78 45.73 6.81
C GLN H 6 13.67 46.96 6.72
N PRO H 7 14.94 46.77 6.38
CA PRO H 7 15.83 47.93 6.17
C PRO H 7 15.33 48.80 5.05
N PRO H 8 15.46 50.12 5.16
CA PRO H 8 14.98 51.01 4.09
C PRO H 8 15.66 50.78 2.75
N SER H 9 16.95 50.44 2.74
CA SER H 9 17.67 50.22 1.49
C SER H 9 18.90 49.38 1.78
N VAL H 10 19.26 48.54 0.80
CA VAL H 10 20.45 47.71 0.86
C VAL H 10 21.23 47.89 -0.43
N SER H 11 22.54 48.11 -0.32
CA SER H 11 23.41 48.31 -1.47
C SER H 11 24.66 47.45 -1.32
N GLY H 12 25.18 47.00 -2.45
CA GLY H 12 26.37 46.16 -2.44
C GLY H 12 27.03 46.14 -3.80
N ALA H 13 28.31 45.78 -3.80
CA ALA H 13 29.07 45.70 -5.03
C ALA H 13 28.63 44.50 -5.85
N PRO H 14 28.74 44.57 -7.18
CA PRO H 14 28.37 43.42 -8.02
C PRO H 14 29.21 42.20 -7.71
N GLY H 15 28.59 41.03 -7.78
CA GLY H 15 29.27 39.78 -7.52
C GLY H 15 29.41 39.40 -6.07
N GLN H 16 28.93 40.23 -5.15
CA GLN H 16 29.02 39.96 -3.72
C GLN H 16 27.71 39.36 -3.22
N ARG H 17 27.70 38.99 -1.95
CA ARG H 17 26.53 38.41 -1.30
C ARG H 17 25.87 39.44 -0.40
N VAL H 18 24.58 39.68 -0.61
CA VAL H 18 23.82 40.64 0.17
C VAL H 18 22.69 39.91 0.88
N THR H 19 22.32 40.42 2.05
CA THR H 19 21.27 39.84 2.87
C THR H 19 20.24 40.89 3.22
N ILE H 20 18.96 40.49 3.18
CA ILE H 20 17.85 41.35 3.55
C ILE H 20 17.16 40.71 4.75
N SER H 21 16.99 41.48 5.82
CA SER H 21 16.46 40.97 7.07
C SER H 21 14.99 41.36 7.23
N CYS H 22 14.16 40.38 7.56
CA CYS H 22 12.74 40.59 7.83
C CYS H 22 12.50 40.32 9.30
N THR H 23 11.95 41.30 10.01
CA THR H 23 11.73 41.23 11.45
C THR H 23 10.25 41.11 11.73
N GLY H 24 9.87 40.09 12.51
CA GLY H 24 8.49 39.88 12.88
C GLY H 24 8.28 39.83 14.38
N SER H 25 7.43 38.92 14.83
CA SER H 25 7.14 38.76 16.25
C SER H 25 6.65 37.33 16.47
N SER H 26 6.21 37.05 17.70
CA SER H 26 5.69 35.72 18.01
C SER H 26 4.42 35.42 17.22
N SER H 27 3.54 36.41 17.09
CA SER H 27 2.30 36.20 16.35
C SER H 27 2.55 36.07 14.85
N ASN H 28 3.54 36.78 14.33
CA ASN H 28 3.79 36.77 12.88
C ASN H 28 4.62 35.55 12.47
N ILE H 29 5.85 35.46 12.96
CA ILE H 29 6.76 34.41 12.56
C ILE H 29 6.97 33.36 13.65
N GLY H 30 6.95 33.76 14.92
CA GLY H 30 7.13 32.81 16.00
C GLY H 30 6.00 31.80 16.14
N ALA H 31 4.86 32.06 15.51
CA ALA H 31 3.74 31.14 15.54
C ALA H 31 3.86 30.00 14.54
N GLY H 32 4.88 30.03 13.68
CA GLY H 32 5.10 28.99 12.71
C GLY H 32 4.67 29.32 11.30
N TYR H 33 4.19 30.53 11.04
CA TYR H 33 3.78 30.92 9.70
C TYR H 33 4.98 31.06 8.79
N ASP H 34 4.82 30.67 7.53
CA ASP H 34 5.88 30.76 6.55
C ASP H 34 6.10 32.21 6.12
N VAL H 35 7.30 32.48 5.62
CA VAL H 35 7.68 33.81 5.16
C VAL H 35 7.92 33.75 3.65
N TYR H 36 7.20 34.58 2.91
CA TYR H 36 7.27 34.60 1.45
C TYR H 36 7.97 35.87 0.98
N TRP H 37 8.88 35.72 0.03
CA TRP H 37 9.66 36.84 -0.51
C TRP H 37 9.20 37.15 -1.92
N TYR H 38 8.95 38.42 -2.20
CA TYR H 38 8.48 38.88 -3.50
C TYR H 38 9.46 39.90 -4.07
N GLN H 39 9.65 39.84 -5.39
CA GLN H 39 10.47 40.80 -6.12
C GLN H 39 9.58 41.55 -7.09
N GLN H 40 9.66 42.89 -7.06
CA GLN H 40 8.84 43.74 -7.91
C GLN H 40 9.74 44.67 -8.70
N LEU H 41 9.90 44.39 -9.99
CA LEU H 41 10.61 45.31 -10.87
C LEU H 41 9.76 46.57 -11.06
N PRO H 42 10.39 47.71 -11.35
CA PRO H 42 9.64 48.96 -11.53
C PRO H 42 8.64 48.83 -12.67
N GLY H 43 7.37 49.05 -12.35
CA GLY H 43 6.31 49.02 -13.34
C GLY H 43 5.76 47.64 -13.67
N THR H 44 6.16 46.60 -12.93
CA THR H 44 5.69 45.25 -13.17
C THR H 44 5.10 44.67 -11.89
N ALA H 45 4.43 43.52 -12.04
CA ALA H 45 3.82 42.84 -10.91
C ALA H 45 4.88 42.11 -10.08
N PRO H 46 4.64 41.94 -8.79
CA PRO H 46 5.59 41.22 -7.94
C PRO H 46 5.72 39.76 -8.36
N LYS H 47 6.92 39.21 -8.16
CA LYS H 47 7.22 37.82 -8.48
C LYS H 47 7.69 37.10 -7.22
N LEU H 48 7.15 35.92 -6.96
CA LEU H 48 7.45 35.16 -5.75
C LEU H 48 8.79 34.47 -5.90
N LEU H 49 9.83 35.03 -5.26
CA LEU H 49 11.15 34.42 -5.33
C LEU H 49 11.25 33.18 -4.45
N ILE H 50 10.72 33.24 -3.23
CA ILE H 50 10.84 32.16 -2.27
C ILE H 50 9.47 31.92 -1.63
N TYR H 51 9.05 30.66 -1.60
CA TYR H 51 7.83 30.26 -0.92
C TYR H 51 8.17 29.35 0.26
N GLY H 52 7.16 29.12 1.10
CA GLY H 52 7.41 28.36 2.32
C GLY H 52 8.36 29.12 3.21
N ASN H 53 9.42 28.45 3.66
CA ASN H 53 10.48 29.08 4.44
C ASN H 53 11.81 29.14 3.70
N SER H 54 12.18 28.06 3.00
CA SER H 54 13.41 28.04 2.22
C SER H 54 13.24 27.47 0.83
N ASN H 55 12.06 26.95 0.48
CA ASN H 55 11.85 26.35 -0.83
C ASN H 55 11.82 27.42 -1.91
N ARG H 56 12.12 27.01 -3.14
CA ARG H 56 12.21 27.91 -4.28
C ARG H 56 11.34 27.39 -5.42
N PRO H 57 10.50 28.24 -6.01
CA PRO H 57 9.69 27.79 -7.15
C PRO H 57 10.55 27.51 -8.36
N SER H 58 10.02 26.66 -9.25
CA SER H 58 10.71 26.34 -10.49
C SER H 58 10.81 27.59 -11.36
N GLY H 59 11.91 27.68 -12.10
CA GLY H 59 12.17 28.84 -12.94
C GLY H 59 12.74 30.03 -12.21
N VAL H 60 13.24 29.85 -11.00
CA VAL H 60 13.83 30.92 -10.20
C VAL H 60 15.31 30.60 -10.02
N PRO H 61 16.21 31.57 -10.24
CA PRO H 61 17.64 31.28 -10.09
C PRO H 61 17.99 30.85 -8.68
N ASP H 62 18.98 29.96 -8.58
CA ASP H 62 19.42 29.44 -7.29
C ASP H 62 20.15 30.47 -6.45
N ARG H 63 20.48 31.64 -7.00
CA ARG H 63 21.18 32.67 -6.24
C ARG H 63 20.35 33.14 -5.05
N PHE H 64 19.02 33.13 -5.18
CA PHE H 64 18.16 33.56 -4.09
C PHE H 64 17.92 32.41 -3.12
N SER H 65 18.19 32.67 -1.84
CA SER H 65 17.98 31.69 -0.79
C SER H 65 17.39 32.36 0.44
N GLY H 66 16.60 31.61 1.19
CA GLY H 66 15.97 32.13 2.38
C GLY H 66 16.12 31.18 3.56
N SER H 67 16.05 31.76 4.75
CA SER H 67 16.17 31.00 5.98
C SER H 67 15.30 31.62 7.06
N LYS H 68 14.95 30.81 8.05
CA LYS H 68 14.12 31.24 9.17
C LYS H 68 14.85 30.93 10.47
N SER H 69 14.93 31.91 11.36
CA SER H 69 15.59 31.76 12.66
C SER H 69 14.80 32.55 13.69
N GLY H 70 14.19 31.84 14.65
CA GLY H 70 13.41 32.52 15.67
C GLY H 70 12.22 33.24 15.06
N THR H 71 12.10 34.53 15.38
CA THR H 71 11.03 35.37 14.89
C THR H 71 11.45 36.26 13.73
N SER H 72 12.60 35.98 13.12
CA SER H 72 13.11 36.78 12.02
C SER H 72 13.47 35.88 10.85
N ALA H 73 13.42 36.46 9.65
CA ALA H 73 13.75 35.75 8.42
C ALA H 73 14.72 36.58 7.61
N SER H 74 15.53 35.91 6.80
CA SER H 74 16.57 36.55 6.01
C SER H 74 16.55 36.02 4.58
N LEU H 75 16.78 36.91 3.63
CA LEU H 75 16.90 36.56 2.22
C LEU H 75 18.32 36.81 1.77
N ALA H 76 18.96 35.78 1.21
CA ALA H 76 20.36 35.83 0.81
C ALA H 76 20.47 35.67 -0.70
N ILE H 77 21.24 36.55 -1.33
CA ILE H 77 21.50 36.51 -2.77
C ILE H 77 22.98 36.25 -2.95
N THR H 78 23.33 35.05 -3.40
CA THR H 78 24.75 34.70 -3.58
C THR H 78 25.40 35.55 -4.66
N GLY H 79 24.70 35.75 -5.78
CA GLY H 79 25.25 36.54 -6.88
C GLY H 79 24.46 37.80 -7.14
N LEU H 80 25.06 38.96 -6.87
CA LEU H 80 24.40 40.24 -7.04
C LEU H 80 24.58 40.69 -8.49
N GLN H 81 23.66 40.25 -9.34
CA GLN H 81 23.69 40.63 -10.74
C GLN H 81 23.12 42.02 -10.94
N ALA H 82 23.35 42.59 -12.12
CA ALA H 82 22.86 43.92 -12.44
C ALA H 82 21.35 43.96 -12.67
N GLU H 83 20.69 42.80 -12.78
CA GLU H 83 19.26 42.74 -13.01
C GLU H 83 18.47 42.58 -11.70
N ASP H 84 19.13 42.66 -10.55
CA ASP H 84 18.48 42.48 -9.27
C ASP H 84 18.02 43.79 -8.63
N GLU H 85 18.13 44.91 -9.35
CA GLU H 85 17.71 46.21 -8.82
C GLU H 85 16.20 46.26 -8.81
N ALA H 86 15.61 45.84 -7.70
CA ALA H 86 14.16 45.82 -7.55
C ALA H 86 13.81 45.85 -6.07
N ASP H 87 12.55 46.14 -5.78
CA ASP H 87 12.06 46.16 -4.42
C ASP H 87 11.78 44.74 -3.94
N TYR H 88 12.15 44.46 -2.69
CA TYR H 88 11.95 43.15 -2.08
C TYR H 88 11.03 43.29 -0.87
N TYR H 89 10.04 42.41 -0.79
CA TYR H 89 9.08 42.41 0.31
C TYR H 89 9.01 41.02 0.91
N CYS H 90 8.82 40.95 2.23
CA CYS H 90 8.57 39.70 2.93
C CYS H 90 7.14 39.69 3.41
N GLN H 91 6.42 38.60 3.11
CA GLN H 91 5.02 38.46 3.46
C GLN H 91 4.83 37.20 4.30
N SER H 92 4.03 37.32 5.36
CA SER H 92 3.73 36.21 6.24
C SER H 92 2.28 36.34 6.68
N PHE H 93 1.90 35.57 7.69
CA PHE H 93 0.56 35.60 8.25
C PHE H 93 0.63 35.88 9.74
N ASP H 94 -0.41 36.51 10.27
CA ASP H 94 -0.50 36.88 11.67
C ASP H 94 -1.54 36.02 12.36
N SER H 95 -1.18 35.46 13.52
CA SER H 95 -2.15 34.71 14.30
C SER H 95 -3.31 35.60 14.74
N SER H 96 -3.00 36.82 15.17
CA SER H 96 -4.04 37.81 15.40
C SER H 96 -4.56 38.34 14.06
N LEU H 97 -5.62 39.13 14.14
CA LEU H 97 -6.29 39.71 12.97
C LEU H 97 -6.86 38.63 12.05
N ARG H 98 -7.08 37.43 12.58
CA ARG H 98 -7.76 36.34 11.88
C ARG H 98 -7.02 35.95 10.58
N ASP H 99 -5.76 35.59 10.75
CA ASP H 99 -4.92 35.05 9.67
C ASP H 99 -4.88 35.99 8.48
N SER H 100 -4.68 37.27 8.74
CA SER H 100 -4.56 38.27 7.69
C SER H 100 -3.12 38.36 7.21
N TRP H 101 -2.96 38.72 5.94
CA TRP H 101 -1.62 38.88 5.37
C TRP H 101 -0.93 40.09 5.98
N VAL H 102 0.37 39.96 6.23
CA VAL H 102 1.19 41.06 6.72
C VAL H 102 2.38 41.21 5.78
N PHE H 103 2.65 42.45 5.39
CA PHE H 103 3.74 42.76 4.46
C PHE H 103 4.79 43.61 5.16
N GLY H 104 6.03 43.50 4.68
CA GLY H 104 7.10 44.32 5.19
C GLY H 104 7.07 45.74 4.64
N GLY H 105 7.96 46.58 5.18
CA GLY H 105 8.03 47.96 4.72
C GLY H 105 8.47 48.08 3.28
N GLY H 106 9.40 47.22 2.86
CA GLY H 106 9.91 47.27 1.50
C GLY H 106 11.37 47.66 1.44
N THR H 107 12.20 46.79 0.88
CA THR H 107 13.63 47.01 0.78
C THR H 107 14.01 47.21 -0.68
N LYS H 108 14.68 48.32 -0.97
CA LYS H 108 15.15 48.64 -2.31
C LYS H 108 16.61 48.23 -2.44
N LEU H 109 16.93 47.46 -3.46
CA LEU H 109 18.28 46.95 -3.69
C LEU H 109 18.92 47.72 -4.83
N THR H 110 20.09 48.29 -4.57
CA THR H 110 20.86 49.04 -5.56
C THR H 110 22.21 48.37 -5.77
N VAL H 111 22.54 48.10 -7.03
CA VAL H 111 23.79 47.44 -7.37
C VAL H 111 24.84 48.51 -7.65
N LEU H 112 25.97 48.41 -6.95
CA LEU H 112 27.06 49.37 -7.10
C LEU H 112 27.87 49.08 -8.37
N GLN I 1 -4.89 8.29 47.38
CA GLN I 1 -3.71 9.01 47.83
C GLN I 1 -2.49 8.09 47.87
N VAL I 2 -1.42 8.50 47.18
CA VAL I 2 -0.19 7.72 47.13
C VAL I 2 0.59 7.95 48.41
N GLN I 3 0.95 6.86 49.09
CA GLN I 3 1.71 6.93 50.33
C GLN I 3 2.85 5.93 50.28
N LEU I 4 4.03 6.37 50.71
CA LEU I 4 5.22 5.51 50.78
C LEU I 4 5.71 5.50 52.22
N GLN I 5 5.84 4.29 52.78
CA GLN I 5 6.26 4.11 54.16
C GLN I 5 7.55 3.33 54.20
N GLN I 6 8.51 3.81 54.99
CA GLN I 6 9.82 3.19 55.14
C GLN I 6 10.00 2.71 56.58
N SER I 7 11.14 2.09 56.84
CA SER I 7 11.47 1.60 58.16
C SER I 7 12.01 2.73 59.03
N GLY I 8 12.24 2.43 60.31
CA GLY I 8 12.74 3.41 61.25
C GLY I 8 14.25 3.52 61.24
N THR I 9 14.76 4.36 62.14
CA THR I 9 16.20 4.56 62.25
C THR I 9 16.88 3.28 62.67
N GLU I 10 17.98 2.94 61.99
CA GLU I 10 18.72 1.72 62.26
C GLU I 10 20.20 2.06 62.41
N LEU I 11 20.82 1.54 63.46
CA LEU I 11 22.24 1.73 63.73
C LEU I 11 22.98 0.44 63.44
N VAL I 12 24.09 0.53 62.71
CA VAL I 12 24.84 -0.65 62.29
C VAL I 12 26.31 -0.49 62.69
N LYS I 13 26.99 -1.62 62.73
CA LYS I 13 28.41 -1.65 63.05
C LYS I 13 29.23 -1.11 61.89
N PRO I 14 30.49 -0.73 62.12
CA PRO I 14 31.34 -0.28 61.01
C PRO I 14 31.50 -1.31 59.90
N GLY I 15 31.36 -2.60 60.22
CA GLY I 15 31.29 -3.61 59.17
C GLY I 15 30.10 -4.53 59.35
N ALA I 16 29.16 -4.48 58.40
CA ALA I 16 27.93 -5.26 58.46
C ALA I 16 27.18 -5.06 57.15
N SER I 17 26.03 -5.72 57.03
CA SER I 17 25.13 -5.57 55.90
C SER I 17 23.75 -5.24 56.42
N VAL I 18 23.10 -4.24 55.81
CA VAL I 18 21.80 -3.77 56.24
C VAL I 18 20.86 -3.73 55.05
N LYS I 19 19.56 -3.81 55.35
CA LYS I 19 18.51 -3.76 54.34
C LYS I 19 17.43 -2.77 54.76
N LEU I 20 16.99 -1.96 53.82
CA LEU I 20 15.96 -0.96 54.06
C LEU I 20 14.68 -1.34 53.31
N SER I 21 13.55 -0.89 53.85
CA SER I 21 12.25 -1.24 53.32
C SER I 21 11.51 0.02 52.86
N CYS I 22 10.66 -0.15 51.85
CA CYS I 22 9.86 0.95 51.31
C CYS I 22 8.52 0.36 50.88
N LYS I 23 7.47 0.63 51.68
CA LYS I 23 6.15 0.10 51.42
C LYS I 23 5.29 1.18 50.77
N ALA I 24 4.70 0.84 49.63
CA ALA I 24 3.90 1.77 48.85
C ALA I 24 2.46 1.26 48.75
N SER I 25 1.52 2.21 48.71
CA SER I 25 0.11 1.88 48.63
C SER I 25 -0.62 3.01 47.91
N GLY I 26 -1.79 2.69 47.39
CA GLY I 26 -2.62 3.66 46.70
C GLY I 26 -2.48 3.73 45.20
N TYR I 27 -1.70 2.83 44.61
CA TYR I 27 -1.51 2.81 43.17
C TYR I 27 -1.04 1.43 42.74
N THR I 28 -1.11 1.17 41.44
CA THR I 28 -0.62 -0.09 40.89
C THR I 28 0.90 -0.14 41.02
N PHE I 29 1.39 -1.02 41.89
CA PHE I 29 2.82 -1.04 42.21
C PHE I 29 3.68 -1.40 40.99
N THR I 30 3.22 -2.36 40.19
CA THR I 30 4.02 -2.87 39.08
C THR I 30 4.08 -1.92 37.90
N SER I 31 3.26 -0.87 37.86
CA SER I 31 3.20 0.03 36.71
C SER I 31 4.08 1.26 36.85
N TYR I 32 4.81 1.40 37.95
CA TYR I 32 5.68 2.55 38.17
C TYR I 32 7.03 2.10 38.68
N TRP I 33 8.09 2.78 38.22
CA TRP I 33 9.44 2.50 38.70
C TRP I 33 9.63 3.06 40.11
N MET I 34 10.58 2.46 40.83
CA MET I 34 10.93 2.87 42.18
C MET I 34 12.38 3.34 42.19
N HIS I 35 12.61 4.54 42.72
CA HIS I 35 13.92 5.14 42.76
C HIS I 35 14.36 5.35 44.20
N TRP I 36 15.68 5.27 44.42
CA TRP I 36 16.28 5.48 45.73
C TRP I 36 17.24 6.66 45.65
N VAL I 37 17.15 7.56 46.62
CA VAL I 37 17.96 8.78 46.66
C VAL I 37 18.65 8.84 48.01
N LYS I 38 19.95 9.12 48.00
CA LYS I 38 20.76 9.26 49.20
C LYS I 38 21.11 10.72 49.40
N GLN I 39 20.98 11.20 50.64
CA GLN I 39 21.28 12.59 50.98
C GLN I 39 22.15 12.61 52.24
N ARG I 40 23.40 13.00 52.08
CA ARG I 40 24.28 13.20 53.23
C ARG I 40 23.79 14.40 54.05
N PRO I 41 24.04 14.39 55.36
CA PRO I 41 23.63 15.52 56.19
C PRO I 41 24.37 16.79 55.78
N GLY I 42 23.60 17.83 55.46
CA GLY I 42 24.18 19.08 55.00
C GLY I 42 24.65 19.08 53.56
N GLN I 43 24.29 18.07 52.78
CA GLN I 43 24.71 17.96 51.38
C GLN I 43 23.46 17.87 50.48
N GLY I 44 23.69 17.63 49.20
CA GLY I 44 22.63 17.55 48.23
C GLY I 44 22.05 16.15 48.10
N LEU I 45 21.27 15.96 47.04
CA LEU I 45 20.61 14.70 46.76
C LEU I 45 21.42 13.89 45.77
N GLU I 46 21.64 12.61 46.09
CA GLU I 46 22.41 11.71 45.25
C GLU I 46 21.51 10.57 44.79
N TRP I 47 21.45 10.34 43.49
CA TRP I 47 20.62 9.27 42.93
C TRP I 47 21.37 7.95 43.00
N ILE I 48 20.74 6.94 43.59
CA ILE I 48 21.38 5.64 43.77
C ILE I 48 21.07 4.74 42.58
N GLY I 49 19.80 4.46 42.36
CA GLY I 49 19.42 3.59 41.26
C GLY I 49 17.91 3.47 41.19
N GLU I 50 17.46 2.70 40.19
CA GLU I 50 16.04 2.48 39.96
C GLU I 50 15.78 0.99 39.76
N ILE I 51 14.62 0.54 40.22
CA ILE I 51 14.20 -0.84 40.10
C ILE I 51 12.79 -0.86 39.51
N ASN I 52 12.59 -1.71 38.50
CA ASN I 52 11.28 -1.85 37.88
C ASN I 52 10.58 -3.07 38.46
N PRO I 53 9.43 -2.91 39.12
CA PRO I 53 8.72 -4.08 39.66
C PRO I 53 8.29 -5.05 38.58
N ARG I 54 8.13 -4.60 37.35
CA ARG I 54 7.77 -5.45 36.23
C ARG I 54 9.03 -5.87 35.48
N ASN I 55 9.16 -7.18 35.26
CA ASN I 55 10.30 -7.78 34.55
C ASN I 55 11.59 -7.69 35.36
N GLY I 56 11.53 -7.06 36.53
CA GLY I 56 12.67 -7.03 37.43
C GLY I 56 13.87 -6.25 36.94
N ARG I 57 13.71 -5.43 35.91
CA ARG I 57 14.83 -4.68 35.37
C ARG I 57 15.29 -3.62 36.37
N THR I 58 16.60 -3.50 36.53
CA THR I 58 17.18 -2.58 37.49
C THR I 58 18.34 -1.82 36.85
N ASP I 59 18.60 -0.62 37.37
CA ASP I 59 19.70 0.21 36.92
C ASP I 59 20.32 0.89 38.12
N PHE I 60 21.63 1.15 38.04
CA PHE I 60 22.38 1.74 39.13
C PHE I 60 23.26 2.85 38.63
N SER I 61 23.58 3.78 39.52
CA SER I 61 24.55 4.83 39.23
C SER I 61 25.96 4.27 39.27
N GLU I 62 26.91 5.02 38.70
CA GLU I 62 28.28 4.56 38.62
C GLU I 62 28.89 4.41 40.01
N LYS I 63 28.59 5.34 40.93
CA LYS I 63 29.18 5.29 42.25
C LYS I 63 28.58 4.17 43.10
N PHE I 64 27.35 3.76 42.81
CA PHE I 64 26.66 2.73 43.58
C PHE I 64 26.45 1.45 42.77
N LYS I 65 27.42 1.11 41.91
CA LYS I 65 27.30 -0.09 41.09
C LYS I 65 27.28 -1.36 41.95
N SER I 66 28.16 -1.43 42.95
CA SER I 66 28.28 -2.61 43.78
C SER I 66 27.89 -2.40 45.23
N LYS I 67 27.68 -1.15 45.66
CA LYS I 67 27.36 -0.89 47.05
C LYS I 67 25.93 -1.28 47.39
N ALA I 68 25.01 -1.16 46.43
CA ALA I 68 23.59 -1.39 46.68
C ALA I 68 23.02 -2.38 45.69
N THR I 69 22.03 -3.15 46.16
CA THR I 69 21.26 -4.06 45.32
C THR I 69 19.78 -3.81 45.58
N LEU I 70 18.99 -3.82 44.52
CA LEU I 70 17.57 -3.50 44.58
C LEU I 70 16.73 -4.74 44.33
N THR I 71 15.79 -5.00 45.23
CA THR I 71 14.84 -6.09 45.09
C THR I 71 13.45 -5.61 45.47
N VAL I 72 12.43 -6.23 44.88
CA VAL I 72 11.04 -5.88 45.14
C VAL I 72 10.24 -7.15 45.40
N ASP I 73 9.12 -6.98 46.09
CA ASP I 73 8.18 -8.06 46.36
C ASP I 73 6.81 -7.65 45.84
N THR I 74 6.38 -8.28 44.75
CA THR I 74 5.12 -7.90 44.12
C THR I 74 3.93 -8.17 45.04
N SER I 75 3.95 -9.29 45.76
CA SER I 75 2.82 -9.65 46.61
C SER I 75 2.58 -8.62 47.70
N SER I 76 3.66 -8.15 48.34
CA SER I 76 3.54 -7.17 49.42
C SER I 76 3.68 -5.74 48.92
N SER I 77 3.96 -5.53 47.64
CA SER I 77 4.15 -4.21 47.05
C SER I 77 5.19 -3.39 47.83
N THR I 78 6.31 -4.04 48.13
CA THR I 78 7.37 -3.44 48.92
C THR I 78 8.69 -3.56 48.16
N ALA I 79 9.49 -2.49 48.21
CA ALA I 79 10.79 -2.44 47.57
C ALA I 79 11.88 -2.44 48.63
N PHE I 80 12.92 -3.24 48.39
CA PHE I 80 14.02 -3.41 49.34
C PHE I 80 15.34 -3.03 48.67
N ILE I 81 16.20 -2.35 49.44
CA ILE I 81 17.55 -2.02 49.03
C ILE I 81 18.51 -2.58 50.07
N GLN I 82 19.53 -3.30 49.61
CA GLN I 82 20.51 -3.93 50.49
C GLN I 82 21.86 -3.25 50.33
N LEU I 83 22.43 -2.82 51.45
CA LEU I 83 23.72 -2.14 51.48
C LEU I 83 24.76 -3.07 52.09
N SER I 84 25.92 -3.19 51.44
CA SER I 84 27.00 -4.04 51.90
C SER I 84 28.22 -3.19 52.26
N SER I 85 28.89 -3.57 53.34
CA SER I 85 30.11 -2.89 53.82
C SER I 85 29.82 -1.41 54.10
N LEU I 86 28.94 -1.18 55.07
CA LEU I 86 28.56 0.18 55.45
C LEU I 86 29.73 0.85 56.13
N THR I 87 30.41 1.74 55.40
CA THR I 87 31.56 2.45 55.94
C THR I 87 31.08 3.66 56.74
N SER I 88 32.03 4.52 57.15
CA SER I 88 31.68 5.68 57.95
C SER I 88 31.00 6.77 57.13
N GLU I 89 31.19 6.77 55.81
CA GLU I 89 30.58 7.76 54.93
C GLU I 89 29.21 7.35 54.40
N ASP I 90 28.71 6.19 54.81
CA ASP I 90 27.39 5.72 54.39
C ASP I 90 26.28 6.17 55.33
N SER I 91 26.60 6.91 56.39
CA SER I 91 25.60 7.41 57.33
C SER I 91 24.89 8.60 56.68
N ALA I 92 23.70 8.35 56.15
CA ALA I 92 22.95 9.38 55.45
C ALA I 92 21.47 9.02 55.48
N VAL I 93 20.65 9.98 55.08
CA VAL I 93 19.20 9.80 55.01
C VAL I 93 18.85 9.27 53.62
N TYR I 94 18.12 8.15 53.59
CA TYR I 94 17.76 7.49 52.34
C TYR I 94 16.27 7.65 52.09
N TYR I 95 15.92 8.06 50.87
CA TYR I 95 14.53 8.22 50.46
C TYR I 95 14.23 7.27 49.32
N CYS I 96 12.97 6.82 49.25
CA CYS I 96 12.46 6.09 48.10
C CYS I 96 11.35 6.92 47.48
N ALA I 97 11.45 7.13 46.17
CA ALA I 97 10.49 7.94 45.43
C ALA I 97 9.95 7.15 44.25
N ARG I 98 8.73 7.50 43.83
CA ARG I 98 8.07 6.83 42.72
C ARG I 98 8.27 7.62 41.45
N TRP I 99 8.73 6.94 40.40
CA TRP I 99 8.85 7.58 39.10
C TRP I 99 7.46 7.80 38.50
N GLY I 100 7.21 9.02 38.05
CA GLY I 100 5.88 9.40 37.63
C GLY I 100 5.48 8.79 36.30
N TYR I 101 4.22 9.06 35.93
CA TYR I 101 3.69 8.55 34.67
C TYR I 101 4.48 9.13 33.49
N TYR I 102 4.81 10.41 33.55
CA TYR I 102 5.66 11.05 32.55
C TYR I 102 7.11 11.18 33.02
N GLY I 103 7.44 10.67 34.19
CA GLY I 103 8.82 10.64 34.65
C GLY I 103 9.18 11.67 35.70
N SER I 104 8.31 11.90 36.67
CA SER I 104 8.58 12.87 37.73
C SER I 104 8.54 12.18 39.09
N SER I 105 9.51 12.52 39.95
CA SER I 105 9.54 12.03 41.32
C SER I 105 8.50 12.80 42.13
N ASP I 106 7.22 12.49 41.84
CA ASP I 106 6.12 13.26 42.42
C ASP I 106 5.91 12.92 43.89
N TYR I 107 6.07 11.66 44.26
CA TYR I 107 5.79 11.21 45.62
C TYR I 107 7.08 10.69 46.26
N TRP I 108 7.34 11.12 47.49
CA TRP I 108 8.52 10.75 48.23
C TRP I 108 8.13 10.15 49.57
N GLY I 109 8.95 9.22 50.05
CA GLY I 109 8.77 8.68 51.39
C GLY I 109 9.60 9.40 52.43
N GLN I 110 9.22 9.23 53.69
CA GLN I 110 9.95 9.87 54.77
C GLN I 110 11.35 9.26 54.89
N GLY I 111 12.28 10.06 55.41
CA GLY I 111 13.66 9.64 55.48
C GLY I 111 13.88 8.52 56.47
N THR I 112 14.94 7.75 56.23
CA THR I 112 15.36 6.65 57.09
C THR I 112 16.83 6.82 57.41
N ALA I 113 17.13 7.23 58.64
CA ALA I 113 18.50 7.44 59.05
C ALA I 113 19.23 6.10 59.15
N LEU I 114 20.51 6.10 58.77
CA LEU I 114 21.32 4.89 58.83
C LEU I 114 22.60 5.13 59.63
N ALA I 137 30.45 12.51 29.33
CA ALA I 137 30.31 11.20 28.70
C ALA I 137 28.97 11.06 28.00
N SER I 138 28.28 9.93 28.27
CA SER I 138 26.98 9.66 27.68
C SER I 138 25.83 9.99 28.62
N ASP I 139 26.12 10.62 29.76
CA ASP I 139 25.11 10.97 30.75
C ASP I 139 24.85 12.47 30.74
N ILE I 140 23.59 12.85 30.79
CA ILE I 140 23.21 14.25 30.85
C ILE I 140 23.45 14.77 32.26
N VAL I 141 24.18 15.87 32.36
CA VAL I 141 24.52 16.50 33.64
C VAL I 141 23.77 17.82 33.73
N VAL I 142 23.00 18.00 34.79
CA VAL I 142 22.29 19.24 35.06
C VAL I 142 23.06 20.03 36.11
N THR I 143 23.40 21.27 35.78
CA THR I 143 24.19 22.12 36.66
C THR I 143 23.46 23.45 36.86
N GLN I 144 23.34 23.86 38.11
CA GLN I 144 22.72 25.14 38.44
C GLN I 144 23.79 26.24 38.49
N SER I 145 23.38 27.45 38.13
CA SER I 145 24.33 28.55 38.01
C SER I 145 24.96 28.91 39.35
N HIS I 146 24.15 28.99 40.40
CA HIS I 146 24.61 29.42 41.71
C HIS I 146 24.22 28.40 42.77
N LYS I 147 24.73 28.61 43.98
CA LYS I 147 24.41 27.79 45.14
C LYS I 147 23.68 28.55 46.23
N PHE I 148 23.99 29.82 46.42
CA PHE I 148 23.31 30.67 47.39
C PHE I 148 22.78 31.92 46.69
N MET I 149 21.51 32.24 46.91
CA MET I 149 20.88 33.42 46.34
C MET I 149 20.15 34.16 47.46
N SER I 150 20.85 35.08 48.10
CA SER I 150 20.23 35.90 49.14
C SER I 150 19.22 36.86 48.53
N THR I 151 18.08 37.01 49.20
CA THR I 151 17.02 37.88 48.71
C THR I 151 16.16 38.32 49.88
N SER I 152 15.38 39.37 49.65
CA SER I 152 14.48 39.93 50.64
C SER I 152 13.03 39.62 50.26
N VAL I 153 12.11 40.03 51.14
CA VAL I 153 10.69 39.79 50.91
C VAL I 153 10.19 40.72 49.81
N GLY I 154 9.43 40.16 48.87
CA GLY I 154 8.86 40.93 47.78
C GLY I 154 9.70 40.99 46.53
N ASP I 155 10.93 40.46 46.56
CA ASP I 155 11.79 40.47 45.39
C ASP I 155 11.41 39.33 44.44
N ARG I 156 11.97 39.38 43.23
CA ARG I 156 11.74 38.37 42.20
C ARG I 156 13.06 37.66 41.93
N VAL I 157 13.16 36.43 42.42
CA VAL I 157 14.38 35.63 42.28
C VAL I 157 14.19 34.65 41.13
N SER I 158 15.29 34.33 40.45
CA SER I 158 15.28 33.40 39.33
C SER I 158 16.39 32.38 39.50
N ILE I 159 16.07 31.10 39.25
CA ILE I 159 17.02 30.01 39.34
C ILE I 159 17.19 29.42 37.94
N THR I 160 18.43 29.28 37.51
CA THR I 160 18.75 28.80 36.17
C THR I 160 19.33 27.39 36.25
N CYS I 161 18.80 26.49 35.42
CA CYS I 161 19.27 25.12 35.32
C CYS I 161 19.79 24.88 33.91
N LYS I 162 21.00 24.34 33.81
CA LYS I 162 21.66 24.13 32.53
C LYS I 162 21.82 22.63 32.29
N ALA I 163 21.49 22.19 31.08
CA ALA I 163 21.60 20.80 30.69
C ALA I 163 22.68 20.61 29.63
N SER I 164 23.51 19.58 29.81
CA SER I 164 24.61 19.34 28.88
C SER I 164 24.08 18.99 27.48
N GLN I 165 23.07 18.15 27.41
CA GLN I 165 22.48 17.72 26.14
C GLN I 165 21.13 18.38 25.95
N ASP I 166 20.44 17.99 24.88
CA ASP I 166 19.16 18.59 24.51
C ASP I 166 18.03 17.79 25.17
N VAL I 167 17.31 18.43 26.08
CA VAL I 167 16.09 17.89 26.67
C VAL I 167 14.94 18.82 26.27
N SER I 168 13.89 18.25 25.69
CA SER I 168 12.84 19.08 25.10
C SER I 168 12.16 19.97 26.14
N VAL I 169 11.42 19.36 27.07
CA VAL I 169 10.79 20.11 28.14
C VAL I 169 10.97 19.37 29.46
N ALA I 170 11.55 18.17 29.40
CA ALA I 170 11.57 17.25 30.54
C ALA I 170 12.58 17.73 31.58
N VAL I 171 12.17 18.73 32.35
CA VAL I 171 12.94 19.22 33.50
C VAL I 171 11.97 19.43 34.66
N ALA I 172 12.30 18.88 35.82
CA ALA I 172 11.46 18.98 37.00
C ALA I 172 12.18 19.77 38.09
N TRP I 173 11.40 20.47 38.91
CA TRP I 173 11.92 21.28 40.00
C TRP I 173 11.40 20.76 41.33
N TYR I 174 12.30 20.65 42.30
CA TYR I 174 11.98 20.11 43.61
C TYR I 174 12.34 21.11 44.69
N GLN I 175 11.52 21.17 45.74
CA GLN I 175 11.77 22.02 46.90
C GLN I 175 11.90 21.15 48.13
N GLN I 176 12.97 21.36 48.90
CA GLN I 176 13.23 20.62 50.13
C GLN I 176 13.52 21.61 51.25
N LYS I 177 12.69 21.59 52.27
CA LYS I 177 12.90 22.41 53.46
C LYS I 177 13.65 21.62 54.53
N THR I 178 14.06 22.32 55.58
CA THR I 178 14.85 21.71 56.64
C THR I 178 14.00 20.67 57.37
N GLY I 179 14.51 19.43 57.42
CA GLY I 179 13.83 18.36 58.13
C GLY I 179 12.69 17.71 57.38
N GLN I 180 12.49 18.05 56.12
CA GLN I 180 11.38 17.50 55.34
C GLN I 180 11.90 16.90 54.05
N SER I 181 11.14 15.95 53.51
CA SER I 181 11.49 15.31 52.25
C SER I 181 11.28 16.28 51.09
N PRO I 182 11.99 16.09 49.98
CA PRO I 182 11.80 16.97 48.82
C PRO I 182 10.38 16.88 48.28
N LYS I 183 9.90 18.00 47.76
CA LYS I 183 8.55 18.12 47.21
C LYS I 183 8.62 18.64 45.78
N LEU I 184 7.92 17.95 44.88
CA LEU I 184 7.88 18.36 43.48
C LEU I 184 6.98 19.57 43.32
N LEU I 185 7.46 20.57 42.59
CA LEU I 185 6.70 21.79 42.31
C LEU I 185 6.35 21.94 40.83
N ILE I 186 7.35 21.88 39.95
CA ILE I 186 7.16 22.07 38.52
C ILE I 186 7.70 20.84 37.81
N TYR I 187 6.90 20.27 36.91
CA TYR I 187 7.35 19.17 36.05
C TYR I 187 7.07 19.54 34.60
N SER I 188 7.86 18.97 33.69
CA SER I 188 7.86 19.32 32.27
C SER I 188 8.22 20.78 32.05
N ALA I 189 8.84 21.41 33.05
CA ALA I 189 9.41 22.76 32.98
C ALA I 189 8.35 23.84 32.88
N SER I 190 7.09 23.47 32.65
CA SER I 190 6.02 24.45 32.57
C SER I 190 4.85 24.10 33.48
N TYR I 191 4.57 22.80 33.62
CA TYR I 191 3.38 22.38 34.36
C TYR I 191 3.59 22.53 35.86
N ARG I 192 2.56 23.03 36.54
CA ARG I 192 2.59 23.27 37.97
C ARG I 192 1.73 22.23 38.69
N ILE I 193 2.29 21.64 39.74
CA ILE I 193 1.56 20.67 40.54
C ILE I 193 0.40 21.37 41.24
N THR I 194 -0.76 20.72 41.28
CA THR I 194 -1.92 21.28 41.95
C THR I 194 -1.64 21.46 43.44
N GLY I 195 -2.07 22.60 43.97
CA GLY I 195 -1.81 22.95 45.35
C GLY I 195 -0.58 23.82 45.55
N VAL I 196 0.32 23.86 44.58
CA VAL I 196 1.50 24.73 44.67
C VAL I 196 1.06 26.18 44.48
N PRO I 197 1.55 27.12 45.29
CA PRO I 197 1.17 28.52 45.10
C PRO I 197 1.54 29.03 43.72
N ASP I 198 0.72 29.95 43.21
CA ASP I 198 0.92 30.49 41.88
C ASP I 198 2.17 31.36 41.77
N ARG I 199 2.80 31.72 42.89
CA ARG I 199 4.01 32.52 42.85
C ARG I 199 5.15 31.78 42.16
N PHE I 200 5.11 30.44 42.16
CA PHE I 200 6.14 29.62 41.53
C PHE I 200 5.80 29.44 40.06
N THR I 201 6.71 29.84 39.18
CA THR I 201 6.52 29.72 37.75
C THR I 201 7.81 29.23 37.11
N GLY I 202 7.67 28.32 36.14
CA GLY I 202 8.81 27.80 35.44
C GLY I 202 8.62 27.88 33.93
N SER I 203 9.74 28.05 33.23
CA SER I 203 9.72 28.11 31.77
C SER I 203 11.10 27.72 31.25
N GLY I 204 11.15 27.43 29.96
CA GLY I 204 12.40 27.08 29.32
C GLY I 204 12.31 25.85 28.43
N SER I 205 13.26 25.73 27.49
CA SER I 205 13.31 24.59 26.59
C SER I 205 14.73 24.44 26.08
N GLY I 206 15.02 23.26 25.55
CA GLY I 206 16.34 22.99 25.01
C GLY I 206 17.37 22.65 26.08
N THR I 207 18.28 23.59 26.35
CA THR I 207 19.32 23.39 27.35
C THR I 207 19.27 24.37 28.49
N ASP I 208 18.51 25.46 28.38
CA ASP I 208 18.42 26.47 29.43
C ASP I 208 17.00 26.51 29.97
N PHE I 209 16.87 26.40 31.29
CA PHE I 209 15.58 26.41 31.97
C PHE I 209 15.65 27.36 33.16
N THR I 210 14.55 28.05 33.43
CA THR I 210 14.50 29.05 34.47
C THR I 210 13.34 28.75 35.42
N PHE I 211 13.59 28.93 36.72
CA PHE I 211 12.57 28.81 37.75
C PHE I 211 12.50 30.14 38.49
N THR I 212 11.34 30.80 38.42
CA THR I 212 11.17 32.14 38.95
C THR I 212 10.06 32.17 39.99
N ILE I 213 10.24 33.01 41.00
CA ILE I 213 9.23 33.26 42.02
C ILE I 213 8.81 34.72 41.92
N SER I 214 7.52 34.96 41.70
CA SER I 214 7.03 36.32 41.54
C SER I 214 7.21 37.14 42.80
N SER I 215 6.89 36.56 43.96
CA SER I 215 7.00 37.25 45.24
C SER I 215 7.59 36.28 46.25
N VAL I 216 8.78 36.59 46.75
CA VAL I 216 9.45 35.73 47.73
C VAL I 216 8.93 36.08 49.12
N GLN I 217 8.37 35.09 49.81
CA GLN I 217 7.87 35.26 51.15
C GLN I 217 8.84 34.64 52.16
N ALA I 218 8.46 34.67 53.43
CA ALA I 218 9.30 34.12 54.48
C ALA I 218 9.28 32.59 54.53
N GLU I 219 8.33 31.95 53.86
CA GLU I 219 8.24 30.50 53.83
C GLU I 219 8.89 29.89 52.60
N ASP I 220 9.53 30.70 51.76
CA ASP I 220 10.18 30.22 50.54
C ASP I 220 11.65 29.90 50.73
N MET I 221 12.18 30.04 51.95
CA MET I 221 13.58 29.77 52.20
C MET I 221 13.79 28.25 52.28
N ALA I 222 14.43 27.69 51.25
CA ALA I 222 14.67 26.26 51.16
C ALA I 222 15.74 26.02 50.11
N VAL I 223 15.96 24.76 49.76
CA VAL I 223 16.92 24.37 48.74
C VAL I 223 16.14 23.82 47.55
N TYR I 224 16.45 24.33 46.36
CA TYR I 224 15.75 23.96 45.14
C TYR I 224 16.66 23.18 44.22
N TYR I 225 16.14 22.09 43.65
CA TYR I 225 16.88 21.22 42.76
C TYR I 225 16.15 21.09 41.43
N CYS I 226 16.91 20.88 40.37
CA CYS I 226 16.36 20.61 39.05
C CYS I 226 16.86 19.25 38.57
N GLN I 227 15.94 18.44 38.02
CA GLN I 227 16.25 17.12 37.52
C GLN I 227 15.61 16.94 36.15
N GLN I 228 16.39 16.44 35.20
CA GLN I 228 15.88 16.13 33.88
C GLN I 228 15.36 14.70 33.82
N HIS I 229 14.32 14.50 33.02
CA HIS I 229 13.70 13.18 32.87
C HIS I 229 13.43 12.88 31.40
N TYR I 230 14.46 13.04 30.56
CA TYR I 230 14.35 12.78 29.13
C TYR I 230 15.40 11.76 28.71
N SER I 231 14.99 10.49 28.64
CA SER I 231 15.66 9.39 27.96
C SER I 231 16.92 8.88 28.65
N THR I 232 17.39 9.49 29.72
CA THR I 232 18.66 9.09 30.31
C THR I 232 18.44 8.31 31.60
N PRO I 233 18.78 7.03 31.64
CA PRO I 233 18.59 6.24 32.86
C PRO I 233 19.31 6.82 34.06
N PRO I 234 20.49 7.47 33.89
CA PRO I 234 21.07 8.18 35.04
C PRO I 234 20.34 9.48 35.34
N TRP I 235 19.23 9.41 36.08
CA TRP I 235 18.45 10.59 36.45
C TRP I 235 19.16 11.30 37.60
N THR I 236 20.09 12.18 37.26
CA THR I 236 20.88 12.90 38.25
C THR I 236 20.21 14.21 38.63
N PHE I 237 20.27 14.55 39.91
CA PHE I 237 19.72 15.80 40.40
C PHE I 237 20.71 16.94 40.22
N GLY I 238 20.22 18.16 40.40
CA GLY I 238 21.06 19.34 40.32
C GLY I 238 21.86 19.56 41.60
N GLY I 239 22.71 20.58 41.55
CA GLY I 239 23.55 20.90 42.69
C GLY I 239 22.80 21.52 43.85
N GLY I 240 21.67 22.16 43.60
CA GLY I 240 20.89 22.78 44.64
C GLY I 240 21.14 24.28 44.73
N THR I 241 20.17 24.99 45.30
CA THR I 241 20.27 26.44 45.46
C THR I 241 19.54 26.83 46.73
N LYS I 242 20.28 27.36 47.71
CA LYS I 242 19.72 27.76 48.99
C LYS I 242 19.42 29.25 48.99
N LEU I 243 18.21 29.62 49.42
CA LEU I 243 17.82 31.02 49.50
C LEU I 243 18.08 31.57 50.90
N ILE J 1 -14.05 -21.94 11.07
CA ILE J 1 -13.57 -22.35 9.75
C ILE J 1 -13.24 -23.84 9.75
N PRO J 2 -13.89 -24.58 8.87
CA PRO J 2 -13.65 -26.03 8.80
C PRO J 2 -12.21 -26.35 8.46
N LEU J 3 -11.69 -27.41 9.06
CA LEU J 3 -10.33 -27.89 8.82
C LEU J 3 -10.39 -29.36 8.45
N GLY J 4 -9.72 -29.72 7.36
CA GLY J 4 -9.74 -31.09 6.86
C GLY J 4 -8.50 -31.86 7.26
N VAL J 5 -8.72 -33.09 7.72
CA VAL J 5 -7.64 -33.99 8.10
C VAL J 5 -7.78 -35.27 7.29
N ILE J 6 -6.69 -35.69 6.65
CA ILE J 6 -6.69 -36.88 5.81
C ILE J 6 -6.25 -38.07 6.66
N HIS J 7 -7.19 -38.97 6.95
CA HIS J 7 -6.92 -40.18 7.71
C HIS J 7 -7.26 -41.39 6.85
N ASN J 8 -6.34 -42.35 6.80
CA ASN J 8 -6.45 -43.58 5.99
C ASN J 8 -7.05 -43.29 4.62
N SER J 9 -6.48 -42.29 3.95
CA SER J 9 -6.89 -41.86 2.61
C SER J 9 -8.34 -41.40 2.57
N THR J 10 -8.90 -40.98 3.70
CA THR J 10 -10.26 -40.47 3.78
C THR J 10 -10.24 -39.11 4.45
N LEU J 11 -10.91 -38.14 3.83
CA LEU J 11 -10.95 -36.79 4.36
C LEU J 11 -12.00 -36.68 5.46
N GLN J 12 -11.63 -36.07 6.58
CA GLN J 12 -12.51 -35.89 7.72
C GLN J 12 -12.49 -34.44 8.16
N VAL J 13 -13.57 -34.02 8.80
CA VAL J 13 -13.69 -32.66 9.33
C VAL J 13 -13.19 -32.65 10.77
N SER J 14 -12.31 -31.70 11.09
CA SER J 14 -11.77 -31.60 12.43
C SER J 14 -12.86 -31.26 13.44
N ASP J 15 -12.75 -31.83 14.63
CA ASP J 15 -13.72 -31.59 15.69
C ASP J 15 -13.03 -31.20 16.99
N LEU J 19 -11.37 -32.22 20.84
CA LEU J 19 -10.08 -32.84 21.10
C LEU J 19 -10.06 -34.29 20.63
N VAL J 20 -9.07 -34.63 19.81
CA VAL J 20 -8.96 -35.96 19.22
C VAL J 20 -7.78 -36.74 19.80
N CYS J 21 -6.65 -36.07 20.00
CA CYS J 21 -5.42 -36.64 20.58
C CYS J 21 -4.80 -37.72 19.71
N ARG J 22 -5.32 -37.93 18.49
CA ARG J 22 -4.72 -38.91 17.58
C ARG J 22 -4.21 -38.29 16.29
N ASP J 23 -4.57 -37.05 15.98
CA ASP J 23 -4.02 -36.36 14.82
C ASP J 23 -2.63 -35.83 15.14
N LYS J 24 -1.74 -35.91 14.16
CA LYS J 24 -0.35 -35.49 14.32
C LYS J 24 -0.10 -34.25 13.49
N LEU J 25 0.38 -33.19 14.14
CA LEU J 25 0.78 -31.96 13.46
C LEU J 25 2.10 -31.51 14.07
N SER J 26 3.19 -31.74 13.34
CA SER J 26 4.53 -31.44 13.85
C SER J 26 5.25 -30.35 13.07
N SER J 27 4.62 -29.77 12.06
CA SER J 27 5.25 -28.71 11.29
C SER J 27 4.16 -27.90 10.59
N THR J 28 4.52 -26.67 10.20
CA THR J 28 3.60 -25.82 9.45
C THR J 28 3.52 -26.20 7.98
N ASN J 29 4.41 -27.07 7.49
CA ASN J 29 4.31 -27.55 6.12
C ASN J 29 3.11 -28.46 5.91
N GLN J 30 2.64 -29.13 6.97
CA GLN J 30 1.45 -29.97 6.85
C GLN J 30 0.21 -29.13 6.56
N LEU J 31 0.12 -27.95 7.17
CA LEU J 31 -1.00 -27.06 6.88
C LEU J 31 -0.91 -26.56 5.45
N ARG J 32 -2.02 -26.65 4.72
CA ARG J 32 -2.05 -26.28 3.31
C ARG J 32 -3.40 -25.67 2.97
N SER J 33 -3.37 -24.62 2.16
CA SER J 33 -4.57 -23.98 1.65
C SER J 33 -4.63 -24.21 0.13
N VAL J 34 -5.73 -24.79 -0.33
CA VAL J 34 -5.88 -25.18 -1.73
C VAL J 34 -7.08 -24.44 -2.30
N GLY J 35 -6.89 -23.82 -3.47
CA GLY J 35 -7.97 -23.17 -4.18
C GLY J 35 -8.51 -24.05 -5.29
N LEU J 36 -9.78 -24.44 -5.15
CA LEU J 36 -10.43 -25.34 -6.08
C LEU J 36 -11.41 -24.56 -6.95
N ASN J 37 -11.32 -24.77 -8.26
CA ASN J 37 -12.18 -24.06 -9.20
C ASN J 37 -13.60 -24.62 -9.17
N LEU J 38 -14.55 -23.78 -9.56
CA LEU J 38 -15.96 -24.17 -9.60
C LEU J 38 -16.30 -25.01 -10.82
N GLU J 39 -15.43 -25.07 -11.83
CA GLU J 39 -15.72 -25.86 -13.01
C GLU J 39 -15.75 -27.35 -12.70
N GLY J 40 -14.99 -27.78 -11.67
CA GLY J 40 -15.02 -29.17 -11.27
C GLY J 40 -16.37 -29.60 -10.72
N ASN J 41 -17.10 -28.67 -10.09
CA ASN J 41 -18.42 -28.97 -9.54
C ASN J 41 -19.48 -29.14 -10.61
N GLY J 42 -19.19 -28.79 -11.87
CA GLY J 42 -20.13 -28.95 -12.95
C GLY J 42 -20.95 -27.72 -13.30
N VAL J 43 -20.56 -26.54 -12.81
CA VAL J 43 -21.29 -25.32 -13.16
C VAL J 43 -21.05 -24.97 -14.62
N ALA J 44 -21.95 -24.14 -15.16
CA ALA J 44 -21.86 -23.74 -16.55
C ALA J 44 -20.68 -22.80 -16.76
N THR J 45 -19.84 -23.11 -17.74
CA THR J 45 -18.66 -22.31 -18.04
C THR J 45 -18.89 -21.33 -19.20
N ASP J 46 -20.10 -21.25 -19.73
CA ASP J 46 -20.39 -20.36 -20.84
C ASP J 46 -20.26 -18.91 -20.39
N VAL J 47 -19.77 -18.06 -21.30
CA VAL J 47 -19.62 -16.63 -20.98
C VAL J 47 -20.95 -15.98 -20.62
N PRO J 48 -22.03 -16.13 -21.40
CA PRO J 48 -23.31 -15.55 -20.95
C PRO J 48 -23.80 -16.10 -19.63
N SER J 49 -23.56 -17.38 -19.34
CA SER J 49 -23.99 -17.95 -18.08
C SER J 49 -23.12 -17.48 -16.92
N ALA J 50 -21.80 -17.40 -17.14
CA ALA J 50 -20.90 -16.99 -16.07
C ALA J 50 -21.15 -15.55 -15.65
N THR J 51 -21.38 -14.65 -16.61
CA THR J 51 -21.57 -13.25 -16.30
C THR J 51 -22.86 -12.98 -15.53
N LYS J 52 -23.81 -13.91 -15.55
CA LYS J 52 -25.04 -13.75 -14.80
C LYS J 52 -24.87 -14.04 -13.31
N ARG J 53 -23.73 -14.56 -12.89
CA ARG J 53 -23.44 -14.81 -11.49
C ARG J 53 -22.65 -13.67 -10.85
N TRP J 54 -22.44 -12.58 -11.57
CA TRP J 54 -21.66 -11.45 -11.09
C TRP J 54 -22.54 -10.21 -11.02
N GLY J 55 -22.44 -9.48 -9.91
CA GLY J 55 -23.23 -8.28 -9.72
C GLY J 55 -22.40 -7.18 -9.08
N PHE J 56 -22.84 -5.95 -9.32
CA PHE J 56 -22.16 -4.76 -8.81
C PHE J 56 -22.87 -4.24 -7.57
N ARG J 57 -22.07 -3.89 -6.56
CA ARG J 57 -22.59 -3.38 -5.30
C ARG J 57 -21.64 -2.32 -4.77
N SER J 58 -22.16 -1.45 -3.91
CA SER J 58 -21.39 -0.39 -3.28
C SER J 58 -21.55 -0.45 -1.77
N GLY J 59 -20.49 -0.09 -1.06
CA GLY J 59 -20.48 -0.08 0.39
C GLY J 59 -19.77 -1.24 1.04
N VAL J 60 -19.38 -2.25 0.27
CA VAL J 60 -18.71 -3.44 0.79
C VAL J 60 -17.25 -3.36 0.39
N PRO J 61 -16.31 -3.17 1.32
CA PRO J 61 -14.89 -3.13 0.97
C PRO J 61 -14.42 -4.48 0.44
N PRO J 62 -13.51 -4.48 -0.53
CA PRO J 62 -12.96 -5.74 -1.02
C PRO J 62 -12.03 -6.40 -0.01
N LYS J 63 -11.95 -7.72 -0.08
CA LYS J 63 -11.10 -8.51 0.79
C LYS J 63 -10.32 -9.53 -0.03
N VAL J 64 -9.08 -9.79 0.39
CA VAL J 64 -8.19 -10.70 -0.31
C VAL J 64 -7.65 -11.71 0.68
N VAL J 65 -7.71 -12.99 0.32
CA VAL J 65 -7.17 -14.07 1.14
C VAL J 65 -6.10 -14.79 0.33
N ASN J 66 -5.24 -15.53 1.04
CA ASN J 66 -4.07 -16.16 0.45
C ASN J 66 -4.25 -17.68 0.41
N TYR J 67 -3.87 -18.27 -0.72
CA TYR J 67 -3.82 -19.73 -0.85
C TYR J 67 -2.52 -20.11 -1.55
N GLU J 68 -2.08 -21.33 -1.29
CA GLU J 68 -0.77 -21.81 -1.74
C GLU J 68 -0.84 -22.77 -2.93
N ALA J 69 -1.79 -23.70 -2.93
CA ALA J 69 -1.94 -24.66 -4.00
C ALA J 69 -3.18 -24.34 -4.82
N GLY J 70 -3.09 -24.56 -6.13
CA GLY J 70 -4.18 -24.28 -7.04
C GLY J 70 -4.52 -25.48 -7.90
N GLU J 71 -5.54 -25.29 -8.75
CA GLU J 71 -6.03 -26.31 -9.65
C GLU J 71 -5.98 -25.77 -11.07
N TRP J 72 -5.63 -26.64 -12.02
CA TRP J 72 -5.62 -26.25 -13.42
C TRP J 72 -7.03 -25.89 -13.87
N ALA J 73 -7.16 -24.74 -14.52
CA ALA J 73 -8.46 -24.21 -14.93
C ALA J 73 -8.62 -24.35 -16.44
N GLU J 74 -9.71 -24.96 -16.87
CA GLU J 74 -10.02 -25.07 -18.29
C GLU J 74 -10.71 -23.84 -18.84
N ASN J 75 -11.19 -22.93 -17.98
CA ASN J 75 -11.88 -21.72 -18.41
C ASN J 75 -11.51 -20.58 -17.47
N CYS J 76 -11.03 -19.48 -18.05
CA CYS J 76 -10.68 -18.28 -17.30
C CYS J 76 -11.26 -17.08 -18.02
N TYR J 77 -11.46 -16.00 -17.25
CA TYR J 77 -12.13 -14.82 -17.76
C TYR J 77 -11.27 -13.57 -17.53
N ASN J 78 -11.25 -12.70 -18.53
CA ASN J 78 -10.60 -11.40 -18.44
C ASN J 78 -11.61 -10.34 -18.85
N LEU J 79 -11.83 -9.35 -17.98
CA LEU J 79 -12.87 -8.36 -18.17
C LEU J 79 -12.25 -6.97 -18.34
N GLU J 80 -12.64 -6.29 -19.43
CA GLU J 80 -12.34 -4.88 -19.65
C GLU J 80 -13.66 -4.22 -20.00
N ILE J 81 -14.41 -3.82 -18.98
CA ILE J 81 -15.76 -3.28 -19.13
C ILE J 81 -15.74 -1.80 -18.77
N LYS J 82 -16.33 -0.97 -19.63
CA LYS J 82 -16.47 0.46 -19.39
C LYS J 82 -17.93 0.85 -19.43
N LYS J 83 -18.23 2.03 -18.88
CA LYS J 83 -19.56 2.57 -18.96
C LYS J 83 -19.84 3.05 -20.39
N PRO J 84 -21.12 3.16 -20.77
CA PRO J 84 -21.44 3.59 -22.15
C PRO J 84 -20.92 4.96 -22.51
N ASP J 85 -20.45 5.74 -21.54
CA ASP J 85 -19.89 7.07 -21.80
C ASP J 85 -18.37 7.06 -21.87
N GLY J 86 -17.73 5.90 -21.72
CA GLY J 86 -16.29 5.78 -21.81
C GLY J 86 -15.56 5.71 -20.49
N SER J 87 -16.23 6.02 -19.38
CA SER J 87 -15.58 5.96 -18.08
C SER J 87 -15.37 4.51 -17.64
N GLU J 88 -14.36 4.31 -16.80
CA GLU J 88 -14.02 2.97 -16.33
C GLU J 88 -15.09 2.45 -15.37
N CYS J 89 -15.21 1.13 -15.34
CA CYS J 89 -16.18 0.44 -14.49
C CYS J 89 -15.54 -0.40 -13.41
N LEU J 90 -14.47 -1.14 -13.73
CA LEU J 90 -13.77 -2.00 -12.77
C LEU J 90 -12.52 -1.32 -12.24
N PRO J 91 -12.18 -1.55 -10.98
CA PRO J 91 -10.98 -0.94 -10.41
C PRO J 91 -9.71 -1.58 -10.95
N ALA J 92 -8.63 -0.81 -10.89
CA ALA J 92 -7.33 -1.31 -11.32
C ALA J 92 -6.77 -2.30 -10.29
N ALA J 93 -6.09 -3.32 -10.79
CA ALA J 93 -5.53 -4.34 -9.90
C ALA J 93 -4.41 -3.73 -9.06
N PRO J 94 -4.40 -3.96 -7.75
CA PRO J 94 -3.33 -3.42 -6.91
C PRO J 94 -2.01 -4.13 -7.20
N ASP J 95 -0.94 -3.59 -6.60
CA ASP J 95 0.39 -4.17 -6.78
C ASP J 95 0.48 -5.50 -6.04
N GLY J 96 1.01 -6.51 -6.72
CA GLY J 96 1.14 -7.83 -6.16
C GLY J 96 0.08 -8.82 -6.60
N ILE J 97 -0.94 -8.37 -7.35
CA ILE J 97 -2.02 -9.22 -7.83
C ILE J 97 -1.81 -9.44 -9.33
N ARG J 98 -1.72 -10.70 -9.72
CA ARG J 98 -1.50 -11.09 -11.11
C ARG J 98 -2.61 -12.03 -11.57
N GLY J 99 -2.57 -12.37 -12.85
CA GLY J 99 -3.57 -13.25 -13.41
C GLY J 99 -3.38 -14.69 -12.97
N PHE J 100 -4.41 -15.49 -13.23
CA PHE J 100 -4.36 -16.90 -12.89
C PHE J 100 -3.29 -17.59 -13.74
N PRO J 101 -2.40 -18.38 -13.14
CA PRO J 101 -1.25 -18.88 -13.92
C PRO J 101 -1.61 -19.93 -14.94
N ARG J 102 -2.46 -20.89 -14.60
CA ARG J 102 -2.78 -22.02 -15.48
C ARG J 102 -4.20 -21.87 -16.00
N CYS J 103 -4.32 -21.55 -17.29
CA CYS J 103 -5.62 -21.36 -17.93
C CYS J 103 -5.57 -21.96 -19.32
N ARG J 104 -6.37 -23.00 -19.55
CA ARG J 104 -6.44 -23.59 -20.89
C ARG J 104 -7.08 -22.63 -21.88
N TYR J 105 -8.18 -21.99 -21.49
CA TYR J 105 -8.86 -21.00 -22.32
C TYR J 105 -9.08 -19.74 -21.50
N VAL J 106 -8.86 -18.59 -22.12
CA VAL J 106 -9.07 -17.29 -21.49
C VAL J 106 -10.14 -16.57 -22.30
N HIS J 107 -11.29 -16.32 -21.67
CA HIS J 107 -12.39 -15.62 -22.32
C HIS J 107 -12.27 -14.14 -21.99
N LYS J 108 -11.75 -13.36 -22.94
CA LYS J 108 -11.56 -11.93 -22.75
C LYS J 108 -12.82 -11.22 -23.23
N VAL J 109 -13.54 -10.59 -22.28
CA VAL J 109 -14.80 -9.93 -22.56
C VAL J 109 -14.61 -8.43 -22.42
N SER J 110 -14.98 -7.69 -23.46
CA SER J 110 -14.91 -6.24 -23.45
C SER J 110 -16.20 -5.67 -24.02
N GLY J 111 -16.49 -4.43 -23.67
CA GLY J 111 -17.68 -3.77 -24.16
C GLY J 111 -18.15 -2.72 -23.18
N THR J 112 -19.43 -2.40 -23.27
CA THR J 112 -20.04 -1.37 -22.44
C THR J 112 -21.25 -1.93 -21.70
N GLY J 113 -21.57 -1.33 -20.56
CA GLY J 113 -22.71 -1.73 -19.77
C GLY J 113 -22.81 -0.91 -18.49
N PRO J 114 -23.98 -0.92 -17.87
CA PRO J 114 -24.14 -0.19 -16.61
C PRO J 114 -23.35 -0.81 -15.48
N CYS J 115 -22.86 0.04 -14.58
CA CYS J 115 -22.13 -0.41 -13.39
C CYS J 115 -22.62 0.44 -12.22
N ALA J 116 -23.64 -0.07 -11.52
CA ALA J 116 -24.28 0.65 -10.43
C ALA J 116 -23.53 0.51 -9.11
N GLY J 117 -22.45 -0.27 -9.08
CA GLY J 117 -21.67 -0.43 -7.87
C GLY J 117 -20.20 -0.18 -8.12
N ASP J 118 -19.48 0.09 -7.03
CA ASP J 118 -18.04 0.32 -7.14
C ASP J 118 -17.28 -0.95 -7.47
N PHE J 119 -17.76 -2.10 -7.00
CA PHE J 119 -17.07 -3.36 -7.20
C PHE J 119 -18.07 -4.43 -7.63
N ALA J 120 -17.56 -5.44 -8.32
CA ALA J 120 -18.36 -6.57 -8.79
C ALA J 120 -18.10 -7.78 -7.90
N PHE J 121 -19.17 -8.33 -7.34
CA PHE J 121 -19.09 -9.46 -6.43
C PHE J 121 -19.68 -10.71 -7.08
N HIS J 122 -19.57 -11.84 -6.38
CA HIS J 122 -20.13 -13.10 -6.82
C HIS J 122 -21.42 -13.37 -6.07
N LYS J 123 -22.50 -13.60 -6.82
CA LYS J 123 -23.81 -13.75 -6.21
C LYS J 123 -23.94 -15.03 -5.38
N GLU J 124 -23.10 -16.03 -5.63
CA GLU J 124 -23.13 -17.27 -4.86
C GLU J 124 -22.14 -17.26 -3.69
N GLY J 125 -21.43 -16.15 -3.48
CA GLY J 125 -20.49 -16.06 -2.38
C GLY J 125 -19.12 -16.65 -2.65
N ALA J 126 -18.84 -17.08 -3.87
CA ALA J 126 -17.54 -17.66 -4.19
C ALA J 126 -16.49 -16.56 -4.34
N PHE J 127 -15.25 -16.99 -4.53
CA PHE J 127 -14.12 -16.08 -4.68
C PHE J 127 -13.65 -16.05 -6.13
N PHE J 128 -12.92 -15.00 -6.47
CA PHE J 128 -12.26 -14.87 -7.76
C PHE J 128 -10.79 -15.17 -7.57
N LEU J 129 -10.34 -16.30 -8.10
CA LEU J 129 -8.96 -16.75 -7.87
C LEU J 129 -7.99 -16.01 -8.77
N TYR J 130 -6.87 -15.60 -8.18
CA TYR J 130 -5.80 -14.92 -8.89
C TYR J 130 -4.52 -15.71 -8.61
N ASP J 131 -3.37 -15.13 -8.95
CA ASP J 131 -2.10 -15.80 -8.72
C ASP J 131 -1.82 -15.90 -7.23
N ARG J 132 -2.21 -17.05 -6.64
CA ARG J 132 -2.02 -17.33 -5.22
C ARG J 132 -2.75 -16.34 -4.32
N LEU J 133 -3.76 -15.65 -4.85
CA LEU J 133 -4.58 -14.74 -4.07
C LEU J 133 -6.03 -14.88 -4.49
N ALA J 134 -6.93 -14.94 -3.51
CA ALA J 134 -8.36 -15.03 -3.76
C ALA J 134 -9.03 -13.74 -3.27
N SER J 135 -9.78 -13.11 -4.15
CA SER J 135 -10.43 -11.83 -3.85
C SER J 135 -11.94 -11.95 -4.06
N THR J 136 -12.68 -11.11 -3.36
CA THR J 136 -14.13 -11.07 -3.48
C THR J 136 -14.61 -10.16 -4.61
N VAL J 137 -13.71 -9.45 -5.28
CA VAL J 137 -14.07 -8.51 -6.33
C VAL J 137 -13.26 -8.83 -7.58
N ILE J 138 -13.66 -8.19 -8.69
CA ILE J 138 -13.03 -8.37 -9.98
C ILE J 138 -12.20 -7.13 -10.29
N TYR J 139 -10.96 -7.33 -10.73
CA TYR J 139 -10.07 -6.24 -11.09
C TYR J 139 -9.95 -6.12 -12.60
N ARG J 140 -9.69 -4.90 -13.06
CA ARG J 140 -9.67 -4.62 -14.50
C ARG J 140 -8.46 -5.27 -15.16
N GLY J 141 -8.71 -5.95 -16.28
CA GLY J 141 -7.64 -6.47 -17.10
C GLY J 141 -6.76 -7.51 -16.42
N THR J 142 -7.36 -8.37 -15.60
CA THR J 142 -6.63 -9.42 -14.90
C THR J 142 -7.37 -10.73 -15.09
N THR J 143 -6.63 -11.78 -15.48
CA THR J 143 -7.23 -13.09 -15.66
C THR J 143 -7.56 -13.70 -14.31
N PHE J 144 -8.78 -14.23 -14.19
CA PHE J 144 -9.23 -14.80 -12.93
C PHE J 144 -10.06 -16.05 -13.20
N ALA J 145 -10.13 -16.91 -12.19
CA ALA J 145 -11.01 -18.06 -12.18
C ALA J 145 -11.89 -18.02 -10.94
N GLU J 146 -13.12 -18.48 -11.08
CA GLU J 146 -14.06 -18.50 -9.97
C GLU J 146 -13.94 -19.83 -9.23
N GLY J 147 -13.73 -19.76 -7.92
CA GLY J 147 -13.53 -20.97 -7.15
C GLY J 147 -13.60 -20.69 -5.66
N VAL J 148 -13.22 -21.71 -4.89
CA VAL J 148 -13.30 -21.67 -3.44
C VAL J 148 -11.99 -22.18 -2.86
N VAL J 149 -11.77 -21.88 -1.58
CA VAL J 149 -10.52 -22.19 -0.89
C VAL J 149 -10.81 -23.12 0.27
N ALA J 150 -9.97 -24.13 0.44
CA ALA J 150 -10.08 -25.10 1.52
C ALA J 150 -8.75 -25.19 2.26
N PHE J 151 -8.83 -25.56 3.54
CA PHE J 151 -7.66 -25.71 4.39
C PHE J 151 -7.53 -27.16 4.82
N LEU J 152 -6.30 -27.68 4.75
CA LEU J 152 -6.04 -29.10 4.97
C LEU J 152 -4.85 -29.29 5.89
N ILE J 153 -4.80 -30.46 6.52
CA ILE J 153 -3.63 -30.93 7.25
C ILE J 153 -3.08 -32.11 6.47
N LEU J 154 -1.97 -31.90 5.77
CA LEU J 154 -1.43 -32.95 4.93
C LEU J 154 -0.83 -34.07 5.78
N PRO J 155 -0.99 -35.32 5.37
CA PRO J 155 -0.39 -36.43 6.14
C PRO J 155 1.13 -36.40 6.09
N GLN J 156 1.74 -36.93 7.13
CA GLN J 156 3.19 -37.05 7.20
C GLN J 156 3.70 -38.12 6.23
N TYR J 181 2.30 -26.03 -21.65
CA TYR J 181 1.27 -25.08 -21.24
C TYR J 181 0.99 -24.05 -22.34
N TYR J 182 -0.19 -24.13 -22.93
CA TYR J 182 -0.62 -23.21 -23.97
C TYR J 182 -2.01 -22.70 -23.66
N SER J 183 -2.22 -21.41 -23.88
CA SER J 183 -3.48 -20.75 -23.59
C SER J 183 -4.04 -20.11 -24.85
N THR J 184 -5.36 -20.18 -25.01
CA THR J 184 -6.06 -19.60 -26.14
C THR J 184 -6.97 -18.49 -25.65
N THR J 185 -6.90 -17.33 -26.32
CA THR J 185 -7.70 -16.17 -25.95
C THR J 185 -8.86 -16.00 -26.92
N ILE J 186 -10.05 -15.79 -26.39
CA ILE J 186 -11.26 -15.61 -27.18
C ILE J 186 -11.82 -14.21 -26.90
N ARG J 187 -12.14 -13.49 -27.97
CA ARG J 187 -12.60 -12.11 -27.86
C ARG J 187 -14.12 -12.06 -27.84
N TYR J 188 -14.67 -11.29 -26.91
CA TYR J 188 -16.11 -11.09 -26.80
C TYR J 188 -16.42 -9.61 -26.74
N GLN J 189 -17.49 -9.21 -27.43
CA GLN J 189 -17.98 -7.83 -27.42
C GLN J 189 -19.39 -7.85 -26.85
N ALA J 190 -19.57 -7.30 -25.65
CA ALA J 190 -20.83 -7.34 -24.94
C ALA J 190 -21.37 -5.93 -24.77
N THR J 191 -22.67 -5.76 -25.04
CA THR J 191 -23.37 -4.51 -24.82
C THR J 191 -24.45 -4.73 -23.76
N GLY J 192 -24.63 -3.75 -22.89
CA GLY J 192 -25.55 -3.91 -21.79
C GLY J 192 -25.10 -4.96 -20.79
N PHE J 193 -23.82 -4.95 -20.42
CA PHE J 193 -23.29 -5.93 -19.49
C PHE J 193 -23.94 -5.79 -18.12
N GLY J 194 -24.24 -6.94 -17.51
CA GLY J 194 -24.86 -6.96 -16.20
C GLY J 194 -26.37 -6.86 -16.18
N THR J 195 -27.02 -6.95 -17.34
CA THR J 195 -28.47 -6.87 -17.44
C THR J 195 -29.01 -8.15 -18.10
N ASN J 196 -30.32 -8.15 -18.35
CA ASN J 196 -30.98 -9.26 -19.02
C ASN J 196 -31.10 -9.04 -20.53
N GLU J 197 -30.51 -7.97 -21.07
CA GLU J 197 -30.58 -7.68 -22.49
C GLU J 197 -29.16 -7.53 -23.04
N THR J 198 -28.29 -8.47 -22.69
CA THR J 198 -26.88 -8.41 -23.07
C THR J 198 -26.65 -9.22 -24.34
N GLU J 199 -26.08 -8.56 -25.35
CA GLU J 199 -25.78 -9.19 -26.62
C GLU J 199 -24.28 -9.35 -26.77
N TYR J 200 -23.84 -10.55 -27.14
CA TYR J 200 -22.42 -10.85 -27.31
C TYR J 200 -22.11 -10.97 -28.80
N LEU J 201 -21.06 -10.27 -29.23
CA LEU J 201 -20.61 -10.26 -30.62
C LEU J 201 -21.74 -9.86 -31.57
N ALA K 2 -17.35 -37.66 8.56
CA ALA K 2 -17.75 -38.12 7.24
C ALA K 2 -18.23 -36.96 6.38
N ILE K 3 -17.71 -36.87 5.16
CA ILE K 3 -18.07 -35.82 4.21
C ILE K 3 -18.83 -36.45 3.06
N VAL K 4 -20.03 -35.92 2.79
CA VAL K 4 -20.88 -36.40 1.70
C VAL K 4 -20.88 -35.34 0.61
N ASN K 5 -20.48 -35.74 -0.59
CA ASN K 5 -20.40 -34.81 -1.72
C ASN K 5 -21.79 -34.61 -2.31
N ALA K 6 -22.33 -33.41 -2.16
CA ALA K 6 -23.65 -33.07 -2.68
C ALA K 6 -23.59 -32.37 -4.04
N GLN K 7 -22.40 -32.21 -4.61
CA GLN K 7 -22.29 -31.54 -5.90
C GLN K 7 -22.87 -32.42 -7.00
N PRO K 8 -23.51 -31.84 -8.01
CA PRO K 8 -24.05 -32.65 -9.11
C PRO K 8 -23.00 -33.44 -9.86
N LYS K 9 -21.78 -32.89 -10.00
CA LYS K 9 -20.72 -33.55 -10.74
C LYS K 9 -19.40 -33.34 -10.01
N CYS K 10 -18.61 -34.39 -9.91
CA CYS K 10 -17.28 -34.34 -9.30
C CYS K 10 -16.25 -34.77 -10.32
N ASN K 11 -15.16 -34.02 -10.41
CA ASN K 11 -14.05 -34.38 -11.30
C ASN K 11 -13.10 -35.32 -10.57
N PRO K 12 -12.95 -36.57 -11.02
CA PRO K 12 -12.07 -37.50 -10.30
C PRO K 12 -10.59 -37.13 -10.35
N ASN K 13 -10.17 -36.32 -11.31
CA ASN K 13 -8.77 -35.96 -11.46
C ASN K 13 -8.52 -34.56 -10.93
N LEU K 14 -7.30 -34.33 -10.45
CA LEU K 14 -6.89 -33.05 -9.86
C LEU K 14 -5.53 -32.67 -10.42
N HIS K 15 -5.50 -31.79 -11.41
CA HIS K 15 -4.26 -31.23 -11.94
C HIS K 15 -3.92 -30.00 -11.11
N TYR K 16 -2.87 -30.10 -10.30
CA TYR K 16 -2.53 -29.06 -9.35
C TYR K 16 -1.19 -28.43 -9.69
N TRP K 17 -1.03 -27.16 -9.30
CA TRP K 17 0.22 -26.45 -9.42
C TRP K 17 0.58 -25.86 -8.06
N THR K 18 1.86 -25.97 -7.69
CA THR K 18 2.35 -25.47 -6.42
C THR K 18 3.67 -24.75 -6.66
N THR K 19 4.37 -24.44 -5.58
CA THR K 19 5.68 -23.80 -5.65
C THR K 19 6.73 -24.73 -5.05
N GLN K 20 7.95 -24.63 -5.55
CA GLN K 20 9.04 -25.47 -5.07
C GLN K 20 9.35 -25.16 -3.61
N ASP K 21 9.63 -26.21 -2.85
CA ASP K 21 10.00 -26.05 -1.45
C ASP K 21 11.39 -25.43 -1.33
N GLU K 22 11.61 -24.72 -0.22
CA GLU K 22 12.91 -24.09 0.01
C GLU K 22 14.02 -25.12 0.19
N GLY K 23 13.69 -26.34 0.60
CA GLY K 23 14.66 -27.41 0.76
C GLY K 23 14.88 -28.27 -0.46
N ALA K 24 14.28 -27.92 -1.59
CA ALA K 24 14.45 -28.71 -2.80
C ALA K 24 15.83 -28.50 -3.41
N ALA K 25 16.20 -29.39 -4.32
CA ALA K 25 17.50 -29.33 -4.98
C ALA K 25 17.48 -28.24 -6.05
N ILE K 26 18.36 -27.26 -5.90
CA ILE K 26 18.46 -26.14 -6.83
C ILE K 26 19.93 -25.90 -7.16
N GLY K 27 20.16 -25.28 -8.30
CA GLY K 27 21.52 -24.95 -8.71
C GLY K 27 21.81 -23.46 -8.60
N LEU K 28 21.91 -22.79 -9.74
CA LEU K 28 22.16 -21.35 -9.78
C LEU K 28 20.87 -20.54 -9.84
N ALA K 29 19.71 -21.18 -9.95
CA ALA K 29 18.46 -20.48 -10.18
C ALA K 29 17.88 -19.85 -8.91
N TRP K 30 18.44 -20.13 -7.73
CA TRP K 30 17.93 -19.50 -6.52
C TRP K 30 18.25 -18.02 -6.47
N ILE K 31 19.21 -17.55 -7.27
CA ILE K 31 19.50 -16.12 -7.37
C ILE K 31 18.40 -15.46 -8.20
N PRO K 32 17.76 -14.40 -7.70
CA PRO K 32 16.72 -13.73 -8.48
C PRO K 32 17.20 -13.20 -9.82
N TYR K 33 18.46 -12.80 -9.92
CA TYR K 33 18.98 -12.30 -11.18
C TYR K 33 19.04 -13.41 -12.24
N PHE K 34 19.45 -14.61 -11.85
CA PHE K 34 19.53 -15.74 -12.76
C PHE K 34 18.32 -16.66 -12.68
N GLY K 35 17.36 -16.37 -11.82
CA GLY K 35 16.22 -17.24 -11.64
C GLY K 35 15.21 -17.10 -12.75
N PRO K 36 14.22 -17.99 -12.76
CA PRO K 36 13.18 -17.94 -13.77
C PRO K 36 12.21 -16.79 -13.52
N ALA K 37 11.39 -16.50 -14.53
CA ALA K 37 10.39 -15.46 -14.43
C ALA K 37 9.27 -15.88 -13.48
N ALA K 38 8.29 -15.00 -13.31
CA ALA K 38 7.17 -15.28 -12.40
C ALA K 38 6.32 -16.45 -12.87
N GLU K 39 6.33 -16.77 -14.16
CA GLU K 39 5.54 -17.88 -14.68
C GLU K 39 6.29 -19.20 -14.68
N GLY K 40 7.56 -19.21 -14.32
CA GLY K 40 8.34 -20.44 -14.33
C GLY K 40 8.69 -20.96 -12.96
N ILE K 41 7.96 -20.53 -11.94
CA ILE K 41 8.21 -20.91 -10.56
C ILE K 41 7.15 -21.87 -10.03
N TYR K 42 6.46 -22.57 -10.92
CA TYR K 42 5.36 -23.46 -10.55
C TYR K 42 5.72 -24.91 -10.85
N THR K 43 5.40 -25.79 -9.92
CA THR K 43 5.57 -27.24 -10.09
C THR K 43 4.20 -27.86 -10.32
N GLU K 44 4.04 -28.59 -11.41
CA GLU K 44 2.78 -29.21 -11.78
C GLU K 44 2.74 -30.66 -11.34
N GLY K 45 1.53 -31.23 -11.34
CA GLY K 45 1.36 -32.62 -10.96
C GLY K 45 -0.07 -33.05 -11.20
N LEU K 46 -0.27 -34.36 -11.14
CA LEU K 46 -1.59 -34.97 -11.34
C LEU K 46 -1.86 -35.96 -10.22
N MET K 47 -3.07 -35.92 -9.68
CA MET K 47 -3.50 -36.81 -8.61
C MET K 47 -4.62 -37.70 -9.13
N HIS K 48 -4.27 -38.93 -9.52
CA HIS K 48 -5.23 -39.94 -9.94
C HIS K 48 -5.53 -40.93 -8.81
N ASN K 49 -5.55 -40.44 -7.58
CA ASN K 49 -5.75 -41.28 -6.40
C ASN K 49 -7.24 -41.60 -6.27
N GLN K 50 -7.63 -42.07 -5.08
CA GLN K 50 -9.02 -42.45 -4.83
C GLN K 50 -9.96 -41.29 -5.13
N ASP K 51 -11.06 -41.61 -5.82
CA ASP K 51 -12.03 -40.59 -6.19
C ASP K 51 -12.71 -39.99 -4.97
N GLY K 52 -12.85 -40.77 -3.88
CA GLY K 52 -13.51 -40.27 -2.70
C GLY K 52 -12.77 -39.11 -2.06
N LEU K 53 -11.44 -39.16 -2.07
CA LEU K 53 -10.65 -38.07 -1.49
C LEU K 53 -10.84 -36.78 -2.27
N ILE K 54 -10.86 -36.86 -3.60
CA ILE K 54 -10.98 -35.65 -4.42
C ILE K 54 -12.37 -35.04 -4.29
N CYS K 55 -13.41 -35.89 -4.37
CA CYS K 55 -14.77 -35.37 -4.25
C CYS K 55 -15.04 -34.82 -2.86
N GLY K 56 -14.51 -35.49 -1.83
CA GLY K 56 -14.62 -34.95 -0.49
C GLY K 56 -13.88 -33.63 -0.32
N LEU K 57 -12.75 -33.49 -0.99
CA LEU K 57 -12.00 -32.23 -0.95
C LEU K 57 -12.81 -31.09 -1.56
N ARG K 58 -13.48 -31.35 -2.69
CA ARG K 58 -14.30 -30.32 -3.31
C ARG K 58 -15.48 -29.94 -2.44
N GLN K 59 -16.10 -30.92 -1.78
CA GLN K 59 -17.21 -30.63 -0.88
C GLN K 59 -16.75 -29.85 0.34
N LEU K 60 -15.55 -30.15 0.84
CA LEU K 60 -15.03 -29.43 2.00
C LEU K 60 -14.83 -27.96 1.70
N ALA K 61 -14.31 -27.64 0.50
CA ALA K 61 -14.14 -26.25 0.12
C ALA K 61 -15.47 -25.53 -0.01
N ASN K 62 -16.53 -26.24 -0.40
CA ASN K 62 -17.86 -25.64 -0.49
C ASN K 62 -18.35 -25.21 0.89
N GLU K 63 -18.14 -26.05 1.90
CA GLU K 63 -18.62 -25.73 3.25
C GLU K 63 -17.78 -24.66 3.93
N THR K 64 -16.52 -24.50 3.53
CA THR K 64 -15.65 -23.51 4.17
C THR K 64 -15.99 -22.10 3.73
N THR K 65 -16.74 -21.93 2.64
CA THR K 65 -16.97 -20.60 2.09
C THR K 65 -17.73 -19.71 3.05
N GLN K 66 -18.77 -20.25 3.70
CA GLN K 66 -19.60 -19.43 4.58
C GLN K 66 -18.80 -18.91 5.77
N ALA K 67 -18.00 -19.78 6.39
CA ALA K 67 -17.20 -19.35 7.54
C ALA K 67 -16.11 -18.39 7.12
N LEU K 68 -15.48 -18.64 5.96
CA LEU K 68 -14.39 -17.78 5.51
C LEU K 68 -14.88 -16.38 5.16
N GLN K 69 -16.07 -16.28 4.55
CA GLN K 69 -16.61 -14.98 4.19
C GLN K 69 -16.89 -14.13 5.43
N LEU K 70 -17.43 -14.74 6.48
CA LEU K 70 -17.69 -14.01 7.71
C LEU K 70 -16.40 -13.56 8.37
N PHE K 71 -15.37 -14.41 8.34
CA PHE K 71 -14.08 -14.04 8.92
C PHE K 71 -13.46 -12.85 8.21
N LEU K 72 -13.53 -12.82 6.89
CA LEU K 72 -12.95 -11.71 6.12
C LEU K 72 -13.69 -10.40 6.39
N ARG K 73 -15.02 -10.47 6.56
CA ARG K 73 -15.79 -9.27 6.84
C ARG K 73 -15.41 -8.66 8.18
N ALA K 74 -15.17 -9.50 9.19
CA ALA K 74 -14.80 -8.99 10.51
C ALA K 74 -13.44 -8.30 10.48
N THR K 75 -12.49 -8.85 9.74
CA THR K 75 -11.15 -8.27 9.67
C THR K 75 -11.17 -6.96 8.89
N THR K 76 -10.19 -6.10 9.19
CA THR K 76 -10.05 -4.81 8.53
C THR K 76 -8.84 -4.72 7.61
N GLU K 77 -7.92 -5.68 7.68
CA GLU K 77 -6.75 -5.66 6.80
C GLU K 77 -7.15 -6.04 5.38
N LEU K 78 -6.51 -5.39 4.41
CA LEU K 78 -6.85 -5.63 3.00
C LEU K 78 -6.45 -7.05 2.58
N ARG K 79 -5.26 -7.50 2.98
CA ARG K 79 -4.76 -8.83 2.64
C ARG K 79 -4.48 -9.61 3.91
N THR K 80 -4.90 -10.88 3.92
CA THR K 80 -4.74 -11.75 5.07
C THR K 80 -3.80 -12.89 4.71
N PHE K 81 -2.77 -13.09 5.53
CA PHE K 81 -1.80 -14.16 5.32
C PHE K 81 -1.57 -15.04 6.54
N SER K 82 -2.27 -14.78 7.65
CA SER K 82 -2.03 -15.48 8.90
C SER K 82 -3.15 -16.45 9.25
N ILE K 83 -3.91 -16.92 8.25
CA ILE K 83 -5.00 -17.85 8.52
C ILE K 83 -4.46 -19.18 9.06
N LEU K 84 -3.40 -19.71 8.41
CA LEU K 84 -2.83 -20.96 8.87
C LEU K 84 -2.08 -20.81 10.17
N ASN K 85 -1.45 -19.66 10.40
CA ASN K 85 -0.75 -19.43 11.66
C ASN K 85 -1.71 -19.45 12.84
N ARG K 86 -2.90 -18.84 12.67
CA ARG K 86 -3.89 -18.87 13.73
C ARG K 86 -4.38 -20.29 14.00
N LYS K 87 -4.54 -21.09 12.94
CA LYS K 87 -4.96 -22.48 13.11
C LYS K 87 -3.94 -23.27 13.92
N ALA K 88 -2.65 -23.04 13.66
CA ALA K 88 -1.62 -23.74 14.41
C ALA K 88 -1.64 -23.33 15.88
N ILE K 89 -1.85 -22.05 16.16
CA ILE K 89 -1.94 -21.59 17.54
C ILE K 89 -3.16 -22.19 18.24
N ASP K 90 -4.31 -22.20 17.56
CA ASP K 90 -5.51 -22.79 18.14
C ASP K 90 -5.32 -24.28 18.39
N PHE K 91 -4.68 -24.99 17.44
CA PHE K 91 -4.42 -26.40 17.63
C PHE K 91 -3.50 -26.64 18.82
N LEU K 92 -2.47 -25.80 18.97
CA LEU K 92 -1.50 -26.00 20.04
C LEU K 92 -2.08 -25.59 21.39
N LEU K 93 -2.90 -24.53 21.42
CA LEU K 93 -3.54 -24.12 22.67
C LEU K 93 -4.51 -25.20 23.15
N GLN K 94 -5.27 -25.79 22.24
CA GLN K 94 -6.21 -26.83 22.63
C GLN K 94 -5.50 -28.08 23.15
N ARG K 95 -4.40 -28.47 22.49
CA ARG K 95 -3.67 -29.66 22.91
C ARG K 95 -3.05 -29.48 24.29
N TRP K 96 -2.40 -28.34 24.51
CA TRP K 96 -1.67 -28.07 25.75
C TRP K 96 -0.65 -29.18 26.04
N GLY K 97 0.08 -29.58 25.00
CA GLY K 97 1.08 -30.61 25.13
C GLY K 97 1.02 -31.65 24.02
N ILE L 1 15.32 -22.92 6.44
CA ILE L 1 16.10 -21.75 6.84
C ILE L 1 16.93 -22.07 8.08
N PRO L 2 18.24 -21.91 7.97
CA PRO L 2 19.13 -22.21 9.10
C PRO L 2 18.81 -21.33 10.30
N LEU L 3 18.93 -21.90 11.49
CA LEU L 3 18.73 -21.20 12.75
C LEU L 3 19.95 -21.41 13.63
N GLY L 4 20.47 -20.32 14.18
CA GLY L 4 21.68 -20.35 14.98
C GLY L 4 21.36 -20.32 16.46
N VAL L 5 22.03 -21.19 17.21
CA VAL L 5 21.89 -21.26 18.66
C VAL L 5 23.27 -21.09 19.27
N ILE L 6 23.37 -20.18 20.24
CA ILE L 6 24.63 -19.88 20.90
C ILE L 6 24.73 -20.73 22.16
N HIS L 7 25.63 -21.72 22.14
CA HIS L 7 25.87 -22.59 23.28
C HIS L 7 27.33 -22.46 23.70
N ASN L 8 27.55 -22.27 25.00
CA ASN L 8 28.87 -22.07 25.61
C ASN L 8 29.75 -21.16 24.74
N SER L 9 29.18 -20.01 24.38
CA SER L 9 29.84 -18.98 23.57
C SER L 9 30.27 -19.51 22.21
N THR L 10 29.62 -20.56 21.71
CA THR L 10 29.91 -21.14 20.41
C THR L 10 28.62 -21.23 19.61
N LEU L 11 28.65 -20.75 18.37
CA LEU L 11 27.47 -20.76 17.52
C LEU L 11 27.30 -22.13 16.87
N GLN L 12 26.08 -22.66 16.92
CA GLN L 12 25.76 -23.95 16.36
C GLN L 12 24.52 -23.83 15.48
N VAL L 13 24.40 -24.75 14.52
CA VAL L 13 23.27 -24.80 13.61
C VAL L 13 22.21 -25.72 14.20
N SER L 14 20.97 -25.23 14.25
CA SER L 14 19.87 -26.03 14.80
C SER L 14 19.62 -27.26 13.95
N ASP L 15 19.27 -28.36 14.61
CA ASP L 15 19.00 -29.62 13.93
C ASP L 15 17.68 -30.21 14.40
N LEU L 19 15.39 -32.84 16.92
CA LEU L 19 15.01 -32.62 18.31
C LEU L 19 16.23 -32.70 19.22
N VAL L 20 16.44 -31.66 20.04
CA VAL L 20 17.60 -31.57 20.90
C VAL L 20 17.22 -31.71 22.37
N CYS L 21 16.10 -31.11 22.78
CA CYS L 21 15.56 -31.16 24.14
C CYS L 21 16.47 -30.50 25.17
N ARG L 22 17.54 -29.83 24.74
CA ARG L 22 18.42 -29.12 25.66
C ARG L 22 18.47 -27.62 25.40
N ASP L 23 17.99 -27.15 24.26
CA ASP L 23 17.92 -25.72 24.00
C ASP L 23 16.70 -25.12 24.69
N LYS L 24 16.87 -23.92 25.24
CA LYS L 24 15.83 -23.24 25.99
C LYS L 24 15.35 -22.04 25.19
N LEU L 25 14.04 -21.99 24.94
CA LEU L 25 13.39 -20.86 24.28
C LEU L 25 12.10 -20.55 25.04
N SER L 26 12.11 -19.50 25.85
CA SER L 26 10.98 -19.17 26.70
C SER L 26 10.34 -17.84 26.35
N SER L 27 10.85 -17.12 25.35
CA SER L 27 10.26 -15.85 24.96
C SER L 27 10.63 -15.56 23.51
N THR L 28 9.86 -14.67 22.90
CA THR L 28 10.16 -14.24 21.54
C THR L 28 11.27 -13.20 21.48
N ASN L 29 11.70 -12.66 22.62
CA ASN L 29 12.83 -11.75 22.63
C ASN L 29 14.15 -12.47 22.35
N GLN L 30 14.22 -13.77 22.63
CA GLN L 30 15.43 -14.53 22.32
C GLN L 30 15.65 -14.62 20.82
N LEU L 31 14.58 -14.78 20.05
CA LEU L 31 14.69 -14.81 18.60
C LEU L 31 15.11 -13.45 18.09
N ARG L 32 16.12 -13.43 17.22
CA ARG L 32 16.67 -12.18 16.71
C ARG L 32 17.11 -12.37 15.27
N SER L 33 16.87 -11.35 14.45
CA SER L 33 17.33 -11.31 13.07
C SER L 33 18.36 -10.20 12.92
N VAL L 34 19.54 -10.55 12.45
CA VAL L 34 20.67 -9.63 12.36
C VAL L 34 21.08 -9.50 10.90
N GLY L 35 21.23 -8.25 10.43
CA GLY L 35 21.70 -7.99 9.10
C GLY L 35 23.18 -7.64 9.11
N LEU L 36 23.98 -8.50 8.48
CA LEU L 36 25.43 -8.35 8.45
C LEU L 36 25.88 -7.86 7.08
N ASN L 37 26.72 -6.82 7.08
CA ASN L 37 27.20 -6.25 5.84
C ASN L 37 28.24 -7.15 5.19
N LEU L 38 28.36 -7.02 3.86
CA LEU L 38 29.33 -7.81 3.11
C LEU L 38 30.75 -7.26 3.20
N GLU L 39 30.93 -6.03 3.71
CA GLU L 39 32.27 -5.48 3.83
C GLU L 39 33.10 -6.24 4.87
N GLY L 40 32.43 -6.83 5.87
CA GLY L 40 33.15 -7.62 6.85
C GLY L 40 33.79 -8.86 6.26
N ASN L 41 33.17 -9.42 5.22
CA ASN L 41 33.72 -10.60 4.56
C ASN L 41 34.95 -10.31 3.72
N GLY L 42 35.28 -9.05 3.49
CA GLY L 42 36.45 -8.67 2.73
C GLY L 42 36.22 -8.39 1.26
N VAL L 43 34.98 -8.22 0.83
CA VAL L 43 34.72 -7.91 -0.58
C VAL L 43 35.19 -6.49 -0.89
N ALA L 44 35.37 -6.23 -2.18
CA ALA L 44 35.84 -4.91 -2.60
C ALA L 44 34.75 -3.87 -2.42
N THR L 45 35.09 -2.76 -1.77
CA THR L 45 34.16 -1.68 -1.51
C THR L 45 34.27 -0.54 -2.52
N ASP L 46 35.12 -0.68 -3.53
CA ASP L 46 35.28 0.38 -4.52
C ASP L 46 34.01 0.54 -5.34
N VAL L 47 33.72 1.79 -5.72
CA VAL L 47 32.51 2.06 -6.50
C VAL L 47 32.52 1.34 -7.84
N PRO L 48 33.58 1.39 -8.65
CA PRO L 48 33.57 0.60 -9.90
C PRO L 48 33.44 -0.90 -9.67
N SER L 49 34.01 -1.42 -8.58
CA SER L 49 33.90 -2.85 -8.29
C SER L 49 32.50 -3.20 -7.80
N ALA L 50 31.92 -2.36 -6.94
CA ALA L 50 30.61 -2.65 -6.37
C ALA L 50 29.53 -2.65 -7.45
N THR L 51 29.60 -1.70 -8.39
CA THR L 51 28.56 -1.59 -9.41
C THR L 51 28.58 -2.75 -10.39
N LYS L 52 29.67 -3.51 -10.45
CA LYS L 52 29.73 -4.68 -11.33
C LYS L 52 29.01 -5.89 -10.75
N ARG L 53 28.57 -5.82 -9.50
CA ARG L 53 27.80 -6.89 -8.88
C ARG L 53 26.29 -6.67 -8.97
N TRP L 54 25.86 -5.62 -9.66
CA TRP L 54 24.46 -5.27 -9.78
C TRP L 54 24.03 -5.36 -11.24
N GLY L 55 22.88 -5.98 -11.48
CA GLY L 55 22.37 -6.14 -12.83
C GLY L 55 20.88 -5.90 -12.88
N PHE L 56 20.41 -5.52 -14.07
CA PHE L 56 19.01 -5.20 -14.30
C PHE L 56 18.30 -6.38 -14.95
N ARG L 57 17.12 -6.71 -14.44
CA ARG L 57 16.32 -7.82 -14.95
C ARG L 57 14.85 -7.45 -14.88
N SER L 58 14.04 -8.11 -15.69
CA SER L 58 12.61 -7.89 -15.73
C SER L 58 11.87 -9.22 -15.55
N GLY L 59 10.71 -9.15 -14.91
CA GLY L 59 9.89 -10.32 -14.66
C GLY L 59 9.95 -10.88 -13.26
N VAL L 60 10.87 -10.40 -12.42
CA VAL L 60 11.02 -10.87 -11.06
C VAL L 60 10.48 -9.80 -10.12
N PRO L 61 9.38 -10.04 -9.41
CA PRO L 61 8.85 -9.05 -8.48
C PRO L 61 9.81 -8.82 -7.32
N PRO L 62 9.91 -7.59 -6.82
CA PRO L 62 10.77 -7.34 -5.66
C PRO L 62 10.18 -7.92 -4.38
N LYS L 63 11.07 -8.25 -3.45
CA LYS L 63 10.67 -8.79 -2.16
C LYS L 63 11.45 -8.08 -1.05
N VAL L 64 10.78 -7.89 0.09
CA VAL L 64 11.36 -7.19 1.24
C VAL L 64 11.21 -8.06 2.47
N VAL L 65 12.30 -8.24 3.21
CA VAL L 65 12.30 -8.98 4.45
C VAL L 65 12.71 -8.03 5.58
N ASN L 66 12.39 -8.43 6.80
CA ASN L 66 12.57 -7.60 7.98
C ASN L 66 13.69 -8.12 8.87
N TYR L 67 14.53 -7.21 9.35
CA TYR L 67 15.55 -7.55 10.34
C TYR L 67 15.56 -6.48 11.42
N GLU L 68 16.01 -6.87 12.61
CA GLU L 68 15.93 -6.02 13.79
C GLU L 68 17.26 -5.42 14.20
N ALA L 69 18.35 -6.18 14.11
CA ALA L 69 19.67 -5.69 14.47
C ALA L 69 20.52 -5.53 13.22
N GLY L 70 21.35 -4.49 13.21
CA GLY L 70 22.21 -4.18 12.08
C GLY L 70 23.66 -4.04 12.50
N GLU L 71 24.49 -3.79 11.50
CA GLU L 71 25.92 -3.62 11.69
C GLU L 71 26.35 -2.26 11.12
N TRP L 72 27.28 -1.60 11.81
CA TRP L 72 27.80 -0.33 11.33
C TRP L 72 28.50 -0.53 9.99
N ALA L 73 28.17 0.30 9.02
CA ALA L 73 28.68 0.17 7.66
C ALA L 73 29.69 1.28 7.39
N GLU L 74 30.88 0.89 6.93
CA GLU L 74 31.90 1.85 6.54
C GLU L 74 31.72 2.38 5.12
N ASN L 75 30.88 1.72 4.32
CA ASN L 75 30.65 2.13 2.93
C ASN L 75 29.20 1.91 2.58
N CYS L 76 28.54 2.96 2.10
CA CYS L 76 27.15 2.90 1.66
C CYS L 76 27.03 3.58 0.31
N TYR L 77 25.99 3.21 -0.43
CA TYR L 77 25.80 3.66 -1.80
C TYR L 77 24.43 4.29 -1.98
N ASN L 78 24.39 5.41 -2.71
CA ASN L 78 23.15 6.08 -3.08
C ASN L 78 23.17 6.26 -4.58
N LEU L 79 22.15 5.77 -5.26
CA LEU L 79 22.10 5.74 -6.73
C LEU L 79 20.97 6.63 -7.24
N GLU L 80 21.32 7.54 -8.15
CA GLU L 80 20.33 8.32 -8.91
C GLU L 80 20.73 8.18 -10.37
N ILE L 81 20.27 7.12 -11.02
CA ILE L 81 20.66 6.77 -12.38
C ILE L 81 19.46 6.96 -13.30
N LYS L 82 19.68 7.63 -14.43
CA LYS L 82 18.66 7.84 -15.44
C LYS L 82 19.13 7.28 -16.78
N LYS L 83 18.18 7.06 -17.68
CA LYS L 83 18.52 6.67 -19.03
C LYS L 83 19.12 7.84 -19.79
N PRO L 84 19.90 7.58 -20.84
CA PRO L 84 20.54 8.68 -21.58
C PRO L 84 19.56 9.67 -22.20
N ASP L 85 18.27 9.35 -22.25
CA ASP L 85 17.25 10.25 -22.77
C ASP L 85 16.56 11.04 -21.67
N GLY L 86 16.95 10.87 -20.41
CA GLY L 86 16.37 11.61 -19.31
C GLY L 86 15.33 10.85 -18.51
N SER L 87 14.83 9.72 -19.01
CA SER L 87 13.82 8.98 -18.28
C SER L 87 14.43 8.26 -17.08
N GLU L 88 13.60 8.02 -16.07
CA GLU L 88 14.06 7.37 -14.86
C GLU L 88 14.39 5.91 -15.10
N CYS L 89 15.32 5.39 -14.30
CA CYS L 89 15.78 4.01 -14.39
C CYS L 89 15.41 3.17 -13.18
N LEU L 90 15.56 3.72 -11.96
CA LEU L 90 15.26 2.99 -10.74
C LEU L 90 13.89 3.38 -10.20
N PRO L 91 13.18 2.45 -9.58
CA PRO L 91 11.86 2.78 -9.02
C PRO L 91 11.97 3.64 -7.76
N ALA L 92 10.88 4.36 -7.49
CA ALA L 92 10.83 5.18 -6.29
C ALA L 92 10.64 4.31 -5.05
N ALA L 93 11.27 4.72 -3.96
CA ALA L 93 11.17 3.95 -2.71
C ALA L 93 9.75 4.01 -2.17
N PRO L 94 9.15 2.88 -1.81
CA PRO L 94 7.81 2.89 -1.25
C PRO L 94 7.78 3.53 0.13
N ASP L 95 6.57 3.75 0.63
CA ASP L 95 6.40 4.35 1.96
C ASP L 95 6.82 3.36 3.03
N GLY L 96 7.63 3.83 3.99
CA GLY L 96 8.13 3.00 5.05
C GLY L 96 9.56 2.54 4.87
N ILE L 97 10.17 2.80 3.71
CA ILE L 97 11.53 2.40 3.42
C ILE L 97 12.42 3.64 3.48
N ARG L 98 13.44 3.60 4.32
CA ARG L 98 14.37 4.71 4.51
C ARG L 98 15.79 4.23 4.26
N GLY L 99 16.73 5.17 4.30
CA GLY L 99 18.12 4.86 4.08
C GLY L 99 18.74 4.12 5.26
N PHE L 100 19.93 3.57 5.00
CA PHE L 100 20.65 2.87 6.05
C PHE L 100 21.07 3.85 7.14
N PRO L 101 20.81 3.56 8.41
CA PRO L 101 21.01 4.58 9.45
C PRO L 101 22.47 4.90 9.71
N ARG L 102 23.35 3.90 9.80
CA ARG L 102 24.74 4.10 10.18
C ARG L 102 25.63 3.87 8.97
N CYS L 103 26.20 4.94 8.45
CA CYS L 103 27.07 4.90 7.28
C CYS L 103 28.23 5.85 7.48
N ARG L 104 29.45 5.32 7.57
CA ARG L 104 30.63 6.17 7.70
C ARG L 104 30.85 6.98 6.42
N TYR L 105 30.75 6.33 5.27
CA TYR L 105 30.87 6.99 3.97
C TYR L 105 29.68 6.63 3.10
N VAL L 106 29.15 7.61 2.38
CA VAL L 106 28.04 7.41 1.46
C VAL L 106 28.54 7.78 0.07
N HIS L 107 28.59 6.79 -0.83
CA HIS L 107 29.02 7.00 -2.20
C HIS L 107 27.78 7.28 -3.05
N LYS L 108 27.53 8.55 -3.35
CA LYS L 108 26.39 8.95 -4.14
C LYS L 108 26.80 8.96 -5.61
N VAL L 109 26.21 8.05 -6.38
CA VAL L 109 26.54 7.87 -7.79
C VAL L 109 25.37 8.33 -8.64
N SER L 110 25.64 9.23 -9.58
CA SER L 110 24.63 9.72 -10.50
C SER L 110 25.21 9.75 -11.91
N GLY L 111 24.33 9.73 -12.89
CA GLY L 111 24.74 9.75 -14.27
C GLY L 111 23.72 9.06 -15.15
N THR L 112 24.19 8.61 -16.31
CA THR L 112 23.33 7.97 -17.31
C THR L 112 23.89 6.60 -17.67
N GLY L 113 23.00 5.72 -18.12
CA GLY L 113 23.37 4.40 -18.54
C GLY L 113 22.17 3.58 -18.94
N PRO L 114 22.39 2.50 -19.68
CA PRO L 114 21.27 1.64 -20.08
C PRO L 114 20.68 0.91 -18.89
N CYS L 115 19.36 0.69 -18.96
CA CYS L 115 18.63 -0.06 -17.94
C CYS L 115 17.65 -0.98 -18.67
N ALA L 116 18.11 -2.20 -18.95
CA ALA L 116 17.33 -3.17 -19.70
C ALA L 116 16.31 -3.92 -18.85
N GLY L 117 16.30 -3.68 -17.54
CA GLY L 117 15.35 -4.33 -16.66
C GLY L 117 14.60 -3.33 -15.80
N ASP L 118 13.46 -3.78 -15.30
CA ASP L 118 12.65 -2.91 -14.44
C ASP L 118 13.31 -2.68 -13.09
N PHE L 119 14.05 -3.67 -12.58
CA PHE L 119 14.67 -3.58 -11.26
C PHE L 119 16.12 -4.06 -11.34
N ALA L 120 16.92 -3.57 -10.41
CA ALA L 120 18.33 -3.95 -10.32
C ALA L 120 18.50 -4.94 -9.18
N PHE L 121 19.09 -6.10 -9.50
CA PHE L 121 19.28 -7.17 -8.53
C PHE L 121 20.77 -7.34 -8.23
N HIS L 122 21.06 -8.22 -7.28
CA HIS L 122 22.43 -8.55 -6.91
C HIS L 122 22.82 -9.88 -7.53
N LYS L 123 23.93 -9.88 -8.28
CA LYS L 123 24.33 -11.07 -9.02
C LYS L 123 24.78 -12.20 -8.12
N GLU L 124 25.17 -11.91 -6.88
CA GLU L 124 25.57 -12.94 -5.93
C GLU L 124 24.42 -13.41 -5.04
N GLY L 125 23.22 -12.87 -5.23
CA GLY L 125 22.08 -13.27 -4.43
C GLY L 125 21.95 -12.58 -3.10
N ALA L 126 22.79 -11.59 -2.81
CA ALA L 126 22.72 -10.88 -1.55
C ALA L 126 21.56 -9.88 -1.54
N PHE L 127 21.34 -9.26 -0.39
CA PHE L 127 20.28 -8.30 -0.19
C PHE L 127 20.85 -6.89 -0.12
N PHE L 128 19.97 -5.91 -0.34
CA PHE L 128 20.30 -4.50 -0.17
C PHE L 128 19.67 -4.04 1.14
N LEU L 129 20.50 -3.73 2.12
CA LEU L 129 20.01 -3.40 3.45
C LEU L 129 19.52 -1.97 3.51
N TYR L 130 18.37 -1.77 4.14
CA TYR L 130 17.79 -0.45 4.34
C TYR L 130 17.52 -0.32 5.84
N ASP L 131 16.77 0.71 6.22
CA ASP L 131 16.47 0.94 7.63
C ASP L 131 15.56 -0.16 8.15
N ARG L 132 16.17 -1.20 8.75
CA ARG L 132 15.47 -2.36 9.31
C ARG L 132 14.67 -3.13 8.27
N LEU L 133 15.00 -2.96 6.99
CA LEU L 133 14.36 -3.70 5.91
C LEU L 133 15.41 -4.11 4.89
N ALA L 134 15.33 -5.35 4.44
CA ALA L 134 16.24 -5.87 3.42
C ALA L 134 15.44 -6.19 2.16
N SER L 135 15.88 -5.65 1.03
CA SER L 135 15.19 -5.81 -0.23
C SER L 135 16.12 -6.41 -1.27
N THR L 136 15.52 -7.05 -2.27
CA THR L 136 16.26 -7.66 -3.37
C THR L 136 16.53 -6.69 -4.50
N VAL L 137 16.00 -5.47 -4.43
CA VAL L 137 16.13 -4.48 -5.50
C VAL L 137 16.64 -3.17 -4.90
N ILE L 138 17.02 -2.26 -5.79
CA ILE L 138 17.55 -0.96 -5.43
C ILE L 138 16.50 0.10 -5.73
N TYR L 139 16.28 0.99 -4.77
CA TYR L 139 15.31 2.07 -4.92
C TYR L 139 16.02 3.40 -5.17
N ARG L 140 15.35 4.29 -5.89
CA ARG L 140 15.96 5.55 -6.30
C ARG L 140 16.19 6.47 -5.11
N GLY L 141 17.37 7.04 -5.03
CA GLY L 141 17.68 8.06 -4.04
C GLY L 141 17.56 7.59 -2.60
N THR L 142 17.95 6.35 -2.32
CA THR L 142 17.91 5.80 -0.98
C THR L 142 19.24 5.17 -0.65
N THR L 143 19.80 5.50 0.51
CA THR L 143 21.07 4.94 0.94
C THR L 143 20.87 3.48 1.34
N PHE L 144 21.75 2.61 0.83
CA PHE L 144 21.66 1.19 1.10
C PHE L 144 23.05 0.61 1.30
N ALA L 145 23.09 -0.52 2.00
CA ALA L 145 24.30 -1.33 2.14
C ALA L 145 24.00 -2.75 1.69
N GLU L 146 25.00 -3.38 1.08
CA GLU L 146 24.85 -4.76 0.61
C GLU L 146 25.26 -5.72 1.72
N GLY L 147 24.38 -6.66 2.03
CA GLY L 147 24.65 -7.58 3.13
C GLY L 147 23.68 -8.74 3.12
N VAL L 148 23.73 -9.51 4.21
CA VAL L 148 22.93 -10.72 4.37
C VAL L 148 22.29 -10.71 5.75
N VAL L 149 21.28 -11.54 5.92
CA VAL L 149 20.48 -11.60 7.13
C VAL L 149 20.58 -12.98 7.74
N ALA L 150 20.75 -13.03 9.06
CA ALA L 150 20.83 -14.28 9.82
C ALA L 150 19.84 -14.26 10.97
N PHE L 151 19.40 -15.44 11.37
CA PHE L 151 18.45 -15.60 12.46
C PHE L 151 19.11 -16.35 13.60
N LEU L 152 18.91 -15.86 14.83
CA LEU L 152 19.60 -16.36 16.01
C LEU L 152 18.63 -16.58 17.15
N ILE L 153 19.04 -17.44 18.08
CA ILE L 153 18.37 -17.63 19.36
C ILE L 153 19.32 -17.11 20.42
N LEU L 154 19.03 -15.93 20.96
CA LEU L 154 19.93 -15.32 21.93
C LEU L 154 19.90 -16.08 23.25
N PRO L 155 21.04 -16.24 23.91
CA PRO L 155 21.06 -16.93 25.21
C PRO L 155 20.32 -16.13 26.28
N GLN L 156 19.79 -16.86 27.24
CA GLN L 156 19.11 -16.23 28.38
C GLN L 156 20.12 -15.55 29.30
N TYR L 181 28.38 10.28 15.53
CA TYR L 181 28.02 9.75 14.21
C TYR L 181 28.09 10.84 13.15
N TYR L 182 29.06 10.71 12.24
CA TYR L 182 29.24 11.65 11.14
C TYR L 182 29.40 10.87 9.84
N SER L 183 28.77 11.36 8.78
CA SER L 183 28.79 10.72 7.47
C SER L 183 29.33 11.68 6.44
N THR L 184 30.12 11.14 5.50
CA THR L 184 30.71 11.91 4.42
C THR L 184 30.14 11.44 3.10
N THR L 185 29.71 12.38 2.26
CA THR L 185 29.11 12.08 0.97
C THR L 185 30.13 12.35 -0.14
N ILE L 186 30.26 11.41 -1.06
CA ILE L 186 31.18 11.51 -2.19
C ILE L 186 30.37 11.47 -3.48
N ARG L 187 30.64 12.41 -4.37
CA ARG L 187 29.89 12.54 -5.62
C ARG L 187 30.59 11.80 -6.74
N TYR L 188 29.82 11.02 -7.51
CA TYR L 188 30.34 10.29 -8.65
C TYR L 188 29.46 10.57 -9.87
N GLN L 189 30.10 10.75 -11.02
CA GLN L 189 29.42 10.93 -12.30
C GLN L 189 29.81 9.78 -13.22
N ALA L 190 28.86 8.90 -13.50
CA ALA L 190 29.10 7.69 -14.27
C ALA L 190 28.33 7.74 -15.57
N THR L 191 29.01 7.39 -16.67
CA THR L 191 28.39 7.26 -17.99
C THR L 191 28.48 5.82 -18.43
N GLY L 192 27.42 5.33 -19.08
CA GLY L 192 27.37 3.93 -19.45
C GLY L 192 27.28 3.00 -18.25
N PHE L 193 26.44 3.34 -17.28
CA PHE L 193 26.31 2.53 -16.08
C PHE L 193 25.77 1.14 -16.42
N GLY L 194 26.33 0.12 -15.76
CA GLY L 194 25.91 -1.25 -15.98
C GLY L 194 26.58 -1.96 -17.13
N THR L 195 27.58 -1.35 -17.77
CA THR L 195 28.30 -1.95 -18.88
C THR L 195 29.78 -2.11 -18.51
N ASN L 196 30.57 -2.55 -19.48
CA ASN L 196 32.02 -2.70 -19.32
C ASN L 196 32.78 -1.49 -19.84
N GLU L 197 32.10 -0.41 -20.21
CA GLU L 197 32.76 0.81 -20.68
C GLU L 197 32.28 2.00 -19.85
N THR L 198 32.28 1.83 -18.54
CA THR L 198 31.75 2.85 -17.62
C THR L 198 32.89 3.74 -17.14
N GLU L 199 32.73 5.05 -17.31
CA GLU L 199 33.72 6.04 -16.89
C GLU L 199 33.16 6.82 -15.72
N TYR L 200 33.95 6.97 -14.67
CA TYR L 200 33.56 7.70 -13.46
C TYR L 200 34.31 9.02 -13.41
N LEU L 201 33.57 10.11 -13.20
CA LEU L 201 34.14 11.45 -13.11
C LEU L 201 34.96 11.81 -14.35
N ALA M 2 28.83 -27.57 14.19
CA ALA M 2 30.08 -26.83 13.99
C ALA M 2 30.02 -26.00 12.71
N ILE M 3 30.40 -24.73 12.83
CA ILE M 3 30.41 -23.80 11.70
C ILE M 3 31.84 -23.44 11.38
N VAL M 4 32.23 -23.64 10.13
CA VAL M 4 33.57 -23.33 9.65
C VAL M 4 33.48 -22.11 8.75
N ASN M 5 34.23 -21.06 9.11
CA ASN M 5 34.21 -19.80 8.36
C ASN M 5 35.10 -19.95 7.13
N ALA M 6 34.47 -19.93 5.95
CA ALA M 6 35.18 -20.05 4.68
C ALA M 6 35.44 -18.70 4.03
N GLN M 7 35.08 -17.60 4.69
CA GLN M 7 35.29 -16.28 4.10
C GLN M 7 36.79 -15.96 4.09
N PRO M 8 37.27 -15.25 3.06
CA PRO M 8 38.70 -14.89 3.03
C PRO M 8 39.12 -14.01 4.20
N LYS M 9 38.24 -13.14 4.68
CA LYS M 9 38.57 -12.24 5.77
C LYS M 9 37.37 -12.12 6.70
N CYS M 10 37.63 -12.15 8.01
CA CYS M 10 36.61 -11.98 9.03
C CYS M 10 36.96 -10.78 9.90
N ASN M 11 35.97 -9.94 10.17
CA ASN M 11 36.17 -8.80 11.05
C ASN M 11 35.92 -9.22 12.49
N PRO M 12 36.94 -9.18 13.36
CA PRO M 12 36.72 -9.64 14.75
C PRO M 12 35.78 -8.77 15.55
N ASN M 13 35.57 -7.52 15.15
CA ASN M 13 34.72 -6.60 15.90
C ASN M 13 33.36 -6.47 15.22
N LEU M 14 32.34 -6.20 16.03
CA LEU M 14 30.97 -6.06 15.56
C LEU M 14 30.36 -4.81 16.19
N HIS M 15 30.30 -3.72 15.44
CA HIS M 15 29.62 -2.50 15.86
C HIS M 15 28.17 -2.61 15.42
N TYR M 16 27.26 -2.78 16.39
CA TYR M 16 25.87 -3.05 16.10
C TYR M 16 24.98 -1.91 16.59
N TRP M 17 23.84 -1.74 15.93
CA TRP M 17 22.82 -0.79 16.34
C TRP M 17 21.49 -1.53 16.44
N THR M 18 20.74 -1.24 17.49
CA THR M 18 19.45 -1.87 17.74
C THR M 18 18.45 -0.80 18.16
N THR M 19 17.30 -1.23 18.65
CA THR M 19 16.26 -0.34 19.15
C THR M 19 16.03 -0.61 20.63
N GLN M 20 15.65 0.43 21.36
CA GLN M 20 15.42 0.30 22.79
C GLN M 20 14.23 -0.62 23.06
N ASP M 21 14.37 -1.45 24.10
CA ASP M 21 13.30 -2.34 24.48
C ASP M 21 12.13 -1.57 25.09
N GLU M 22 10.92 -2.12 24.95
CA GLU M 22 9.75 -1.47 25.52
C GLU M 22 9.78 -1.42 27.04
N GLY M 23 10.54 -2.30 27.68
CA GLY M 23 10.68 -2.31 29.12
C GLY M 23 11.83 -1.48 29.66
N ALA M 24 12.53 -0.74 28.81
CA ALA M 24 13.65 0.06 29.26
C ALA M 24 13.17 1.30 30.01
N ALA M 25 14.10 1.93 30.72
CA ALA M 25 13.79 3.12 31.51
C ALA M 25 13.67 4.32 30.58
N ILE M 26 12.49 4.96 30.58
CA ILE M 26 12.22 6.12 29.75
C ILE M 26 11.52 7.17 30.60
N GLY M 27 11.63 8.43 30.15
CA GLY M 27 10.99 9.53 30.84
C GLY M 27 9.79 10.06 30.07
N LEU M 28 9.92 11.24 29.50
CA LEU M 28 8.87 11.85 28.70
C LEU M 28 9.00 11.54 27.21
N ALA M 29 10.06 10.86 26.80
CA ALA M 29 10.35 10.64 25.38
C ALA M 29 9.50 9.54 24.76
N TRP M 30 8.74 8.78 25.54
CA TRP M 30 7.89 7.76 24.96
C TRP M 30 6.71 8.35 24.20
N ILE M 31 6.38 9.61 24.44
CA ILE M 31 5.33 10.28 23.68
C ILE M 31 5.88 10.64 22.30
N PRO M 32 5.19 10.26 21.21
CA PRO M 32 5.70 10.60 19.87
C PRO M 32 5.87 12.09 19.64
N TYR M 33 5.03 12.93 20.26
CA TYR M 33 5.17 14.37 20.09
C TYR M 33 6.46 14.89 20.69
N PHE M 34 6.85 14.38 21.87
CA PHE M 34 8.07 14.80 22.53
C PHE M 34 9.24 13.85 22.29
N GLY M 35 9.02 12.77 21.54
CA GLY M 35 10.05 11.79 21.33
C GLY M 35 11.08 12.24 20.33
N PRO M 36 12.16 11.47 20.21
CA PRO M 36 13.22 11.80 19.26
C PRO M 36 12.79 11.50 17.83
N ALA M 37 13.57 12.01 16.89
CA ALA M 37 13.32 11.78 15.48
C ALA M 37 13.63 10.33 15.11
N ALA M 38 13.43 10.00 13.84
CA ALA M 38 13.65 8.63 13.37
C ALA M 38 15.11 8.21 13.46
N GLU M 39 16.04 9.16 13.46
CA GLU M 39 17.46 8.86 13.55
C GLU M 39 17.98 8.77 14.98
N GLY M 40 17.16 9.11 15.97
CA GLY M 40 17.61 9.10 17.34
C GLY M 40 17.02 7.98 18.18
N ILE M 41 16.51 6.95 17.52
CA ILE M 41 15.86 5.84 18.20
C ILE M 41 16.73 4.58 18.16
N TYR M 42 18.04 4.72 17.99
CA TYR M 42 18.94 3.59 17.85
C TYR M 42 19.92 3.56 19.03
N THR M 43 20.13 2.35 19.55
CA THR M 43 21.11 2.10 20.62
C THR M 43 22.32 1.40 20.00
N GLU M 44 23.49 1.99 20.20
CA GLU M 44 24.73 1.46 19.65
C GLU M 44 25.47 0.61 20.67
N GLY M 45 26.43 -0.16 20.17
CA GLY M 45 27.24 -0.99 21.04
C GLY M 45 28.36 -1.63 20.25
N LEU M 46 29.31 -2.20 21.01
CA LEU M 46 30.47 -2.87 20.43
C LEU M 46 30.63 -4.24 21.09
N MET M 47 30.90 -5.25 20.27
CA MET M 47 31.11 -6.62 20.74
C MET M 47 32.55 -7.02 20.45
N HIS M 48 33.40 -6.94 21.47
CA HIS M 48 34.79 -7.39 21.39
C HIS M 48 34.96 -8.76 22.02
N ASN M 49 33.94 -9.62 21.89
CA ASN M 49 33.95 -10.94 22.50
C ASN M 49 34.82 -11.88 21.67
N GLN M 50 34.65 -13.19 21.89
CA GLN M 50 35.45 -14.19 21.19
C GLN M 50 35.31 -14.04 19.68
N ASP M 51 36.44 -14.11 18.99
CA ASP M 51 36.44 -13.95 17.54
C ASP M 51 35.69 -15.09 16.85
N GLY M 52 35.68 -16.28 17.46
CA GLY M 52 35.00 -17.41 16.85
C GLY M 52 33.50 -17.19 16.70
N LEU M 53 32.89 -16.55 17.70
CA LEU M 53 31.46 -16.28 17.63
C LEU M 53 31.13 -15.31 16.49
N ILE M 54 31.94 -14.27 16.31
CA ILE M 54 31.66 -13.28 15.28
C ILE M 54 31.87 -13.87 13.89
N CYS M 55 32.98 -14.59 13.69
CA CYS M 55 33.24 -15.18 12.38
C CYS M 55 32.22 -16.26 12.05
N GLY M 56 31.82 -17.06 13.04
CA GLY M 56 30.77 -18.03 12.83
C GLY M 56 29.43 -17.38 12.51
N LEU M 57 29.16 -16.22 13.12
CA LEU M 57 27.94 -15.49 12.81
C LEU M 57 27.91 -15.02 11.36
N ARG M 58 29.05 -14.52 10.86
CA ARG M 58 29.11 -14.08 9.47
C ARG M 58 28.95 -15.25 8.51
N GLN M 59 29.54 -16.40 8.84
CA GLN M 59 29.39 -17.58 7.99
C GLN M 59 27.95 -18.09 8.01
N LEU M 60 27.28 -18.01 9.16
CA LEU M 60 25.89 -18.46 9.24
C LEU M 60 24.98 -17.64 8.34
N ALA M 61 25.18 -16.32 8.30
CA ALA M 61 24.38 -15.48 7.43
C ALA M 61 24.64 -15.78 5.96
N ASN M 62 25.84 -16.21 5.61
CA ASN M 62 26.15 -16.60 4.25
C ASN M 62 25.34 -17.81 3.82
N GLU M 63 25.22 -18.81 4.70
CA GLU M 63 24.49 -20.03 4.37
C GLU M 63 22.98 -19.82 4.37
N THR M 64 22.49 -18.84 5.11
CA THR M 64 21.05 -18.59 5.18
C THR M 64 20.50 -17.95 3.90
N THR M 65 21.37 -17.40 3.06
CA THR M 65 20.92 -16.64 1.91
C THR M 65 20.14 -17.51 0.93
N GLN M 66 20.64 -18.72 0.65
CA GLN M 66 20.00 -19.57 -0.34
C GLN M 66 18.59 -19.97 0.09
N ALA M 67 18.42 -20.36 1.36
CA ALA M 67 17.10 -20.76 1.84
C ALA M 67 16.16 -19.56 1.91
N LEU M 68 16.68 -18.39 2.33
CA LEU M 68 15.83 -17.22 2.45
C LEU M 68 15.35 -16.73 1.10
N GLN M 69 16.20 -16.79 0.08
CA GLN M 69 15.79 -16.35 -1.26
C GLN M 69 14.67 -17.21 -1.82
N LEU M 70 14.76 -18.54 -1.62
CA LEU M 70 13.70 -19.43 -2.09
C LEU M 70 12.40 -19.18 -1.34
N PHE M 71 12.49 -18.91 -0.04
CA PHE M 71 11.28 -18.64 0.74
C PHE M 71 10.58 -17.37 0.27
N LEU M 72 11.34 -16.33 -0.02
CA LEU M 72 10.76 -15.07 -0.47
C LEU M 72 10.10 -15.22 -1.84
N ARG M 73 10.69 -16.03 -2.72
CA ARG M 73 10.11 -16.24 -4.04
C ARG M 73 8.76 -16.94 -3.94
N ALA M 74 8.63 -17.91 -3.03
CA ALA M 74 7.37 -18.63 -2.88
C ALA M 74 6.26 -17.72 -2.37
N THR M 75 6.57 -16.83 -1.43
CA THR M 75 5.57 -15.95 -0.87
C THR M 75 5.14 -14.89 -1.89
N THR M 76 3.92 -14.39 -1.72
CA THR M 76 3.36 -13.38 -2.59
C THR M 76 3.23 -12.01 -1.94
N GLU M 77 3.37 -11.92 -0.62
CA GLU M 77 3.28 -10.64 0.07
C GLU M 77 4.52 -9.80 -0.20
N LEU M 78 4.31 -8.48 -0.34
CA LEU M 78 5.42 -7.60 -0.65
C LEU M 78 6.41 -7.51 0.51
N ARG M 79 5.91 -7.41 1.74
CA ARG M 79 6.75 -7.32 2.93
C ARG M 79 6.43 -8.47 3.87
N THR M 80 7.48 -9.09 4.41
CA THR M 80 7.35 -10.23 5.32
C THR M 80 7.85 -9.84 6.69
N PHE M 81 7.02 -10.06 7.71
CA PHE M 81 7.38 -9.76 9.09
C PHE M 81 7.18 -10.92 10.03
N SER M 82 6.70 -12.07 9.56
CA SER M 82 6.35 -13.20 10.42
C SER M 82 7.35 -14.34 10.31
N ILE M 83 8.59 -14.07 9.91
CA ILE M 83 9.59 -15.12 9.79
C ILE M 83 9.90 -15.72 11.16
N LEU M 84 10.10 -14.86 12.16
CA LEU M 84 10.41 -15.34 13.51
C LEU M 84 9.20 -15.99 14.17
N ASN M 85 8.00 -15.50 13.89
CA ASN M 85 6.80 -16.10 14.45
C ASN M 85 6.62 -17.53 13.97
N ARG M 86 6.88 -17.77 12.68
CA ARG M 86 6.80 -19.13 12.14
C ARG M 86 7.84 -20.04 12.79
N LYS M 87 9.04 -19.50 13.04
CA LYS M 87 10.07 -20.30 13.69
C LYS M 87 9.66 -20.73 15.09
N ALA M 88 9.02 -19.81 15.83
CA ALA M 88 8.56 -20.15 17.17
C ALA M 88 7.48 -21.23 17.13
N ILE M 89 6.56 -21.14 16.17
CA ILE M 89 5.52 -22.15 16.03
C ILE M 89 6.13 -23.51 15.68
N ASP M 90 7.07 -23.52 14.72
CA ASP M 90 7.73 -24.77 14.35
C ASP M 90 8.51 -25.36 15.54
N PHE M 91 9.19 -24.51 16.30
CA PHE M 91 9.90 -24.98 17.49
C PHE M 91 8.94 -25.56 18.51
N LEU M 92 7.79 -24.91 18.71
CA LEU M 92 6.85 -25.38 19.73
C LEU M 92 6.09 -26.62 19.26
N LEU M 93 5.77 -26.69 17.97
CA LEU M 93 5.12 -27.89 17.44
C LEU M 93 6.03 -29.10 17.54
N GLN M 94 7.33 -28.93 17.25
CA GLN M 94 8.27 -30.05 17.33
C GLN M 94 8.44 -30.51 18.78
N ARG M 95 8.55 -29.57 19.72
CA ARG M 95 8.76 -29.94 21.12
C ARG M 95 7.55 -30.68 21.68
N TRP M 96 6.34 -30.19 21.40
CA TRP M 96 5.11 -30.75 21.96
C TRP M 96 5.18 -30.83 23.48
N GLY M 97 5.67 -29.76 24.10
CA GLY M 97 5.79 -29.70 25.54
C GLY M 97 7.14 -29.18 26.02
N ILE N 1 4.24 -5.12 27.44
CA ILE N 1 2.86 -4.69 27.29
C ILE N 1 1.98 -5.38 28.32
N PRO N 2 1.31 -4.59 29.16
CA PRO N 2 0.44 -5.18 30.19
C PRO N 2 -0.68 -6.01 29.58
N LEU N 3 -1.01 -7.11 30.26
CA LEU N 3 -2.08 -8.00 29.84
C LEU N 3 -3.03 -8.19 31.01
N GLY N 4 -4.33 -8.02 30.75
CA GLY N 4 -5.34 -8.11 31.80
C GLY N 4 -6.05 -9.45 31.79
N VAL N 5 -6.20 -10.02 32.97
CA VAL N 5 -6.90 -11.29 33.16
C VAL N 5 -8.03 -11.07 34.15
N ILE N 6 -9.23 -11.50 33.77
CA ILE N 6 -10.42 -11.32 34.60
C ILE N 6 -10.59 -12.57 35.45
N HIS N 7 -10.36 -12.43 36.76
CA HIS N 7 -10.53 -13.51 37.71
C HIS N 7 -11.57 -13.10 38.75
N ASN N 8 -12.53 -14.00 39.00
CA ASN N 8 -13.65 -13.78 39.93
C ASN N 8 -14.20 -12.36 39.81
N SER N 9 -14.49 -11.97 38.57
CA SER N 9 -15.05 -10.66 38.24
C SER N 9 -14.15 -9.50 38.66
N THR N 10 -12.85 -9.77 38.81
CA THR N 10 -11.88 -8.74 39.19
C THR N 10 -10.74 -8.76 38.18
N LEU N 11 -10.39 -7.58 37.66
CA LEU N 11 -9.33 -7.47 36.67
C LEU N 11 -7.97 -7.47 37.35
N GLN N 12 -7.06 -8.28 36.82
CA GLN N 12 -5.71 -8.41 37.36
C GLN N 12 -4.69 -8.24 36.24
N VAL N 13 -3.49 -7.83 36.61
CA VAL N 13 -2.39 -7.67 35.67
C VAL N 13 -1.58 -8.94 35.62
N SER N 14 -1.32 -9.43 34.41
CA SER N 14 -0.56 -10.67 34.25
C SER N 14 0.87 -10.50 34.75
N ASP N 15 1.40 -11.56 35.34
CA ASP N 15 2.76 -11.54 35.86
C ASP N 15 3.55 -12.75 35.36
N LEU N 19 5.04 -16.80 35.96
CA LEU N 19 4.28 -18.03 35.74
C LEU N 19 3.22 -18.19 36.83
N VAL N 20 1.98 -18.41 36.41
CA VAL N 20 0.85 -18.52 37.33
C VAL N 20 0.30 -19.95 37.40
N CYS N 21 0.22 -20.63 36.25
CA CYS N 21 -0.24 -22.01 36.12
C CYS N 21 -1.71 -22.18 36.51
N ARG N 22 -2.43 -21.10 36.77
CA ARG N 22 -3.85 -21.19 37.08
C ARG N 22 -4.74 -20.47 36.07
N ASP N 23 -4.19 -19.62 35.21
CA ASP N 23 -4.96 -18.98 34.16
C ASP N 23 -5.16 -19.95 33.01
N LYS N 24 -6.36 -19.92 32.42
CA LYS N 24 -6.73 -20.81 31.34
C LYS N 24 -6.84 -20.02 30.04
N LEU N 25 -6.10 -20.44 29.02
CA LEU N 25 -6.18 -19.85 27.69
C LEU N 25 -6.18 -21.00 26.69
N SER N 26 -7.34 -21.31 26.13
CA SER N 26 -7.49 -22.45 25.23
C SER N 26 -7.87 -22.06 23.81
N SER N 27 -8.02 -20.77 23.52
CA SER N 27 -8.36 -20.32 22.19
C SER N 27 -7.94 -18.87 22.02
N THR N 28 -7.81 -18.46 20.75
CA THR N 28 -7.49 -17.07 20.44
C THR N 28 -8.69 -16.15 20.55
N ASN N 29 -9.89 -16.69 20.71
CA ASN N 29 -11.07 -15.85 20.91
C ASN N 29 -11.08 -15.22 22.29
N GLN N 30 -10.41 -15.83 23.27
CA GLN N 30 -10.34 -15.22 24.59
C GLN N 30 -9.53 -13.93 24.57
N LEU N 31 -8.46 -13.89 23.76
CA LEU N 31 -7.69 -12.67 23.63
C LEU N 31 -8.52 -11.60 22.92
N ARG N 32 -8.55 -10.40 23.50
CA ARG N 32 -9.37 -9.32 22.99
C ARG N 32 -8.66 -7.99 23.20
N SER N 33 -8.75 -7.13 22.19
CA SER N 33 -8.23 -5.77 22.27
C SER N 33 -9.39 -4.79 22.22
N VAL N 34 -9.49 -3.94 23.24
CA VAL N 34 -10.61 -3.02 23.41
C VAL N 34 -10.07 -1.60 23.39
N GLY N 35 -10.71 -0.74 22.59
CA GLY N 35 -10.38 0.67 22.54
C GLY N 35 -11.33 1.48 23.38
N LEU N 36 -10.80 2.10 24.43
CA LEU N 36 -11.60 2.88 25.37
C LEU N 36 -11.37 4.37 25.14
N ASN N 37 -12.46 5.12 25.06
CA ASN N 37 -12.38 6.55 24.81
C ASN N 37 -11.92 7.29 26.06
N LEU N 38 -11.30 8.46 25.84
CA LEU N 38 -10.83 9.28 26.94
C LEU N 38 -11.94 10.08 27.61
N GLU N 39 -13.13 10.16 26.99
CA GLU N 39 -14.23 10.90 27.61
C GLU N 39 -14.71 10.22 28.90
N GLY N 40 -14.56 8.90 28.99
CA GLY N 40 -14.93 8.21 30.21
C GLY N 40 -14.07 8.60 31.39
N ASN N 41 -12.81 8.95 31.16
CA ASN N 41 -11.92 9.37 32.23
C ASN N 41 -12.24 10.74 32.78
N GLY N 42 -13.11 11.51 32.12
CA GLY N 42 -13.50 12.82 32.59
C GLY N 42 -12.77 13.98 31.98
N VAL N 43 -12.02 13.78 30.89
CA VAL N 43 -11.33 14.89 30.26
C VAL N 43 -12.33 15.83 29.59
N ALA N 44 -11.88 17.06 29.34
CA ALA N 44 -12.74 18.06 28.73
C ALA N 44 -13.00 17.71 27.26
N THR N 45 -14.28 17.72 26.88
CA THR N 45 -14.69 17.39 25.53
C THR N 45 -14.94 18.64 24.67
N ASP N 46 -14.69 19.82 25.21
CA ASP N 46 -14.91 21.04 24.45
C ASP N 46 -13.95 21.13 23.27
N VAL N 47 -14.42 21.70 22.16
CA VAL N 47 -13.57 21.83 20.97
C VAL N 47 -12.34 22.69 21.24
N PRO N 48 -12.45 23.88 21.85
CA PRO N 48 -11.22 24.63 22.16
C PRO N 48 -10.29 23.88 23.11
N SER N 49 -10.83 23.11 24.05
CA SER N 49 -9.98 22.36 24.97
C SER N 49 -9.34 21.15 24.28
N ALA N 50 -10.11 20.46 23.44
CA ALA N 50 -9.59 19.27 22.78
C ALA N 50 -8.46 19.62 21.81
N THR N 51 -8.61 20.72 21.06
CA THR N 51 -7.61 21.09 20.08
C THR N 51 -6.28 21.52 20.71
N LYS N 52 -6.28 21.84 22.01
CA LYS N 52 -5.04 22.21 22.69
C LYS N 52 -4.21 21.00 23.09
N ARG N 53 -4.73 19.79 22.92
CA ARG N 53 -3.99 18.56 23.19
C ARG N 53 -3.35 17.97 21.93
N TRP N 54 -3.45 18.67 20.80
CA TRP N 54 -2.94 18.19 19.53
C TRP N 54 -1.85 19.14 19.04
N GLY N 55 -0.73 18.58 18.58
CA GLY N 55 0.37 19.37 18.09
C GLY N 55 0.99 18.75 16.84
N PHE N 56 1.62 19.60 16.05
CA PHE N 56 2.23 19.20 14.79
C PHE N 56 3.73 19.01 14.97
N ARG N 57 4.24 17.91 14.42
CA ARG N 57 5.66 17.58 14.49
C ARG N 57 6.08 16.91 13.19
N SER N 58 7.37 16.98 12.91
CA SER N 58 7.94 16.38 11.71
C SER N 58 9.09 15.45 12.11
N GLY N 59 9.26 14.38 11.33
CA GLY N 59 10.31 13.41 11.57
C GLY N 59 9.87 12.13 12.23
N VAL N 60 8.63 12.05 12.70
CA VAL N 60 8.11 10.86 13.37
C VAL N 60 7.12 10.18 12.42
N PRO N 61 7.44 9.00 11.91
CA PRO N 61 6.50 8.30 11.02
C PRO N 61 5.23 7.90 11.75
N PRO N 62 4.08 7.95 11.08
CA PRO N 62 2.84 7.50 11.72
C PRO N 62 2.82 5.99 11.91
N LYS N 63 2.08 5.55 12.92
CA LYS N 63 1.92 4.13 13.22
C LYS N 63 0.45 3.83 13.49
N VAL N 64 -0.01 2.66 13.06
CA VAL N 64 -1.39 2.25 13.20
C VAL N 64 -1.44 0.89 13.88
N VAL N 65 -2.28 0.77 14.90
CA VAL N 65 -2.48 -0.49 15.60
C VAL N 65 -3.95 -0.90 15.46
N ASN N 66 -4.22 -2.17 15.69
CA ASN N 66 -5.54 -2.75 15.46
C ASN N 66 -6.21 -3.10 16.78
N TYR N 67 -7.51 -2.81 16.86
CA TYR N 67 -8.33 -3.23 17.99
C TYR N 67 -9.66 -3.75 17.46
N GLU N 68 -10.30 -4.60 18.26
CA GLU N 68 -11.48 -5.33 17.84
C GLU N 68 -12.77 -4.82 18.45
N ALA N 69 -12.76 -4.48 19.74
CA ALA N 69 -13.95 -3.97 20.42
C ALA N 69 -13.78 -2.49 20.71
N GLY N 70 -14.88 -1.75 20.63
CA GLY N 70 -14.86 -0.31 20.84
C GLY N 70 -15.90 0.10 21.87
N GLU N 71 -15.90 1.41 22.16
CA GLU N 71 -16.81 2.02 23.11
C GLU N 71 -17.58 3.13 22.43
N TRP N 72 -18.86 3.25 22.77
CA TRP N 72 -19.69 4.31 22.22
C TRP N 72 -19.13 5.67 22.62
N ALA N 73 -18.99 6.56 21.65
CA ALA N 73 -18.39 7.87 21.87
C ALA N 73 -19.46 8.95 21.82
N GLU N 74 -19.53 9.77 22.86
CA GLU N 74 -20.46 10.89 22.89
C GLU N 74 -19.92 12.13 22.17
N ASN N 75 -18.63 12.16 21.85
CA ASN N 75 -18.01 13.30 21.18
C ASN N 75 -16.96 12.79 20.21
N CYS N 76 -17.07 13.20 18.95
CA CYS N 76 -16.12 12.85 17.92
C CYS N 76 -15.76 14.11 17.13
N TYR N 77 -14.59 14.08 16.50
CA TYR N 77 -14.04 15.25 15.84
C TYR N 77 -13.69 14.93 14.39
N ASN N 78 -14.00 15.87 13.51
CA ASN N 78 -13.62 15.79 12.10
C ASN N 78 -12.91 17.09 11.73
N LEU N 79 -11.70 16.96 11.20
CA LEU N 79 -10.85 18.13 10.94
C LEU N 79 -10.60 18.28 9.45
N GLU N 80 -10.87 19.48 8.94
CA GLU N 80 -10.49 19.88 7.58
C GLU N 80 -9.77 21.22 7.72
N ILE N 81 -8.46 21.16 7.99
CA ILE N 81 -7.66 22.34 8.27
C ILE N 81 -6.68 22.55 7.13
N LYS N 82 -6.59 23.79 6.65
CA LYS N 82 -5.66 24.18 5.61
C LYS N 82 -4.77 25.30 6.11
N LYS N 83 -3.66 25.51 5.41
CA LYS N 83 -2.80 26.65 5.70
C LYS N 83 -3.47 27.94 5.23
N PRO N 84 -3.10 29.09 5.79
CA PRO N 84 -3.75 30.36 5.40
C PRO N 84 -3.58 30.70 3.94
N ASP N 85 -2.74 29.99 3.20
CA ASP N 85 -2.56 30.22 1.77
C ASP N 85 -3.35 29.25 0.90
N GLY N 86 -4.12 28.35 1.51
CA GLY N 86 -4.94 27.41 0.77
C GLY N 86 -4.37 26.01 0.66
N SER N 87 -3.09 25.82 0.96
CA SER N 87 -2.49 24.50 0.86
C SER N 87 -2.98 23.60 1.98
N GLU N 88 -2.97 22.28 1.71
CA GLU N 88 -3.44 21.31 2.68
C GLU N 88 -2.48 21.20 3.86
N CYS N 89 -3.04 20.83 5.01
CA CYS N 89 -2.29 20.68 6.25
C CYS N 89 -2.23 19.25 6.76
N LEU N 90 -3.36 18.52 6.72
CA LEU N 90 -3.41 17.15 7.20
C LEU N 90 -3.31 16.16 6.03
N PRO N 91 -2.68 15.01 6.24
CA PRO N 91 -2.57 14.03 5.16
C PRO N 91 -3.90 13.34 4.88
N ALA N 92 -4.01 12.83 3.66
CA ALA N 92 -5.21 12.09 3.27
C ALA N 92 -5.22 10.72 3.92
N ALA N 93 -6.41 10.26 4.29
CA ALA N 93 -6.55 8.97 4.94
C ALA N 93 -6.19 7.85 3.96
N PRO N 94 -5.36 6.90 4.35
CA PRO N 94 -5.02 5.78 3.45
C PRO N 94 -6.22 4.86 3.24
N ASP N 95 -6.05 3.94 2.30
CA ASP N 95 -7.10 2.98 2.00
C ASP N 95 -7.26 1.99 3.14
N GLY N 96 -8.50 1.76 3.56
CA GLY N 96 -8.81 0.87 4.67
C GLY N 96 -9.09 1.56 5.97
N ILE N 97 -8.90 2.88 6.05
CA ILE N 97 -9.14 3.65 7.27
C ILE N 97 -10.42 4.43 7.09
N ARG N 98 -11.37 4.24 8.01
CA ARG N 98 -12.67 4.90 7.97
C ARG N 98 -12.91 5.63 9.28
N GLY N 99 -14.02 6.37 9.31
CA GLY N 99 -14.35 7.12 10.50
C GLY N 99 -14.84 6.24 11.64
N PHE N 100 -14.90 6.83 12.82
CA PHE N 100 -15.38 6.11 13.99
C PHE N 100 -16.85 5.75 13.81
N PRO N 101 -17.23 4.50 14.05
CA PRO N 101 -18.61 4.09 13.68
C PRO N 101 -19.68 4.70 14.58
N ARG N 102 -19.49 4.73 15.89
CA ARG N 102 -20.51 5.15 16.83
C ARG N 102 -20.12 6.51 17.42
N CYS N 103 -20.83 7.56 17.02
CA CYS N 103 -20.55 8.92 17.48
C CYS N 103 -21.89 9.62 17.70
N ARG N 104 -22.17 9.97 18.96
CA ARG N 104 -23.40 10.72 19.26
C ARG N 104 -23.33 12.12 18.66
N TYR N 105 -22.20 12.80 18.83
CA TYR N 105 -21.97 14.12 18.26
C TYR N 105 -20.66 14.12 17.48
N VAL N 106 -20.66 14.77 16.33
CA VAL N 106 -19.47 14.92 15.50
C VAL N 106 -19.17 16.41 15.37
N HIS N 107 -18.03 16.82 15.92
CA HIS N 107 -17.61 18.22 15.86
C HIS N 107 -16.71 18.39 14.65
N LYS N 108 -17.27 18.94 13.58
CA LYS N 108 -16.53 19.16 12.34
C LYS N 108 -15.91 20.54 12.39
N VAL N 109 -14.58 20.59 12.44
CA VAL N 109 -13.84 21.84 12.58
C VAL N 109 -13.10 22.11 11.27
N SER N 110 -13.31 23.30 10.71
CA SER N 110 -12.63 23.71 9.49
C SER N 110 -12.13 25.14 9.66
N GLY N 111 -11.15 25.50 8.87
CA GLY N 111 -10.59 26.84 8.92
C GLY N 111 -9.14 26.82 8.49
N THR N 112 -8.40 27.83 8.93
CA THR N 112 -7.01 28.02 8.58
C THR N 112 -6.16 28.14 9.84
N GLY N 113 -4.89 27.77 9.72
CA GLY N 113 -3.95 27.87 10.81
C GLY N 113 -2.58 27.35 10.42
N PRO N 114 -1.56 27.70 11.20
CA PRO N 114 -0.21 27.21 10.89
C PRO N 114 -0.09 25.72 11.14
N CYS N 115 0.73 25.07 10.32
CA CYS N 115 1.02 23.63 10.46
C CYS N 115 2.52 23.45 10.25
N ALA N 116 3.27 23.50 11.35
CA ALA N 116 4.73 23.43 11.30
C ALA N 116 5.26 22.00 11.21
N GLY N 117 4.37 21.01 11.25
CA GLY N 117 4.79 19.63 11.15
C GLY N 117 4.00 18.89 10.08
N ASP N 118 4.57 17.77 9.64
CA ASP N 118 3.91 16.96 8.62
C ASP N 118 2.68 16.26 9.18
N PHE N 119 2.69 15.89 10.46
CA PHE N 119 1.59 15.16 11.07
C PHE N 119 1.25 15.76 12.42
N ALA N 120 0.01 15.57 12.84
CA ALA N 120 -0.47 16.05 14.12
C ALA N 120 -0.55 14.88 15.10
N PHE N 121 0.10 15.03 16.25
CA PHE N 121 0.17 14.00 17.27
C PHE N 121 -0.63 14.43 18.51
N HIS N 122 -0.72 13.51 19.46
CA HIS N 122 -1.39 13.77 20.73
C HIS N 122 -0.35 14.04 21.79
N LYS N 123 -0.47 15.19 22.47
CA LYS N 123 0.55 15.61 23.42
C LYS N 123 0.60 14.73 24.66
N GLU N 124 -0.49 14.02 24.98
CA GLU N 124 -0.52 13.12 26.12
C GLU N 124 -0.15 11.69 25.77
N GLY N 125 0.17 11.41 24.50
CA GLY N 125 0.56 10.08 24.09
C GLY N 125 -0.59 9.15 23.75
N ALA N 126 -1.83 9.65 23.74
CA ALA N 126 -2.97 8.81 23.43
C ALA N 126 -3.06 8.57 21.92
N PHE N 127 -4.02 7.72 21.54
CA PHE N 127 -4.25 7.37 20.14
C PHE N 127 -5.51 8.04 19.63
N PHE N 128 -5.61 8.12 18.31
CA PHE N 128 -6.81 8.61 17.63
C PHE N 128 -7.55 7.39 17.08
N LEU N 129 -8.71 7.09 17.64
CA LEU N 129 -9.43 5.88 17.28
C LEU N 129 -10.19 6.06 15.97
N TYR N 130 -10.11 5.05 15.11
CA TYR N 130 -10.83 5.03 13.85
C TYR N 130 -11.63 3.73 13.82
N ASP N 131 -12.17 3.39 12.65
CA ASP N 131 -12.96 2.18 12.52
C ASP N 131 -12.06 0.95 12.70
N ARG N 132 -12.00 0.44 13.92
CA ARG N 132 -11.20 -0.73 14.30
C ARG N 132 -9.72 -0.53 14.06
N LEU N 133 -9.27 0.73 13.98
CA LEU N 133 -7.86 1.05 13.82
C LEU N 133 -7.53 2.25 14.70
N ALA N 134 -6.41 2.17 15.40
CA ALA N 134 -5.92 3.26 16.23
C ALA N 134 -4.61 3.78 15.65
N SER N 135 -4.56 5.09 15.40
CA SER N 135 -3.41 5.72 14.78
C SER N 135 -2.87 6.83 15.68
N THR N 136 -1.59 7.13 15.51
CA THR N 136 -0.94 8.18 16.27
C THR N 136 -1.08 9.56 15.63
N VAL N 137 -1.66 9.64 14.43
CA VAL N 137 -1.79 10.89 13.70
C VAL N 137 -3.25 11.09 13.30
N ILE N 138 -3.56 12.30 12.82
CA ILE N 138 -4.89 12.68 12.40
C ILE N 138 -4.91 12.75 10.87
N TYR N 139 -5.93 12.16 10.27
CA TYR N 139 -6.08 12.16 8.82
C TYR N 139 -7.18 13.14 8.40
N ARG N 140 -7.04 13.67 7.19
CA ARG N 140 -7.94 14.71 6.71
C ARG N 140 -9.34 14.14 6.46
N GLY N 141 -10.35 14.84 6.94
CA GLY N 141 -11.73 14.50 6.64
C GLY N 141 -12.16 13.13 7.11
N THR N 142 -11.68 12.69 8.27
CA THR N 142 -12.04 11.40 8.84
C THR N 142 -12.45 11.59 10.29
N THR N 143 -13.59 11.02 10.65
CA THR N 143 -14.07 11.13 12.03
C THR N 143 -13.22 10.26 12.94
N PHE N 144 -12.80 10.82 14.06
CA PHE N 144 -11.95 10.09 15.00
C PHE N 144 -12.36 10.41 16.42
N ALA N 145 -12.02 9.50 17.34
CA ALA N 145 -12.17 9.71 18.76
C ALA N 145 -10.83 9.47 19.43
N GLU N 146 -10.54 10.25 20.47
CA GLU N 146 -9.29 10.11 21.21
C GLU N 146 -9.46 9.10 22.34
N GLY N 147 -8.58 8.09 22.36
CA GLY N 147 -8.72 7.05 23.35
C GLY N 147 -7.46 6.21 23.43
N VAL N 148 -7.57 5.11 24.18
CA VAL N 148 -6.46 4.20 24.42
C VAL N 148 -6.93 2.77 24.21
N VAL N 149 -5.96 1.87 24.06
CA VAL N 149 -6.22 0.47 23.72
C VAL N 149 -5.71 -0.41 24.84
N ALA N 150 -6.51 -1.41 25.21
CA ALA N 150 -6.15 -2.38 26.23
C ALA N 150 -6.30 -3.79 25.69
N PHE N 151 -5.51 -4.71 26.24
CA PHE N 151 -5.54 -6.12 25.85
C PHE N 151 -6.01 -6.96 27.03
N LEU N 152 -6.91 -7.90 26.75
CA LEU N 152 -7.57 -8.67 27.78
C LEU N 152 -7.58 -10.16 27.43
N ILE N 153 -7.72 -10.98 28.46
CA ILE N 153 -7.99 -12.41 28.30
C ILE N 153 -9.39 -12.64 28.83
N LEU N 154 -10.35 -12.83 27.92
CA LEU N 154 -11.74 -12.97 28.33
C LEU N 154 -11.95 -14.30 29.03
N PRO N 155 -12.79 -14.33 30.08
CA PRO N 155 -13.07 -15.59 30.77
C PRO N 155 -13.83 -16.56 29.88
N GLN N 156 -13.64 -17.85 30.14
CA GLN N 156 -14.35 -18.90 29.43
C GLN N 156 -15.82 -18.94 29.86
N TYR N 181 -29.41 4.63 16.23
CA TYR N 181 -28.15 5.35 16.10
C TYR N 181 -28.31 6.60 15.24
N TYR N 182 -28.18 7.76 15.87
CA TYR N 182 -28.28 9.05 15.19
C TYR N 182 -27.12 9.93 15.61
N SER N 183 -26.54 10.63 14.63
CA SER N 183 -25.39 11.50 14.86
C SER N 183 -25.72 12.92 14.44
N THR N 184 -25.21 13.88 15.22
CA THR N 184 -25.41 15.30 14.95
C THR N 184 -24.07 15.93 14.63
N THR N 185 -24.02 16.72 13.55
CA THR N 185 -22.80 17.38 13.10
C THR N 185 -22.86 18.86 13.46
N ILE N 186 -21.77 19.36 14.04
CA ILE N 186 -21.66 20.76 14.45
C ILE N 186 -20.51 21.39 13.67
N ARG N 187 -20.78 22.56 13.09
CA ARG N 187 -19.80 23.24 12.24
C ARG N 187 -19.02 24.26 13.06
N TYR N 188 -17.70 24.25 12.89
CA TYR N 188 -16.82 25.22 13.55
C TYR N 188 -15.90 25.85 12.53
N GLN N 189 -15.67 27.15 12.69
CA GLN N 189 -14.75 27.91 11.84
C GLN N 189 -13.65 28.47 12.74
N ALA N 190 -12.43 27.94 12.59
CA ALA N 190 -11.31 28.30 13.45
C ALA N 190 -10.23 29.00 12.64
N THR N 191 -9.72 30.10 13.17
CA THR N 191 -8.60 30.82 12.59
C THR N 191 -7.42 30.77 13.55
N GLY N 192 -6.23 30.62 13.00
CA GLY N 192 -5.05 30.44 13.83
C GLY N 192 -5.06 29.13 14.60
N PHE N 193 -5.43 28.04 13.93
CA PHE N 193 -5.50 26.73 14.59
C PHE N 193 -4.13 26.29 15.07
N GLY N 194 -4.10 25.71 16.26
CA GLY N 194 -2.86 25.24 16.85
C GLY N 194 -2.06 26.27 17.62
N THR N 195 -2.61 27.45 17.86
CA THR N 195 -1.94 28.50 18.61
C THR N 195 -2.77 28.87 19.84
N ASN N 196 -2.34 29.92 20.52
CA ASN N 196 -3.05 30.45 21.69
C ASN N 196 -3.92 31.66 21.34
N GLU N 197 -4.08 31.97 20.06
CA GLU N 197 -4.94 33.06 19.63
C GLU N 197 -5.97 32.54 18.63
N THR N 198 -6.59 31.41 18.93
CA THR N 198 -7.51 30.75 18.03
C THR N 198 -8.94 31.20 18.34
N GLU N 199 -9.63 31.70 17.32
CA GLU N 199 -11.01 32.15 17.43
C GLU N 199 -11.92 31.18 16.70
N TYR N 200 -12.99 30.76 17.37
CA TYR N 200 -13.96 29.83 16.80
C TYR N 200 -15.25 30.57 16.48
N LEU N 201 -15.72 30.40 15.24
CA LEU N 201 -16.95 31.04 14.76
C LEU N 201 -16.89 32.56 14.92
N ALA O 2 -3.72 -6.35 41.72
CA ALA O 2 -4.70 -5.34 42.09
C ALA O 2 -4.50 -4.05 41.29
N ILE O 3 -5.58 -3.55 40.70
CA ILE O 3 -5.56 -2.34 39.90
C ILE O 3 -6.32 -1.25 40.64
N VAL O 4 -5.69 -0.10 40.83
CA VAL O 4 -6.28 1.04 41.51
C VAL O 4 -6.57 2.11 40.47
N ASN O 5 -7.83 2.52 40.37
CA ASN O 5 -8.23 3.53 39.39
C ASN O 5 -7.89 4.90 39.92
N ALA O 6 -6.93 5.57 39.26
CA ALA O 6 -6.49 6.91 39.65
C ALA O 6 -7.15 7.99 38.82
N GLN O 7 -8.07 7.65 37.94
CA GLN O 7 -8.73 8.65 37.11
C GLN O 7 -9.67 9.50 37.96
N PRO O 8 -9.80 10.79 37.67
CA PRO O 8 -10.73 11.63 38.46
C PRO O 8 -12.18 11.17 38.37
N LYS O 9 -12.60 10.64 37.23
CA LYS O 9 -13.97 10.20 37.03
C LYS O 9 -13.99 8.90 36.23
N CYS O 10 -14.82 7.96 36.67
CA CYS O 10 -15.00 6.69 35.98
C CYS O 10 -16.46 6.54 35.59
N ASN O 11 -16.70 6.12 34.34
CA ASN O 11 -18.05 5.87 33.87
C ASN O 11 -18.45 4.45 34.23
N PRO O 12 -19.47 4.25 35.07
CA PRO O 12 -19.84 2.88 35.47
C PRO O 12 -20.40 2.04 34.33
N ASN O 13 -20.91 2.66 33.27
CA ASN O 13 -21.53 1.94 32.17
C ASN O 13 -20.58 1.86 30.98
N LEU O 14 -20.71 0.79 30.21
CA LEU O 14 -19.87 0.56 29.04
C LEU O 14 -20.75 0.13 27.87
N HIS O 15 -21.03 1.08 26.97
CA HIS O 15 -21.74 0.80 25.73
C HIS O 15 -20.71 0.41 24.68
N TYR O 16 -20.69 -0.87 24.30
CA TYR O 16 -19.67 -1.40 23.42
C TYR O 16 -20.28 -1.86 22.11
N TRP O 17 -19.45 -1.82 21.06
CA TRP O 17 -19.80 -2.35 19.74
C TRP O 17 -18.72 -3.32 19.30
N THR O 18 -19.13 -4.45 18.74
CA THR O 18 -18.22 -5.48 18.26
C THR O 18 -18.69 -5.96 16.91
N THR O 19 -18.10 -7.06 16.44
CA THR O 19 -18.49 -7.68 15.18
C THR O 19 -19.02 -9.08 15.45
N GLN O 20 -19.94 -9.53 14.59
CA GLN O 20 -20.53 -10.85 14.75
C GLN O 20 -19.48 -11.93 14.57
N ASP O 21 -19.58 -12.97 15.39
CA ASP O 21 -18.67 -14.11 15.28
C ASP O 21 -18.97 -14.92 14.03
N GLU O 22 -17.94 -15.57 13.50
CA GLU O 22 -18.09 -16.39 12.31
C GLU O 22 -19.01 -17.59 12.55
N GLY O 23 -19.15 -18.04 13.79
CA GLY O 23 -20.02 -19.13 14.14
C GLY O 23 -21.44 -18.75 14.51
N ALA O 24 -21.80 -17.48 14.37
CA ALA O 24 -23.14 -17.02 14.71
C ALA O 24 -24.15 -17.46 13.67
N ALA O 25 -25.42 -17.38 14.03
CA ALA O 25 -26.50 -17.79 13.14
C ALA O 25 -26.73 -16.71 12.09
N ILE O 26 -26.59 -17.08 10.82
CA ILE O 26 -26.76 -16.17 9.70
C ILE O 26 -27.61 -16.85 8.63
N GLY O 27 -28.24 -16.03 7.79
CA GLY O 27 -29.02 -16.55 6.68
C GLY O 27 -28.35 -16.35 5.34
N LEU O 28 -28.88 -15.43 4.53
CA LEU O 28 -28.31 -15.11 3.24
C LEU O 28 -27.32 -13.95 3.29
N ALA O 29 -27.17 -13.30 4.45
CA ALA O 29 -26.37 -12.09 4.55
C ALA O 29 -24.87 -12.35 4.57
N TRP O 30 -24.43 -13.61 4.70
CA TRP O 30 -23.00 -13.87 4.67
C TRP O 30 -22.39 -13.65 3.29
N ILE O 31 -23.21 -13.60 2.25
CA ILE O 31 -22.73 -13.27 0.91
C ILE O 31 -22.48 -11.76 0.85
N PRO O 32 -21.27 -11.33 0.43
CA PRO O 32 -21.01 -9.89 0.35
C PRO O 32 -21.96 -9.14 -0.58
N TYR O 33 -22.45 -9.78 -1.64
CA TYR O 33 -23.37 -9.12 -2.55
C TYR O 33 -24.70 -8.81 -1.87
N PHE O 34 -25.19 -9.72 -1.03
CA PHE O 34 -26.45 -9.52 -0.31
C PHE O 34 -26.24 -9.07 1.13
N GLY O 35 -25.00 -8.92 1.56
CA GLY O 35 -24.72 -8.56 2.94
C GLY O 35 -24.96 -7.09 3.20
N PRO O 36 -24.92 -6.73 4.48
CA PRO O 36 -25.12 -5.32 4.87
C PRO O 36 -23.91 -4.47 4.51
N ALA O 37 -24.11 -3.16 4.59
CA ALA O 37 -23.04 -2.21 4.31
C ALA O 37 -22.02 -2.23 5.45
N ALA O 38 -20.99 -1.41 5.31
CA ALA O 38 -19.94 -1.36 6.32
C ALA O 38 -20.42 -0.86 7.68
N GLU O 39 -21.52 -0.11 7.71
CA GLU O 39 -22.07 0.42 8.95
C GLU O 39 -23.07 -0.53 9.62
N GLY O 40 -23.45 -1.62 8.96
CA GLY O 40 -24.43 -2.53 9.51
C GLY O 40 -23.86 -3.86 9.97
N ILE O 41 -22.56 -3.90 10.20
CA ILE O 41 -21.87 -5.13 10.60
C ILE O 41 -21.44 -5.09 12.06
N TYR O 42 -22.07 -4.24 12.87
CA TYR O 42 -21.69 -4.06 14.26
C TYR O 42 -22.80 -4.54 15.19
N THR O 43 -22.41 -5.25 16.24
CA THR O 43 -23.31 -5.70 17.29
C THR O 43 -23.10 -4.85 18.52
N GLU O 44 -24.18 -4.25 19.01
CA GLU O 44 -24.12 -3.35 20.16
C GLU O 44 -24.50 -4.11 21.44
N GLY O 45 -24.17 -3.48 22.57
CA GLY O 45 -24.48 -4.07 23.86
C GLY O 45 -24.16 -3.09 24.97
N LEU O 46 -24.66 -3.42 26.16
CA LEU O 46 -24.46 -2.61 27.35
C LEU O 46 -24.01 -3.51 28.50
N MET O 47 -23.01 -3.04 29.24
CA MET O 47 -22.46 -3.77 30.38
C MET O 47 -22.74 -2.96 31.65
N HIS O 48 -23.78 -3.33 32.38
CA HIS O 48 -24.12 -2.73 33.67
C HIS O 48 -23.64 -3.60 34.82
N ASN O 49 -22.50 -4.27 34.64
CA ASN O 49 -21.97 -5.19 35.63
C ASN O 49 -21.30 -4.40 36.76
N GLN O 50 -20.48 -5.08 37.55
CA GLN O 50 -19.80 -4.45 38.68
C GLN O 50 -18.99 -3.24 38.23
N ASP O 51 -19.10 -2.14 38.98
CA ASP O 51 -18.39 -0.92 38.63
C ASP O 51 -16.88 -1.09 38.74
N GLY O 52 -16.42 -1.98 39.62
CA GLY O 52 -14.99 -2.17 39.78
C GLY O 52 -14.32 -2.72 38.54
N LEU O 53 -15.00 -3.62 37.83
CA LEU O 53 -14.44 -4.18 36.61
C LEU O 53 -14.28 -3.11 35.53
N ILE O 54 -15.27 -2.23 35.39
CA ILE O 54 -15.21 -1.22 34.34
C ILE O 54 -14.15 -0.17 34.65
N CYS O 55 -14.10 0.30 35.90
CA CYS O 55 -13.09 1.29 36.26
C CYS O 55 -11.69 0.71 36.20
N GLY O 56 -11.52 -0.55 36.61
CA GLY O 56 -10.24 -1.20 36.46
C GLY O 56 -9.85 -1.39 35.01
N LEU O 57 -10.82 -1.63 34.13
CA LEU O 57 -10.53 -1.76 32.72
C LEU O 57 -10.02 -0.45 32.13
N ARG O 58 -10.62 0.68 32.54
CA ARG O 58 -10.17 1.97 32.05
C ARG O 58 -8.77 2.29 32.55
N GLN O 59 -8.48 1.94 33.81
CA GLN O 59 -7.14 2.19 34.35
C GLN O 59 -6.09 1.32 33.65
N LEU O 60 -6.46 0.08 33.31
CA LEU O 60 -5.51 -0.81 32.63
C LEU O 60 -5.12 -0.25 31.26
N ALA O 61 -6.08 0.30 30.53
CA ALA O 61 -5.78 0.90 29.23
C ALA O 61 -4.86 2.11 29.37
N ASN O 62 -4.98 2.84 30.48
CA ASN O 62 -4.10 3.98 30.72
C ASN O 62 -2.65 3.52 30.89
N GLU O 63 -2.44 2.43 31.62
CA GLU O 63 -1.08 1.94 31.86
C GLU O 63 -0.47 1.27 30.64
N THR O 64 -1.30 0.75 29.73
CA THR O 64 -0.78 0.06 28.56
C THR O 64 -0.24 1.03 27.51
N THR O 65 -0.58 2.32 27.61
CA THR O 65 -0.21 3.27 26.57
C THR O 65 1.29 3.42 26.44
N GLN O 66 2.00 3.51 27.57
CA GLN O 66 3.44 3.72 27.52
C GLN O 66 4.17 2.56 26.85
N ALA O 67 3.80 1.33 27.20
CA ALA O 67 4.45 0.17 26.60
C ALA O 67 4.07 0.02 25.13
N LEU O 68 2.81 0.30 24.80
CA LEU O 68 2.36 0.16 23.41
C LEU O 68 3.04 1.17 22.50
N GLN O 69 3.22 2.41 22.99
CA GLN O 69 3.86 3.44 22.17
C GLN O 69 5.30 3.06 21.85
N LEU O 70 6.04 2.53 22.83
CA LEU O 70 7.40 2.11 22.58
C LEU O 70 7.47 0.94 21.60
N PHE O 71 6.51 0.01 21.72
CA PHE O 71 6.48 -1.13 20.80
C PHE O 71 6.25 -0.68 19.36
N LEU O 72 5.33 0.27 19.16
CA LEU O 72 5.05 0.75 17.80
C LEU O 72 6.23 1.50 17.20
N ARG O 73 6.98 2.24 18.04
CA ARG O 73 8.13 2.97 17.53
C ARG O 73 9.22 2.02 17.04
N ALA O 74 9.42 0.91 17.75
CA ALA O 74 10.45 -0.06 17.35
C ALA O 74 10.10 -0.72 16.02
N THR O 75 8.83 -1.05 15.81
CA THR O 75 8.41 -1.71 14.58
C THR O 75 8.50 -0.76 13.40
N THR O 76 8.65 -1.34 12.21
CA THR O 76 8.74 -0.58 10.98
C THR O 76 7.52 -0.73 10.07
N GLU O 77 6.66 -1.71 10.33
CA GLU O 77 5.46 -1.88 9.52
C GLU O 77 4.45 -0.79 9.82
N LEU O 78 3.76 -0.34 8.76
CA LEU O 78 2.78 0.74 8.92
C LEU O 78 1.60 0.30 9.77
N ARG O 79 1.08 -0.90 9.55
CA ARG O 79 -0.06 -1.44 10.27
C ARG O 79 0.35 -2.73 10.97
N THR O 80 -0.07 -2.86 12.23
CA THR O 80 0.25 -4.02 13.05
C THR O 80 -1.03 -4.78 13.38
N PHE O 81 -1.04 -6.08 13.11
CA PHE O 81 -2.19 -6.93 13.38
C PHE O 81 -1.84 -8.18 14.18
N SER O 82 -0.59 -8.37 14.56
CA SER O 82 -0.14 -9.60 15.21
C SER O 82 0.20 -9.40 16.68
N ILE O 83 -0.37 -8.37 17.32
CA ILE O 83 -0.08 -8.13 18.73
C ILE O 83 -0.61 -9.27 19.59
N LEU O 84 -1.85 -9.72 19.31
CA LEU O 84 -2.43 -10.81 20.09
C LEU O 84 -1.77 -12.14 19.76
N ASN O 85 -1.36 -12.35 18.51
CA ASN O 85 -0.69 -13.59 18.15
C ASN O 85 0.63 -13.75 18.89
N ARG O 86 1.38 -12.65 19.03
CA ARG O 86 2.62 -12.71 19.80
C ARG O 86 2.36 -13.01 21.27
N LYS O 87 1.28 -12.45 21.82
CA LYS O 87 0.92 -12.73 23.21
C LYS O 87 0.62 -14.22 23.41
N ALA O 88 -0.09 -14.83 22.47
CA ALA O 88 -0.40 -16.25 22.58
C ALA O 88 0.87 -17.09 22.51
N ILE O 89 1.81 -16.72 21.64
CA ILE O 89 3.08 -17.45 21.54
C ILE O 89 3.88 -17.31 22.82
N ASP O 90 3.95 -16.08 23.37
CA ASP O 90 4.68 -15.86 24.61
C ASP O 90 4.03 -16.64 25.76
N PHE O 91 2.70 -16.66 25.82
CA PHE O 91 2.01 -17.42 26.85
C PHE O 91 2.29 -18.91 26.72
N LEU O 92 2.30 -19.42 25.49
CA LEU O 92 2.51 -20.85 25.29
C LEU O 92 3.96 -21.24 25.51
N LEU O 93 4.89 -20.38 25.10
CA LEU O 93 6.31 -20.65 25.35
C LEU O 93 6.62 -20.67 26.84
N GLN O 94 6.03 -19.74 27.60
CA GLN O 94 6.26 -19.70 29.04
C GLN O 94 5.68 -20.92 29.73
N ARG O 95 4.47 -21.33 29.33
CA ARG O 95 3.84 -22.49 29.96
C ARG O 95 4.61 -23.77 29.69
N TRP O 96 5.02 -23.99 28.44
CA TRP O 96 5.69 -25.23 28.04
C TRP O 96 4.85 -26.45 28.40
N GLY O 97 3.55 -26.38 28.14
CA GLY O 97 2.64 -27.47 28.44
C GLY O 97 1.37 -27.02 29.12
C1 NAG P . -21.78 -25.12 -2.94
C2 NAG P . -21.92 -23.72 -3.54
C3 NAG P . -23.39 -23.33 -3.65
C4 NAG P . -24.17 -24.40 -4.40
C5 NAG P . -23.93 -25.77 -3.75
C6 NAG P . -24.58 -26.90 -4.50
C7 NAG P . -20.35 -21.85 -3.28
C8 NAG P . -20.19 -21.90 -4.77
N2 NAG P . -21.19 -22.74 -2.75
O3 NAG P . -23.49 -22.07 -4.30
O4 NAG P . -25.57 -24.12 -4.38
O5 NAG P . -22.52 -26.04 -3.72
O6 NAG P . -24.83 -28.01 -3.65
O7 NAG P . -19.75 -21.02 -2.59
C1 NAG P . -25.96 -23.41 -5.57
C2 NAG P . -27.02 -24.20 -6.34
C3 NAG P . -27.50 -23.42 -7.55
C4 NAG P . -27.93 -22.01 -7.16
C5 NAG P . -26.83 -21.32 -6.35
C6 NAG P . -27.25 -19.97 -5.80
C7 NAG P . -27.28 -26.57 -6.94
C8 NAG P . -26.58 -27.82 -7.36
N2 NAG P . -26.50 -25.50 -6.74
O3 NAG P . -28.59 -24.10 -8.16
O4 NAG P . -28.17 -21.25 -8.33
O5 NAG P . -26.47 -22.13 -5.22
O6 NAG P . -28.46 -20.06 -5.08
O7 NAG P . -28.50 -26.53 -6.79
C1 BMA P . -29.53 -20.74 -8.38
C2 BMA P . -29.55 -19.67 -9.50
C3 BMA P . -30.97 -19.19 -9.77
C4 BMA P . -31.96 -20.37 -9.90
C5 BMA P . -31.82 -21.31 -8.69
C6 BMA P . -32.74 -22.52 -8.80
O2 BMA P . -29.05 -20.21 -10.71
O3 BMA P . -31.03 -18.40 -10.95
O4 BMA P . -33.28 -19.89 -9.98
O5 BMA P . -30.47 -21.77 -8.63
O6 BMA P . -32.38 -23.43 -7.77
C1 MAN P . -33.28 -24.56 -7.84
C2 MAN P . -33.17 -25.33 -6.48
C3 MAN P . -31.84 -26.07 -6.41
C4 MAN P . -31.63 -26.94 -7.64
C5 MAN P . -31.66 -26.04 -8.89
C6 MAN P . -31.48 -26.82 -10.18
O2 MAN P . -34.18 -26.33 -6.38
O3 MAN P . -31.76 -26.88 -5.23
O4 MAN P . -30.37 -27.59 -7.58
O5 MAN P . -32.95 -25.39 -8.95
O6 MAN P . -31.34 -25.88 -11.24
C1 MAN P . -30.69 -26.39 -4.40
C2 MAN P . -30.01 -27.63 -3.75
C3 MAN P . -30.93 -28.23 -2.67
C4 MAN P . -31.41 -27.15 -1.69
C5 MAN P . -32.12 -26.03 -2.47
C6 MAN P . -32.58 -24.90 -1.58
O2 MAN P . -28.81 -27.26 -3.06
O3 MAN P . -30.27 -29.28 -1.97
O4 MAN P . -32.32 -27.72 -0.77
O5 MAN P . -31.19 -25.48 -3.42
O6 MAN P . -31.44 -24.19 -1.14
C1 MAN P . -31.26 -17.02 -10.59
C2 MAN P . -31.71 -16.26 -11.88
C3 MAN P . -30.52 -16.05 -12.81
C4 MAN P . -29.34 -15.41 -12.06
C5 MAN P . -28.96 -16.30 -10.88
C6 MAN P . -27.82 -15.73 -10.06
O2 MAN P . -32.19 -14.95 -11.57
O3 MAN P . -30.88 -15.26 -13.94
O4 MAN P . -28.24 -15.27 -12.94
O5 MAN P . -30.10 -16.44 -10.01
O6 MAN P . -27.36 -16.74 -9.18
C1 NAG Q . 29.10 -16.38 0.64
C2 NAG Q . 28.58 -15.50 -0.49
C3 NAG Q . 29.09 -16.01 -1.83
C4 NAG Q . 30.61 -16.13 -1.81
C5 NAG Q . 31.04 -16.99 -0.62
C6 NAG Q . 32.54 -17.07 -0.46
C7 NAG Q . 26.42 -14.33 -0.57
C8 NAG Q . 27.22 -13.07 -0.69
N2 NAG Q . 27.11 -15.46 -0.49
O3 NAG Q . 28.67 -15.12 -2.86
O4 NAG Q . 31.09 -16.74 -3.00
O5 NAG Q . 30.52 -16.42 0.60
O6 NAG Q . 32.92 -18.25 0.22
O7 NAG Q . 25.19 -14.33 -0.57
C1 NAG Q . 31.47 -15.73 -3.97
C2 NAG Q . 32.95 -15.88 -4.33
C3 NAG Q . 33.33 -14.88 -5.41
C4 NAG Q . 32.38 -14.95 -6.59
C5 NAG Q . 30.94 -14.84 -6.13
C6 NAG Q . 29.93 -15.06 -7.23
C7 NAG Q . 35.00 -16.28 -3.04
C8 NAG Q . 35.73 -16.01 -1.77
N2 NAG Q . 33.79 -15.73 -3.16
O3 NAG Q . 34.67 -15.13 -5.84
O4 NAG Q . 32.65 -13.87 -7.47
O5 NAG Q . 30.67 -15.86 -5.14
O6 NAG Q . 30.19 -16.25 -7.95
O7 NAG Q . 35.49 -16.97 -3.93
C1 BMA Q . 33.01 -14.33 -8.80
C2 BMA Q . 32.91 -13.10 -9.72
C3 BMA Q . 33.46 -13.41 -11.13
C4 BMA Q . 34.81 -14.15 -11.06
C5 BMA Q . 34.71 -15.37 -10.12
C6 BMA Q . 36.02 -16.10 -9.98
O2 BMA Q . 33.69 -12.03 -9.22
O3 BMA Q . 33.61 -12.22 -11.89
O4 BMA Q . 35.18 -14.58 -12.35
O5 BMA Q . 34.31 -14.91 -8.82
O6 BMA Q . 35.89 -17.06 -8.95
C1 MAN Q . 37.12 -17.81 -8.85
C2 MAN Q . 36.81 -19.11 -8.05
C3 MAN Q . 36.60 -18.78 -6.57
C4 MAN Q . 37.78 -17.96 -6.03
C5 MAN Q . 37.91 -16.67 -6.86
C6 MAN Q . 39.06 -15.80 -6.42
O2 MAN Q . 37.92 -20.01 -8.08
O3 MAN Q . 36.44 -19.96 -5.79
O4 MAN Q . 37.56 -17.61 -4.68
O5 MAN Q . 38.14 -17.03 -8.24
O6 MAN Q . 38.98 -14.55 -7.11
C1 MAN Q . 35.12 -19.94 -5.19
C2 MAN Q . 35.25 -20.54 -3.77
C3 MAN Q . 35.49 -22.04 -3.84
C4 MAN Q . 34.45 -22.72 -4.74
C5 MAN Q . 34.48 -22.08 -6.13
C6 MAN Q . 33.44 -22.66 -7.07
O2 MAN Q . 34.05 -20.37 -3.02
O3 MAN Q . 35.48 -22.64 -2.55
O4 MAN Q . 34.74 -24.10 -4.86
O5 MAN Q . 34.21 -20.67 -6.00
O6 MAN Q . 32.15 -22.23 -6.64
C1 MAN Q . 32.59 -12.19 -12.92
C2 MAN Q . 33.03 -11.12 -13.97
C3 MAN Q . 32.84 -9.71 -13.40
C4 MAN Q . 31.42 -9.54 -12.85
C5 MAN Q . 31.15 -10.60 -11.79
C6 MAN Q . 29.75 -10.52 -11.21
O2 MAN Q . 32.21 -11.18 -15.13
O3 MAN Q . 33.13 -8.71 -14.37
O4 MAN Q . 31.28 -8.25 -12.28
O5 MAN Q . 31.31 -11.91 -12.38
O6 MAN Q . 29.69 -11.35 -10.06
C1 NAG R . -3.65 8.39 32.14
C2 NAG R . -3.37 9.35 30.98
C3 NAG R . -2.52 10.53 31.45
C4 NAG R . -3.19 11.21 32.64
C5 NAG R . -3.47 10.17 33.73
C6 NAG R . -4.23 10.74 34.91
C7 NAG R . -3.08 8.73 28.61
C8 NAG R . -4.28 9.61 28.34
N2 NAG R . -2.69 8.65 29.88
O3 NAG R . -2.37 11.45 30.37
O4 NAG R . -2.35 12.22 33.19
O5 NAG R . -4.28 9.11 33.20
O6 NAG R . -4.09 9.92 36.07
O7 NAG R . -2.50 8.14 27.71
C1 NAG R . -2.68 13.51 32.62
C2 NAG R . -3.10 14.48 33.73
C3 NAG R . -3.37 15.86 33.16
C4 NAG R . -2.18 16.35 32.32
C5 NAG R . -1.80 15.29 31.29
C6 NAG R . -0.54 15.64 30.53
C7 NAG R . -4.59 14.28 35.68
C8 NAG R . -5.84 13.69 36.23
N2 NAG R . -4.29 13.97 34.42
O3 NAG R . -3.61 16.77 34.22
O4 NAG R . -2.55 17.53 31.65
O5 NAG R . -1.54 14.04 31.94
O6 NAG R . 0.55 15.92 31.40
O7 NAG R . -3.87 15.02 36.36
C1 BMA R . -1.67 18.63 31.99
C2 BMA R . -1.93 19.74 30.95
C3 BMA R . -1.21 21.04 31.33
C4 BMA R . -1.41 21.39 32.80
C5 BMA R . -1.08 20.20 33.69
C6 BMA R . -1.31 20.48 35.16
O2 BMA R . -3.32 20.05 30.88
O3 BMA R . -1.65 22.12 30.50
O4 BMA R . -0.59 22.50 33.14
O5 BMA R . -1.92 19.10 33.31
O6 BMA R . -1.20 19.26 35.88
C1 MAN R . -1.36 19.52 37.28
C2 MAN R . -0.80 18.30 38.06
C3 MAN R . -1.75 17.11 37.94
C4 MAN R . -3.17 17.52 38.32
C5 MAN R . -3.62 18.68 37.41
C6 MAN R . -5.02 19.16 37.73
O2 MAN R . -0.71 18.58 39.47
O3 MAN R . -1.32 16.02 38.74
O4 MAN R . -4.06 16.42 38.15
O5 MAN R . -2.72 19.78 37.60
O6 MAN R . -5.40 20.09 36.72
C1 MAN R . -1.00 14.90 37.88
C2 MAN R . -1.45 13.61 38.60
C3 MAN R . -0.53 13.30 39.78
C4 MAN R . 0.95 13.32 39.34
C5 MAN R . 1.27 14.68 38.70
C6 MAN R . 2.69 14.78 38.19
O2 MAN R . -1.37 12.48 37.74
O3 MAN R . -0.84 12.05 40.37
O4 MAN R . 1.78 13.12 40.46
O5 MAN R . 0.39 14.89 37.57
O6 MAN R . 2.81 13.93 37.05
C1 MAN R . -0.60 22.47 29.58
C2 MAN R . -0.93 23.87 29.00
C3 MAN R . -2.09 23.78 28.01
C4 MAN R . -1.83 22.70 26.96
C5 MAN R . -1.59 21.36 27.66
C6 MAN R . -1.27 20.24 26.69
O2 MAN R . 0.16 24.41 28.25
O3 MAN R . -2.36 25.03 27.39
O4 MAN R . -2.94 22.60 26.09
O5 MAN R . -0.46 21.50 28.55
O6 MAN R . -1.35 19.01 27.40
C1 NAG S . -35.31 -7.21 -17.69
C2 NAG S . -36.53 -7.64 -18.50
C3 NAG S . -37.67 -6.63 -18.33
C4 NAG S . -37.96 -6.39 -16.86
C5 NAG S . -36.68 -6.00 -16.13
C6 NAG S . -36.87 -5.88 -14.63
C7 NAG S . -35.92 -9.01 -20.43
C8 NAG S . -35.58 -9.02 -21.89
N2 NAG S . -36.18 -7.81 -19.90
O3 NAG S . -38.84 -7.12 -18.98
O4 NAG S . -38.92 -5.35 -16.73
O5 NAG S . -35.68 -7.01 -16.33
O6 NAG S . -37.39 -7.08 -14.09
O7 NAG S . -35.97 -10.04 -19.77
C1 NAG T . 32.64 -4.99 -23.65
C2 NAG T . 34.05 -4.82 -24.22
C3 NAG T . 34.05 -5.07 -25.72
C4 NAG T . 33.41 -6.42 -26.05
C5 NAG T . 32.03 -6.50 -25.42
C6 NAG T . 31.38 -7.85 -25.61
C7 NAG T . 35.43 -3.27 -22.91
C8 NAG T . 35.90 -1.85 -22.75
N2 NAG T . 34.59 -3.50 -23.92
O3 NAG T . 35.39 -5.04 -26.20
O4 NAG T . 33.31 -6.57 -27.46
O5 NAG T . 32.12 -6.28 -24.01
O6 NAG T . 30.07 -7.88 -25.04
O7 NAG T . 35.82 -4.17 -22.17
C1 NAG U . 0.81 33.27 22.97
C2 NAG U . 0.47 34.51 23.81
C3 NAG U . 1.58 35.55 23.70
C4 NAG U . 2.92 34.92 24.04
C5 NAG U . 3.16 33.69 23.18
C6 NAG U . 4.43 32.94 23.55
C7 NAG U . -1.96 34.80 24.01
C8 NAG U . -3.18 35.47 23.46
N2 NAG U . -0.80 35.08 23.39
O3 NAG U . 1.31 36.63 24.59
O4 NAG U . 3.97 35.86 23.81
O5 NAG U . 2.08 32.75 23.37
O6 NAG U . 4.42 32.56 24.91
O7 NAG U . -2.01 34.06 24.99
#